data_9KLA
# 
_entry.id   9KLA 
# 
_audit_conform.dict_name       mmcif_pdbx.dic 
_audit_conform.dict_version    5.406 
_audit_conform.dict_location   http://mmcif.pdb.org/dictionaries/ascii/mmcif_pdbx.dic 
# 
loop_
_database_2.database_id 
_database_2.database_code 
_database_2.pdbx_database_accession 
_database_2.pdbx_DOI 
PDB   9KLA         pdb_00009kla 10.2210/pdb9kla/pdb 
WWPDB D_1300053671 ?            ?                   
# 
_pdbx_audit_revision_history.ordinal             1 
_pdbx_audit_revision_history.data_content_type   'Structure model' 
_pdbx_audit_revision_history.major_revision      1 
_pdbx_audit_revision_history.minor_revision      0 
_pdbx_audit_revision_history.revision_date       2025-11-05 
_pdbx_audit_revision_history.part_number         ? 
# 
_pdbx_audit_revision_details.ordinal             1 
_pdbx_audit_revision_details.revision_ordinal    1 
_pdbx_audit_revision_details.data_content_type   'Structure model' 
_pdbx_audit_revision_details.provider            repository 
_pdbx_audit_revision_details.type                'Initial release' 
_pdbx_audit_revision_details.description         ? 
_pdbx_audit_revision_details.details             ? 
# 
_pdbx_database_status.status_code                     REL 
_pdbx_database_status.status_code_sf                  REL 
_pdbx_database_status.status_code_mr                  ? 
_pdbx_database_status.entry_id                        9KLA 
_pdbx_database_status.recvd_initial_deposition_date   2024-11-14 
_pdbx_database_status.SG_entry                        N 
_pdbx_database_status.deposit_site                    PDBJ 
_pdbx_database_status.process_site                    PDBC 
_pdbx_database_status.status_code_cs                  ? 
_pdbx_database_status.status_code_nmr_data            ? 
_pdbx_database_status.methods_development_category    ? 
_pdbx_database_status.pdb_format_compatible           N 
# 
_pdbx_contact_author.id                 3 
_pdbx_contact_author.email              xu_yong@gibh.ac.cn 
_pdbx_contact_author.name_first         Yong 
_pdbx_contact_author.name_last          Xu 
_pdbx_contact_author.name_mi            ? 
_pdbx_contact_author.role               'principal investigator/group leader' 
_pdbx_contact_author.identifier_ORCID   0000-0003-3601-0246 
# 
loop_
_audit_author.name 
_audit_author.pdbx_ordinal 
_audit_author.identifier_ORCID 
'Chen, Z.'  1 ? 
'Zhang, C.' 2 ? 
'Xu, H.'    3 ? 
'Wu, X.'    4 ? 
'Zhang, Y.' 5 ? 
'Xu, Y.'    6 ? 
# 
_citation.abstract                  ? 
_citation.abstract_id_CAS           ? 
_citation.book_id_ISBN              ? 
_citation.book_publisher            ? 
_citation.book_publisher_city       ? 
_citation.book_title                ? 
_citation.coordinate_linkage        ? 
_citation.country                   NE 
_citation.database_id_Medline       ? 
_citation.details                   ? 
_citation.id                        primary 
_citation.journal_abbrev            'Acta Pharm Sin B' 
_citation.journal_id_ASTM           ? 
_citation.journal_id_CSD            ? 
_citation.journal_id_ISSN           2211-3843 
_citation.journal_full              ? 
_citation.journal_issue             ? 
_citation.journal_volume            ? 
_citation.language                  ? 
_citation.page_first                ? 
_citation.page_last                 ? 
_citation.title                     
'Key imidazolyl groups that induce phenylalanine flipping enhance the efficacy of oral BRD9 inhibitors for AML treatment' 
_citation.year                      2025 
_citation.database_id_CSD           ? 
_citation.pdbx_database_id_DOI      10.1016/j.apsb.2025.08.006 
_citation.pdbx_database_id_PubMed   ? 
_citation.pdbx_database_id_patent   ? 
_citation.unpublished_flag          ? 
# 
loop_
_citation_author.citation_id 
_citation_author.name 
_citation_author.ordinal 
_citation_author.identifier_ORCID 
primary 'Chen, Z.'  1  ? 
primary 'Zhang, C.' 2  ? 
primary 'Shen, H.'  3  ? 
primary 'Xu, H.'    4  ? 
primary 'Huang, Y.' 5  ? 
primary 'Dong, R.'  6  ? 
primary 'Tang, X.'  7  ? 
primary 'Chai, S.'  8  ? 
primary 'Li, J.'    9  ? 
primary 'Xu, J.'    10 ? 
primary 'Zhang, X.' 11 ? 
primary 'Zhang, Y.' 12 ? 
primary 'Wu, X.'    13 ? 
primary 'Xu, Y.'    14 ? 
# 
loop_
_entity.id 
_entity.type 
_entity.src_method 
_entity.pdbx_description 
_entity.formula_weight 
_entity.pdbx_number_of_molecules 
_entity.pdbx_ec 
_entity.pdbx_mutation 
_entity.pdbx_fragment 
_entity.details 
1 polymer     man 'Bromodomain-containing protein 9'                  17433.268 1   ? ? ? ? 
2 non-polymer syn '1-[1-(3,5-dimethoxyphenyl)indolizin-3-yl]ethanone' 295.332   2   ? ? ? ? 
3 non-polymer syn GLYCEROL                                            92.094    1   ? ? ? ? 
4 non-polymer syn D-MALATE                                            134.087   1   ? ? ? ? 
5 water       nat water                                               18.015    118 ? ? ? ? 
# 
_entity_name_com.entity_id   1 
_entity_name_com.name        'Rhabdomyosarcoma antigen MU-RMS-40.8' 
# 
_entity_poly.entity_id                      1 
_entity_poly.type                           'polypeptide(L)' 
_entity_poly.nstd_linkage                   no 
_entity_poly.nstd_monomer                   no 
_entity_poly.pdbx_seq_one_letter_code       
;MKKGHHHHHHENLYFQGGSLKLSAENESTPIQQLLEHFLRQLQRKDPHGFFAFPVTDAIAPGYSMIIKHPMDFGTMKDKI
VANEYKSVTEFKADFKLMCDNAMTYNRPDTVYYKLAKKILHAGFKMMSKERLLALKRSMSFMQDMDFSQ
;
_entity_poly.pdbx_seq_one_letter_code_can   
;MKKGHHHHHHENLYFQGGSLKLSAENESTPIQQLLEHFLRQLQRKDPHGFFAFPVTDAIAPGYSMIIKHPMDFGTMKDKI
VANEYKSVTEFKADFKLMCDNAMTYNRPDTVYYKLAKKILHAGFKMMSKERLLALKRSMSFMQDMDFSQ
;
_entity_poly.pdbx_strand_id                 A 
_entity_poly.pdbx_target_identifier         ? 
# 
loop_
_pdbx_entity_nonpoly.entity_id 
_pdbx_entity_nonpoly.name 
_pdbx_entity_nonpoly.comp_id 
2 '1-[1-(3,5-dimethoxyphenyl)indolizin-3-yl]ethanone' A1EF0 
3 GLYCEROL                                            GOL   
4 D-MALATE                                            MLT   
5 water                                               HOH   
# 
loop_
_entity_poly_seq.entity_id 
_entity_poly_seq.num 
_entity_poly_seq.mon_id 
_entity_poly_seq.hetero 
1 1   MET n 
1 2   LYS n 
1 3   LYS n 
1 4   GLY n 
1 5   HIS n 
1 6   HIS n 
1 7   HIS n 
1 8   HIS n 
1 9   HIS n 
1 10  HIS n 
1 11  GLU n 
1 12  ASN n 
1 13  LEU n 
1 14  TYR n 
1 15  PHE n 
1 16  GLN n 
1 17  GLY n 
1 18  GLY n 
1 19  SER n 
1 20  LEU n 
1 21  LYS n 
1 22  LEU n 
1 23  SER n 
1 24  ALA n 
1 25  GLU n 
1 26  ASN n 
1 27  GLU n 
1 28  SER n 
1 29  THR n 
1 30  PRO n 
1 31  ILE n 
1 32  GLN n 
1 33  GLN n 
1 34  LEU n 
1 35  LEU n 
1 36  GLU n 
1 37  HIS n 
1 38  PHE n 
1 39  LEU n 
1 40  ARG n 
1 41  GLN n 
1 42  LEU n 
1 43  GLN n 
1 44  ARG n 
1 45  LYS n 
1 46  ASP n 
1 47  PRO n 
1 48  HIS n 
1 49  GLY n 
1 50  PHE n 
1 51  PHE n 
1 52  ALA n 
1 53  PHE n 
1 54  PRO n 
1 55  VAL n 
1 56  THR n 
1 57  ASP n 
1 58  ALA n 
1 59  ILE n 
1 60  ALA n 
1 61  PRO n 
1 62  GLY n 
1 63  TYR n 
1 64  SER n 
1 65  MET n 
1 66  ILE n 
1 67  ILE n 
1 68  LYS n 
1 69  HIS n 
1 70  PRO n 
1 71  MET n 
1 72  ASP n 
1 73  PHE n 
1 74  GLY n 
1 75  THR n 
1 76  MET n 
1 77  LYS n 
1 78  ASP n 
1 79  LYS n 
1 80  ILE n 
1 81  VAL n 
1 82  ALA n 
1 83  ASN n 
1 84  GLU n 
1 85  TYR n 
1 86  LYS n 
1 87  SER n 
1 88  VAL n 
1 89  THR n 
1 90  GLU n 
1 91  PHE n 
1 92  LYS n 
1 93  ALA n 
1 94  ASP n 
1 95  PHE n 
1 96  LYS n 
1 97  LEU n 
1 98  MET n 
1 99  CYS n 
1 100 ASP n 
1 101 ASN n 
1 102 ALA n 
1 103 MET n 
1 104 THR n 
1 105 TYR n 
1 106 ASN n 
1 107 ARG n 
1 108 PRO n 
1 109 ASP n 
1 110 THR n 
1 111 VAL n 
1 112 TYR n 
1 113 TYR n 
1 114 LYS n 
1 115 LEU n 
1 116 ALA n 
1 117 LYS n 
1 118 LYS n 
1 119 ILE n 
1 120 LEU n 
1 121 HIS n 
1 122 ALA n 
1 123 GLY n 
1 124 PHE n 
1 125 LYS n 
1 126 MET n 
1 127 MET n 
1 128 SER n 
1 129 LYS n 
1 130 GLU n 
1 131 ARG n 
1 132 LEU n 
1 133 LEU n 
1 134 ALA n 
1 135 LEU n 
1 136 LYS n 
1 137 ARG n 
1 138 SER n 
1 139 MET n 
1 140 SER n 
1 141 PHE n 
1 142 MET n 
1 143 GLN n 
1 144 ASP n 
1 145 MET n 
1 146 ASP n 
1 147 PHE n 
1 148 SER n 
1 149 GLN n 
# 
_entity_src_gen.entity_id                          1 
_entity_src_gen.pdbx_src_id                        1 
_entity_src_gen.pdbx_alt_source_flag               sample 
_entity_src_gen.pdbx_seq_type                      'Biological sequence' 
_entity_src_gen.pdbx_beg_seq_num                   1 
_entity_src_gen.pdbx_end_seq_num                   149 
_entity_src_gen.gene_src_common_name               human 
_entity_src_gen.gene_src_genus                     ? 
_entity_src_gen.pdbx_gene_src_gene                 'BRD9, UNQ3040/PRO9856' 
_entity_src_gen.gene_src_species                   ? 
_entity_src_gen.gene_src_strain                    ? 
_entity_src_gen.gene_src_tissue                    ? 
_entity_src_gen.gene_src_tissue_fraction           ? 
_entity_src_gen.gene_src_details                   ? 
_entity_src_gen.pdbx_gene_src_fragment             ? 
_entity_src_gen.pdbx_gene_src_scientific_name      'Homo sapiens' 
_entity_src_gen.pdbx_gene_src_ncbi_taxonomy_id     9606 
_entity_src_gen.pdbx_gene_src_variant              ? 
_entity_src_gen.pdbx_gene_src_cell_line            ? 
_entity_src_gen.pdbx_gene_src_atcc                 ? 
_entity_src_gen.pdbx_gene_src_organ                ? 
_entity_src_gen.pdbx_gene_src_organelle            ? 
_entity_src_gen.pdbx_gene_src_cell                 ? 
_entity_src_gen.pdbx_gene_src_cellular_location    ? 
_entity_src_gen.host_org_common_name               ? 
_entity_src_gen.pdbx_host_org_scientific_name      'Escherichia coli' 
_entity_src_gen.pdbx_host_org_ncbi_taxonomy_id     562 
_entity_src_gen.host_org_genus                     ? 
_entity_src_gen.pdbx_host_org_gene                 ? 
_entity_src_gen.pdbx_host_org_organ                ? 
_entity_src_gen.host_org_species                   ? 
_entity_src_gen.pdbx_host_org_tissue               ? 
_entity_src_gen.pdbx_host_org_tissue_fraction      ? 
_entity_src_gen.pdbx_host_org_strain               ? 
_entity_src_gen.pdbx_host_org_variant              ? 
_entity_src_gen.pdbx_host_org_cell_line            ? 
_entity_src_gen.pdbx_host_org_atcc                 ? 
_entity_src_gen.pdbx_host_org_culture_collection   ? 
_entity_src_gen.pdbx_host_org_cell                 ? 
_entity_src_gen.pdbx_host_org_organelle            ? 
_entity_src_gen.pdbx_host_org_cellular_location    ? 
_entity_src_gen.pdbx_host_org_vector_type          ? 
_entity_src_gen.pdbx_host_org_vector               ? 
_entity_src_gen.host_org_details                   ? 
_entity_src_gen.expression_system_id               ? 
_entity_src_gen.plasmid_name                       ? 
_entity_src_gen.plasmid_details                    ? 
_entity_src_gen.pdbx_description                   ? 
# 
loop_
_chem_comp.id 
_chem_comp.type 
_chem_comp.mon_nstd_flag 
_chem_comp.name 
_chem_comp.pdbx_synonyms 
_chem_comp.formula 
_chem_comp.formula_weight 
A1EF0 non-polymer         . '1-[1-(3,5-dimethoxyphenyl)indolizin-3-yl]ethanone' ? 'C18 H17 N O3'   295.332 
ALA   'L-peptide linking' y ALANINE                                             ? 'C3 H7 N O2'     89.093  
ARG   'L-peptide linking' y ARGININE                                            ? 'C6 H15 N4 O2 1' 175.209 
ASN   'L-peptide linking' y ASPARAGINE                                          ? 'C4 H8 N2 O3'    132.118 
ASP   'L-peptide linking' y 'ASPARTIC ACID'                                     ? 'C4 H7 N O4'     133.103 
CYS   'L-peptide linking' y CYSTEINE                                            ? 'C3 H7 N O2 S'   121.158 
GLN   'L-peptide linking' y GLUTAMINE                                           ? 'C5 H10 N2 O3'   146.144 
GLU   'L-peptide linking' y 'GLUTAMIC ACID'                                     ? 'C5 H9 N O4'     147.129 
GLY   'peptide linking'   y GLYCINE                                             ? 'C2 H5 N O2'     75.067  
GOL   non-polymer         . GLYCEROL                                            'GLYCERIN; PROPANE-1,2,3-TRIOL' 'C3 H8 O3'       
92.094  
HIS   'L-peptide linking' y HISTIDINE                                           ? 'C6 H10 N3 O2 1' 156.162 
HOH   non-polymer         . WATER                                               ? 'H2 O'           18.015  
ILE   'L-peptide linking' y ISOLEUCINE                                          ? 'C6 H13 N O2'    131.173 
LEU   'L-peptide linking' y LEUCINE                                             ? 'C6 H13 N O2'    131.173 
LYS   'L-peptide linking' y LYSINE                                              ? 'C6 H15 N2 O2 1' 147.195 
MET   'L-peptide linking' y METHIONINE                                          ? 'C5 H11 N O2 S'  149.211 
MLT   non-polymer         . D-MALATE                                            
'(2R)-2-HYDROXYBUTANEDIOIC ACID; 2-HYDROXY-SUCCINIC ACID' 'C4 H6 O5'       134.087 
PHE   'L-peptide linking' y PHENYLALANINE                                       ? 'C9 H11 N O2'    165.189 
PRO   'L-peptide linking' y PROLINE                                             ? 'C5 H9 N O2'     115.130 
SER   'L-peptide linking' y SERINE                                              ? 'C3 H7 N O3'     105.093 
THR   'L-peptide linking' y THREONINE                                           ? 'C4 H9 N O3'     119.119 
TYR   'L-peptide linking' y TYROSINE                                            ? 'C9 H11 N O3'    181.189 
VAL   'L-peptide linking' y VALINE                                              ? 'C5 H11 N O2'    117.146 
# 
loop_
_pdbx_poly_seq_scheme.asym_id 
_pdbx_poly_seq_scheme.entity_id 
_pdbx_poly_seq_scheme.seq_id 
_pdbx_poly_seq_scheme.mon_id 
_pdbx_poly_seq_scheme.ndb_seq_num 
_pdbx_poly_seq_scheme.pdb_seq_num 
_pdbx_poly_seq_scheme.auth_seq_num 
_pdbx_poly_seq_scheme.pdb_mon_id 
_pdbx_poly_seq_scheme.auth_mon_id 
_pdbx_poly_seq_scheme.pdb_strand_id 
_pdbx_poly_seq_scheme.pdb_ins_code 
_pdbx_poly_seq_scheme.hetero 
A 1 1   MET 1   111 ?   ?   ?   A . n 
A 1 2   LYS 2   112 ?   ?   ?   A . n 
A 1 3   LYS 3   113 ?   ?   ?   A . n 
A 1 4   GLY 4   114 ?   ?   ?   A . n 
A 1 5   HIS 5   115 ?   ?   ?   A . n 
A 1 6   HIS 6   116 ?   ?   ?   A . n 
A 1 7   HIS 7   117 ?   ?   ?   A . n 
A 1 8   HIS 8   118 ?   ?   ?   A . n 
A 1 9   HIS 9   119 ?   ?   ?   A . n 
A 1 10  HIS 10  120 ?   ?   ?   A . n 
A 1 11  GLU 11  121 ?   ?   ?   A . n 
A 1 12  ASN 12  122 122 ASN ASN A . n 
A 1 13  LEU 13  123 123 LEU LEU A . n 
A 1 14  TYR 14  124 124 TYR TYR A . n 
A 1 15  PHE 15  125 125 PHE PHE A . n 
A 1 16  GLN 16  126 126 GLN GLN A . n 
A 1 17  GLY 17  127 127 GLY GLY A . n 
A 1 18  GLY 18  128 128 GLY GLY A . n 
A 1 19  SER 19  129 129 SER SER A . n 
A 1 20  LEU 20  130 130 LEU LEU A . n 
A 1 21  LYS 21  131 131 LYS LYS A . n 
A 1 22  LEU 22  132 132 LEU LEU A . n 
A 1 23  SER 23  133 ?   ?   ?   A . n 
A 1 24  ALA 24  134 ?   ?   ?   A . n 
A 1 25  GLU 25  135 ?   ?   ?   A . n 
A 1 26  ASN 26  136 ?   ?   ?   A . n 
A 1 27  GLU 27  137 ?   ?   ?   A . n 
A 1 28  SER 28  138 138 SER SER A . n 
A 1 29  THR 29  139 139 THR THR A . n 
A 1 30  PRO 30  140 140 PRO PRO A . n 
A 1 31  ILE 31  141 141 ILE ILE A . n 
A 1 32  GLN 32  142 142 GLN GLN A . n 
A 1 33  GLN 33  143 143 GLN GLN A . n 
A 1 34  LEU 34  144 144 LEU LEU A . n 
A 1 35  LEU 35  145 145 LEU LEU A . n 
A 1 36  GLU 36  146 146 GLU GLU A . n 
A 1 37  HIS 37  147 147 HIS HIS A . n 
A 1 38  PHE 38  148 148 PHE PHE A . n 
A 1 39  LEU 39  149 149 LEU LEU A . n 
A 1 40  ARG 40  150 150 ARG ARG A . n 
A 1 41  GLN 41  151 151 GLN GLN A . n 
A 1 42  LEU 42  152 152 LEU LEU A . n 
A 1 43  GLN 43  153 153 GLN GLN A . n 
A 1 44  ARG 44  154 154 ARG ARG A . n 
A 1 45  LYS 45  155 155 LYS LYS A . n 
A 1 46  ASP 46  156 156 ASP ASP A . n 
A 1 47  PRO 47  157 157 PRO PRO A . n 
A 1 48  HIS 48  158 158 HIS HIS A . n 
A 1 49  GLY 49  159 159 GLY GLY A . n 
A 1 50  PHE 50  160 160 PHE PHE A . n 
A 1 51  PHE 51  161 161 PHE PHE A . n 
A 1 52  ALA 52  162 162 ALA ALA A . n 
A 1 53  PHE 53  163 163 PHE PHE A . n 
A 1 54  PRO 54  164 164 PRO PRO A . n 
A 1 55  VAL 55  165 165 VAL VAL A . n 
A 1 56  THR 56  166 166 THR THR A . n 
A 1 57  ASP 57  167 167 ASP ASP A . n 
A 1 58  ALA 58  168 168 ALA ALA A . n 
A 1 59  ILE 59  169 169 ILE ILE A . n 
A 1 60  ALA 60  170 170 ALA ALA A . n 
A 1 61  PRO 61  171 171 PRO PRO A . n 
A 1 62  GLY 62  172 172 GLY GLY A . n 
A 1 63  TYR 63  173 173 TYR TYR A . n 
A 1 64  SER 64  174 174 SER SER A . n 
A 1 65  MET 65  175 175 MET MET A . n 
A 1 66  ILE 66  176 176 ILE ILE A . n 
A 1 67  ILE 67  177 177 ILE ILE A . n 
A 1 68  LYS 68  178 178 LYS LYS A . n 
A 1 69  HIS 69  179 179 HIS HIS A . n 
A 1 70  PRO 70  180 180 PRO PRO A . n 
A 1 71  MET 71  181 181 MET MET A . n 
A 1 72  ASP 72  182 182 ASP ASP A . n 
A 1 73  PHE 73  183 183 PHE PHE A . n 
A 1 74  GLY 74  184 184 GLY GLY A . n 
A 1 75  THR 75  185 185 THR THR A . n 
A 1 76  MET 76  186 186 MET MET A . n 
A 1 77  LYS 77  187 187 LYS LYS A . n 
A 1 78  ASP 78  188 188 ASP ASP A . n 
A 1 79  LYS 79  189 189 LYS LYS A . n 
A 1 80  ILE 80  190 190 ILE ILE A . n 
A 1 81  VAL 81  191 191 VAL VAL A . n 
A 1 82  ALA 82  192 192 ALA ALA A . n 
A 1 83  ASN 83  193 193 ASN ASN A . n 
A 1 84  GLU 84  194 194 GLU GLU A . n 
A 1 85  TYR 85  195 195 TYR TYR A . n 
A 1 86  LYS 86  196 196 LYS LYS A . n 
A 1 87  SER 87  197 197 SER SER A . n 
A 1 88  VAL 88  198 198 VAL VAL A . n 
A 1 89  THR 89  199 199 THR THR A . n 
A 1 90  GLU 90  200 200 GLU GLU A . n 
A 1 91  PHE 91  201 201 PHE PHE A . n 
A 1 92  LYS 92  202 202 LYS LYS A . n 
A 1 93  ALA 93  203 203 ALA ALA A . n 
A 1 94  ASP 94  204 204 ASP ASP A . n 
A 1 95  PHE 95  205 205 PHE PHE A . n 
A 1 96  LYS 96  206 206 LYS LYS A . n 
A 1 97  LEU 97  207 207 LEU LEU A . n 
A 1 98  MET 98  208 208 MET MET A . n 
A 1 99  CYS 99  209 209 CYS CYS A . n 
A 1 100 ASP 100 210 210 ASP ASP A . n 
A 1 101 ASN 101 211 211 ASN ASN A . n 
A 1 102 ALA 102 212 212 ALA ALA A . n 
A 1 103 MET 103 213 213 MET MET A . n 
A 1 104 THR 104 214 214 THR THR A . n 
A 1 105 TYR 105 215 215 TYR TYR A . n 
A 1 106 ASN 106 216 216 ASN ASN A . n 
A 1 107 ARG 107 217 217 ARG ARG A . n 
A 1 108 PRO 108 218 218 PRO PRO A . n 
A 1 109 ASP 109 219 219 ASP ASP A . n 
A 1 110 THR 110 220 220 THR THR A . n 
A 1 111 VAL 111 221 221 VAL VAL A . n 
A 1 112 TYR 112 222 222 TYR TYR A . n 
A 1 113 TYR 113 223 223 TYR TYR A . n 
A 1 114 LYS 114 224 224 LYS LYS A . n 
A 1 115 LEU 115 225 225 LEU LEU A . n 
A 1 116 ALA 116 226 226 ALA ALA A . n 
A 1 117 LYS 117 227 227 LYS LYS A . n 
A 1 118 LYS 118 228 228 LYS LYS A . n 
A 1 119 ILE 119 229 229 ILE ILE A . n 
A 1 120 LEU 120 230 230 LEU LEU A . n 
A 1 121 HIS 121 231 231 HIS HIS A . n 
A 1 122 ALA 122 232 232 ALA ALA A . n 
A 1 123 GLY 123 233 233 GLY GLY A . n 
A 1 124 PHE 124 234 234 PHE PHE A . n 
A 1 125 LYS 125 235 235 LYS LYS A . n 
A 1 126 MET 126 236 236 MET MET A . n 
A 1 127 MET 127 237 237 MET MET A . n 
A 1 128 SER 128 238 238 SER SER A . n 
A 1 129 LYS 129 239 239 LYS LYS A . n 
A 1 130 GLU 130 240 240 GLU GLU A . n 
A 1 131 ARG 131 241 241 ARG ARG A . n 
A 1 132 LEU 132 242 242 LEU LEU A . n 
A 1 133 LEU 133 243 243 LEU LEU A . n 
A 1 134 ALA 134 244 244 ALA ALA A . n 
A 1 135 LEU 135 245 245 LEU LEU A . n 
A 1 136 LYS 136 246 246 LYS LYS A . n 
A 1 137 ARG 137 247 247 ARG ARG A . n 
A 1 138 SER 138 248 248 SER SER A . n 
A 1 139 MET 139 249 249 MET MET A . n 
A 1 140 SER 140 250 250 SER SER A . n 
A 1 141 PHE 141 251 251 PHE PHE A . n 
A 1 142 MET 142 252 252 MET MET A . n 
A 1 143 GLN 143 253 253 GLN GLN A . n 
A 1 144 ASP 144 254 254 ASP ASP A . n 
A 1 145 MET 145 255 255 MET MET A . n 
A 1 146 ASP 146 256 256 ASP ASP A . n 
A 1 147 PHE 147 257 257 PHE PHE A . n 
A 1 148 SER 148 258 ?   ?   ?   A . n 
A 1 149 GLN 149 259 ?   ?   ?   A . n 
# 
loop_
_pdbx_nonpoly_scheme.asym_id 
_pdbx_nonpoly_scheme.entity_id 
_pdbx_nonpoly_scheme.mon_id 
_pdbx_nonpoly_scheme.ndb_seq_num 
_pdbx_nonpoly_scheme.pdb_seq_num 
_pdbx_nonpoly_scheme.auth_seq_num 
_pdbx_nonpoly_scheme.pdb_mon_id 
_pdbx_nonpoly_scheme.auth_mon_id 
_pdbx_nonpoly_scheme.pdb_strand_id 
_pdbx_nonpoly_scheme.pdb_ins_code 
B 2 A1EF0 1   301 301 A1EF0 DRG A . 
C 3 GOL   1   302 304 GOL   GOL A . 
D 4 MLT   1   303 305 MLT   MLT A . 
E 2 A1EF0 1   304 306 A1EF0 DRG A . 
F 5 HOH   1   401 93  HOH   HOH A . 
F 5 HOH   2   402 125 HOH   HOH A . 
F 5 HOH   3   403 63  HOH   HOH A . 
F 5 HOH   4   404 34  HOH   HOH A . 
F 5 HOH   5   405 107 HOH   HOH A . 
F 5 HOH   6   406 65  HOH   HOH A . 
F 5 HOH   7   407 61  HOH   HOH A . 
F 5 HOH   8   408 3   HOH   HOH A . 
F 5 HOH   9   409 96  HOH   HOH A . 
F 5 HOH   10  410 110 HOH   HOH A . 
F 5 HOH   11  411 69  HOH   HOH A . 
F 5 HOH   12  412 40  HOH   HOH A . 
F 5 HOH   13  413 48  HOH   HOH A . 
F 5 HOH   14  414 55  HOH   HOH A . 
F 5 HOH   15  415 23  HOH   HOH A . 
F 5 HOH   16  416 5   HOH   HOH A . 
F 5 HOH   17  417 2   HOH   HOH A . 
F 5 HOH   18  418 60  HOH   HOH A . 
F 5 HOH   19  419 124 HOH   HOH A . 
F 5 HOH   20  420 7   HOH   HOH A . 
F 5 HOH   21  421 71  HOH   HOH A . 
F 5 HOH   22  422 49  HOH   HOH A . 
F 5 HOH   23  423 10  HOH   HOH A . 
F 5 HOH   24  424 28  HOH   HOH A . 
F 5 HOH   25  425 21  HOH   HOH A . 
F 5 HOH   26  426 77  HOH   HOH A . 
F 5 HOH   27  427 1   HOH   HOH A . 
F 5 HOH   28  428 72  HOH   HOH A . 
F 5 HOH   29  429 86  HOH   HOH A . 
F 5 HOH   30  430 108 HOH   HOH A . 
F 5 HOH   31  431 19  HOH   HOH A . 
F 5 HOH   32  432 76  HOH   HOH A . 
F 5 HOH   33  433 51  HOH   HOH A . 
F 5 HOH   34  434 24  HOH   HOH A . 
F 5 HOH   35  435 44  HOH   HOH A . 
F 5 HOH   36  436 68  HOH   HOH A . 
F 5 HOH   37  437 8   HOH   HOH A . 
F 5 HOH   38  438 18  HOH   HOH A . 
F 5 HOH   39  439 89  HOH   HOH A . 
F 5 HOH   40  440 25  HOH   HOH A . 
F 5 HOH   41  441 46  HOH   HOH A . 
F 5 HOH   42  442 120 HOH   HOH A . 
F 5 HOH   43  443 35  HOH   HOH A . 
F 5 HOH   44  444 80  HOH   HOH A . 
F 5 HOH   45  445 56  HOH   HOH A . 
F 5 HOH   46  446 38  HOH   HOH A . 
F 5 HOH   47  447 32  HOH   HOH A . 
F 5 HOH   48  448 74  HOH   HOH A . 
F 5 HOH   49  449 79  HOH   HOH A . 
F 5 HOH   50  450 101 HOH   HOH A . 
F 5 HOH   51  451 73  HOH   HOH A . 
F 5 HOH   52  452 45  HOH   HOH A . 
F 5 HOH   53  453 33  HOH   HOH A . 
F 5 HOH   54  454 4   HOH   HOH A . 
F 5 HOH   55  455 47  HOH   HOH A . 
F 5 HOH   56  456 43  HOH   HOH A . 
F 5 HOH   57  457 26  HOH   HOH A . 
F 5 HOH   58  458 20  HOH   HOH A . 
F 5 HOH   59  459 59  HOH   HOH A . 
F 5 HOH   60  460 103 HOH   HOH A . 
F 5 HOH   61  461 42  HOH   HOH A . 
F 5 HOH   62  462 16  HOH   HOH A . 
F 5 HOH   63  463 13  HOH   HOH A . 
F 5 HOH   64  464 112 HOH   HOH A . 
F 5 HOH   65  465 114 HOH   HOH A . 
F 5 HOH   66  466 83  HOH   HOH A . 
F 5 HOH   67  467 66  HOH   HOH A . 
F 5 HOH   68  468 11  HOH   HOH A . 
F 5 HOH   69  469 30  HOH   HOH A . 
F 5 HOH   70  470 81  HOH   HOH A . 
F 5 HOH   71  471 12  HOH   HOH A . 
F 5 HOH   72  472 100 HOH   HOH A . 
F 5 HOH   73  473 29  HOH   HOH A . 
F 5 HOH   74  474 41  HOH   HOH A . 
F 5 HOH   75  475 22  HOH   HOH A . 
F 5 HOH   76  476 70  HOH   HOH A . 
F 5 HOH   77  477 50  HOH   HOH A . 
F 5 HOH   78  478 67  HOH   HOH A . 
F 5 HOH   79  479 62  HOH   HOH A . 
F 5 HOH   80  480 75  HOH   HOH A . 
F 5 HOH   81  481 14  HOH   HOH A . 
F 5 HOH   82  482 6   HOH   HOH A . 
F 5 HOH   83  483 52  HOH   HOH A . 
F 5 HOH   84  484 78  HOH   HOH A . 
F 5 HOH   85  485 39  HOH   HOH A . 
F 5 HOH   86  486 119 HOH   HOH A . 
F 5 HOH   87  487 17  HOH   HOH A . 
F 5 HOH   88  488 102 HOH   HOH A . 
F 5 HOH   89  489 82  HOH   HOH A . 
F 5 HOH   90  490 85  HOH   HOH A . 
F 5 HOH   91  491 105 HOH   HOH A . 
F 5 HOH   92  492 111 HOH   HOH A . 
F 5 HOH   93  493 9   HOH   HOH A . 
F 5 HOH   94  494 109 HOH   HOH A . 
F 5 HOH   95  495 15  HOH   HOH A . 
F 5 HOH   96  496 115 HOH   HOH A . 
F 5 HOH   97  497 113 HOH   HOH A . 
F 5 HOH   98  498 98  HOH   HOH A . 
F 5 HOH   99  499 104 HOH   HOH A . 
F 5 HOH   100 500 88  HOH   HOH A . 
F 5 HOH   101 501 121 HOH   HOH A . 
F 5 HOH   102 502 58  HOH   HOH A . 
F 5 HOH   103 503 97  HOH   HOH A . 
F 5 HOH   104 504 116 HOH   HOH A . 
F 5 HOH   105 505 92  HOH   HOH A . 
F 5 HOH   106 506 117 HOH   HOH A . 
F 5 HOH   107 507 95  HOH   HOH A . 
F 5 HOH   108 508 27  HOH   HOH A . 
F 5 HOH   109 509 57  HOH   HOH A . 
F 5 HOH   110 510 106 HOH   HOH A . 
F 5 HOH   111 511 87  HOH   HOH A . 
F 5 HOH   112 512 53  HOH   HOH A . 
F 5 HOH   113 513 37  HOH   HOH A . 
F 5 HOH   114 514 99  HOH   HOH A . 
F 5 HOH   115 515 123 HOH   HOH A . 
F 5 HOH   116 516 118 HOH   HOH A . 
F 5 HOH   117 517 94  HOH   HOH A . 
F 5 HOH   118 518 90  HOH   HOH A . 
# 
loop_
_software.citation_id 
_software.classification 
_software.compiler_name 
_software.compiler_version 
_software.contact_author 
_software.contact_author_email 
_software.date 
_software.description 
_software.dependencies 
_software.hardware 
_software.language 
_software.location 
_software.mods 
_software.name 
_software.os 
_software.os_version 
_software.type 
_software.version 
_software.pdbx_ordinal 
? refinement       ? ? ? ? ? ? ? ? ? ? ? REFMAC  ? ? ? 5.8.0258 1 
? 'data scaling'   ? ? ? ? ? ? ? ? ? ? ? Aimless ? ? ? .        2 
? 'data reduction' ? ? ? ? ? ? ? ? ? ? ? XDS     ? ? ? .        3 
? phasing          ? ? ? ? ? ? ? ? ? ? ? MOLREP  ? ? ? .        4 
# 
_cell.angle_alpha                  90.00 
_cell.angle_alpha_esd              ? 
_cell.angle_beta                   90.00 
_cell.angle_beta_esd               ? 
_cell.angle_gamma                  120.00 
_cell.angle_gamma_esd              ? 
_cell.entry_id                     9KLA 
_cell.details                      ? 
_cell.formula_units_Z              ? 
_cell.length_a                     58.220 
_cell.length_a_esd                 ? 
_cell.length_b                     58.220 
_cell.length_b_esd                 ? 
_cell.length_c                     87.384 
_cell.length_c_esd                 ? 
_cell.volume                       ? 
_cell.volume_esd                   ? 
_cell.Z_PDB                        6 
_cell.reciprocal_angle_alpha       ? 
_cell.reciprocal_angle_beta        ? 
_cell.reciprocal_angle_gamma       ? 
_cell.reciprocal_angle_alpha_esd   ? 
_cell.reciprocal_angle_beta_esd    ? 
_cell.reciprocal_angle_gamma_esd   ? 
_cell.reciprocal_length_a          ? 
_cell.reciprocal_length_b          ? 
_cell.reciprocal_length_c          ? 
_cell.reciprocal_length_a_esd      ? 
_cell.reciprocal_length_b_esd      ? 
_cell.reciprocal_length_c_esd      ? 
_cell.pdbx_unique_axis             ? 
_cell.pdbx_esd_method              ? 
# 
_symmetry.entry_id                         9KLA 
_symmetry.cell_setting                     ? 
_symmetry.Int_Tables_number                152 
_symmetry.space_group_name_Hall            ? 
_symmetry.space_group_name_H-M             'P 31 2 1' 
_symmetry.pdbx_full_space_group_name_H-M   ? 
# 
_exptl.absorpt_coefficient_mu     ? 
_exptl.absorpt_correction_T_max   ? 
_exptl.absorpt_correction_T_min   ? 
_exptl.absorpt_correction_type    ? 
_exptl.absorpt_process_details    ? 
_exptl.entry_id                   9KLA 
_exptl.crystals_number            1 
_exptl.details                    ? 
_exptl.method                     'X-RAY DIFFRACTION' 
_exptl.method_details             ? 
# 
_exptl_crystal.colour                       ? 
_exptl_crystal.density_diffrn               ? 
_exptl_crystal.density_Matthews             2.44 
_exptl_crystal.density_method               ? 
_exptl_crystal.density_percent_sol          49.59 
_exptl_crystal.description                  ? 
_exptl_crystal.F_000                        ? 
_exptl_crystal.id                           1 
_exptl_crystal.preparation                  ? 
_exptl_crystal.size_max                     ? 
_exptl_crystal.size_mid                     ? 
_exptl_crystal.size_min                     ? 
_exptl_crystal.size_rad                     ? 
_exptl_crystal.colour_lustre                ? 
_exptl_crystal.colour_modifier              ? 
_exptl_crystal.colour_primary               ? 
_exptl_crystal.density_meas                 ? 
_exptl_crystal.density_meas_esd             ? 
_exptl_crystal.density_meas_gt              ? 
_exptl_crystal.density_meas_lt              ? 
_exptl_crystal.density_meas_temp            ? 
_exptl_crystal.density_meas_temp_esd        ? 
_exptl_crystal.density_meas_temp_gt         ? 
_exptl_crystal.density_meas_temp_lt         ? 
_exptl_crystal.pdbx_crystal_image_url       ? 
_exptl_crystal.pdbx_crystal_image_format    ? 
_exptl_crystal.pdbx_mosaicity               ? 
_exptl_crystal.pdbx_mosaicity_esd           ? 
_exptl_crystal.pdbx_mosaic_method           ? 
_exptl_crystal.pdbx_mosaic_block_size       ? 
_exptl_crystal.pdbx_mosaic_block_size_esd   ? 
# 
_exptl_crystal_grow.apparatus       ? 
_exptl_crystal_grow.atmosphere      ? 
_exptl_crystal_grow.crystal_id      1 
_exptl_crystal_grow.details         ? 
_exptl_crystal_grow.method          'VAPOR DIFFUSION, SITTING DROP' 
_exptl_crystal_grow.method_ref      ? 
_exptl_crystal_grow.pH              7.0 
_exptl_crystal_grow.pressure        ? 
_exptl_crystal_grow.pressure_esd    ? 
_exptl_crystal_grow.seeding         ? 
_exptl_crystal_grow.seeding_ref     ? 
_exptl_crystal_grow.temp_details    ? 
_exptl_crystal_grow.temp_esd        ? 
_exptl_crystal_grow.time            ? 
_exptl_crystal_grow.pdbx_details    '0.2 M DL-Malic acid pH 7.0, 20% w/v Polyethylene glycol 3,350' 
_exptl_crystal_grow.pdbx_pH_range   ? 
_exptl_crystal_grow.temp            277 
# 
_diffrn.ambient_environment              ? 
_diffrn.ambient_temp                     80 
_diffrn.ambient_temp_details             ? 
_diffrn.ambient_temp_esd                 ? 
_diffrn.crystal_id                       1 
_diffrn.crystal_support                  ? 
_diffrn.crystal_treatment                ? 
_diffrn.details                          ? 
_diffrn.id                               1 
_diffrn.ambient_pressure                 ? 
_diffrn.ambient_pressure_esd             ? 
_diffrn.ambient_pressure_gt              ? 
_diffrn.ambient_pressure_lt              ? 
_diffrn.ambient_temp_gt                  ? 
_diffrn.ambient_temp_lt                  ? 
_diffrn.pdbx_serial_crystal_experiment   N 
# 
_diffrn_detector.details                      ? 
_diffrn_detector.detector                     PIXEL 
_diffrn_detector.diffrn_id                    1 
_diffrn_detector.type                         'DECTRIS PILATUS 6M-F' 
_diffrn_detector.area_resol_mean              ? 
_diffrn_detector.dtime                        ? 
_diffrn_detector.pdbx_frames_total            ? 
_diffrn_detector.pdbx_collection_time_total   ? 
_diffrn_detector.pdbx_collection_date         2022-01-02 
_diffrn_detector.pdbx_frequency               ? 
_diffrn_detector.id                           ? 
_diffrn_detector.number_of_axes               ? 
# 
_diffrn_radiation.collimation                      ? 
_diffrn_radiation.diffrn_id                        1 
_diffrn_radiation.filter_edge                      ? 
_diffrn_radiation.inhomogeneity                    ? 
_diffrn_radiation.monochromator                    ? 
_diffrn_radiation.polarisn_norm                    ? 
_diffrn_radiation.polarisn_ratio                   ? 
_diffrn_radiation.probe                            ? 
_diffrn_radiation.type                             ? 
_diffrn_radiation.xray_symbol                      ? 
_diffrn_radiation.wavelength_id                    1 
_diffrn_radiation.pdbx_monochromatic_or_laue_m_l   M 
_diffrn_radiation.pdbx_wavelength_list             ? 
_diffrn_radiation.pdbx_wavelength                  ? 
_diffrn_radiation.pdbx_diffrn_protocol             'SINGLE WAVELENGTH' 
_diffrn_radiation.pdbx_analyzer                    ? 
_diffrn_radiation.pdbx_scattering_type             x-ray 
# 
_diffrn_radiation_wavelength.id           1 
_diffrn_radiation_wavelength.wavelength   0.97919 
_diffrn_radiation_wavelength.wt           1.0 
# 
_diffrn_source.current                     ? 
_diffrn_source.details                     ? 
_diffrn_source.diffrn_id                   1 
_diffrn_source.power                       ? 
_diffrn_source.size                        ? 
_diffrn_source.source                      SYNCHROTRON 
_diffrn_source.target                      ? 
_diffrn_source.type                        'SSRF BEAMLINE BL02U1' 
_diffrn_source.voltage                     ? 
_diffrn_source.take-off_angle              ? 
_diffrn_source.pdbx_wavelength_list        0.97919 
_diffrn_source.pdbx_wavelength             ? 
_diffrn_source.pdbx_synchrotron_beamline   BL02U1 
_diffrn_source.pdbx_synchrotron_site       SSRF 
# 
_reflns.B_iso_Wilson_estimate                          ? 
_reflns.entry_id                                       9KLA 
_reflns.data_reduction_details                         ? 
_reflns.data_reduction_method                          ? 
_reflns.d_resolution_high                              1.78 
_reflns.d_resolution_low                               50.42 
_reflns.details                                        ? 
_reflns.limit_h_max                                    ? 
_reflns.limit_h_min                                    ? 
_reflns.limit_k_max                                    ? 
_reflns.limit_k_min                                    ? 
_reflns.limit_l_max                                    ? 
_reflns.limit_l_min                                    ? 
_reflns.number_all                                     ? 
_reflns.number_obs                                     16479 
_reflns.observed_criterion                             ? 
_reflns.observed_criterion_F_max                       ? 
_reflns.observed_criterion_F_min                       ? 
_reflns.observed_criterion_I_max                       ? 
_reflns.observed_criterion_I_min                       ? 
_reflns.observed_criterion_sigma_F                     ? 
_reflns.observed_criterion_sigma_I                     ? 
_reflns.percent_possible_obs                           97.4 
_reflns.R_free_details                                 ? 
_reflns.Rmerge_F_all                                   ? 
_reflns.Rmerge_F_obs                                   ? 
_reflns.Friedel_coverage                               ? 
_reflns.number_gt                                      ? 
_reflns.threshold_expression                           ? 
_reflns.pdbx_redundancy                                8.2 
_reflns.pdbx_netI_over_av_sigmaI                       ? 
_reflns.pdbx_netI_over_sigmaI                          12.5 
_reflns.pdbx_res_netI_over_av_sigmaI_2                 ? 
_reflns.pdbx_res_netI_over_sigmaI_2                    ? 
_reflns.pdbx_chi_squared                               1.01 
_reflns.pdbx_scaling_rejects                           ? 
_reflns.pdbx_d_res_high_opt                            ? 
_reflns.pdbx_d_res_low_opt                             ? 
_reflns.pdbx_d_res_opt_method                          ? 
_reflns.phase_calculation_details                      ? 
_reflns.pdbx_Rrim_I_all                                0.104 
_reflns.pdbx_Rpim_I_all                                0.036 
_reflns.pdbx_d_opt                                     ? 
_reflns.pdbx_number_measured_all                       135948 
_reflns.pdbx_diffrn_id                                 1 
_reflns.pdbx_ordinal                                   1 
_reflns.pdbx_CC_half                                   0.998 
_reflns.pdbx_CC_star                                   ? 
_reflns.pdbx_R_split                                   ? 
_reflns.pdbx_Rmerge_I_obs                              0.098 
_reflns.pdbx_Rmerge_I_all                              ? 
_reflns.pdbx_Rsym_value                                ? 
_reflns.pdbx_CC_split_method                           ? 
_reflns.pdbx_aniso_diffraction_limit_axis_1_ortho[1]   ? 
_reflns.pdbx_aniso_diffraction_limit_axis_1_ortho[2]   ? 
_reflns.pdbx_aniso_diffraction_limit_axis_1_ortho[3]   ? 
_reflns.pdbx_aniso_diffraction_limit_axis_2_ortho[1]   ? 
_reflns.pdbx_aniso_diffraction_limit_axis_2_ortho[2]   ? 
_reflns.pdbx_aniso_diffraction_limit_axis_2_ortho[3]   ? 
_reflns.pdbx_aniso_diffraction_limit_axis_3_ortho[1]   ? 
_reflns.pdbx_aniso_diffraction_limit_axis_3_ortho[2]   ? 
_reflns.pdbx_aniso_diffraction_limit_axis_3_ortho[3]   ? 
_reflns.pdbx_aniso_diffraction_limit_1                 ? 
_reflns.pdbx_aniso_diffraction_limit_2                 ? 
_reflns.pdbx_aniso_diffraction_limit_3                 ? 
_reflns.pdbx_aniso_B_tensor_eigenvector_1_ortho[1]     ? 
_reflns.pdbx_aniso_B_tensor_eigenvector_1_ortho[2]     ? 
_reflns.pdbx_aniso_B_tensor_eigenvector_1_ortho[3]     ? 
_reflns.pdbx_aniso_B_tensor_eigenvector_2_ortho[1]     ? 
_reflns.pdbx_aniso_B_tensor_eigenvector_2_ortho[2]     ? 
_reflns.pdbx_aniso_B_tensor_eigenvector_2_ortho[3]     ? 
_reflns.pdbx_aniso_B_tensor_eigenvector_3_ortho[1]     ? 
_reflns.pdbx_aniso_B_tensor_eigenvector_3_ortho[2]     ? 
_reflns.pdbx_aniso_B_tensor_eigenvector_3_ortho[3]     ? 
_reflns.pdbx_aniso_B_tensor_eigenvalue_1               ? 
_reflns.pdbx_aniso_B_tensor_eigenvalue_2               ? 
_reflns.pdbx_aniso_B_tensor_eigenvalue_3               ? 
_reflns.pdbx_orthogonalization_convention              ? 
_reflns.pdbx_percent_possible_ellipsoidal              ? 
_reflns.pdbx_percent_possible_spherical                ? 
_reflns.pdbx_percent_possible_ellipsoidal_anomalous    ? 
_reflns.pdbx_percent_possible_spherical_anomalous      ? 
_reflns.pdbx_redundancy_anomalous                      ? 
_reflns.pdbx_CC_half_anomalous                         ? 
_reflns.pdbx_absDiff_over_sigma_anomalous              ? 
_reflns.pdbx_percent_possible_anomalous                ? 
_reflns.pdbx_observed_signal_threshold                 ? 
_reflns.pdbx_signal_type                               ? 
_reflns.pdbx_signal_details                            ? 
_reflns.pdbx_signal_software_id                        ? 
# 
_reflns_shell.d_res_high                                    1.78 
_reflns_shell.d_res_low                                     1.82 
_reflns_shell.meanI_over_sigI_all                           ? 
_reflns_shell.meanI_over_sigI_obs                           ? 
_reflns_shell.number_measured_all                           6157 
_reflns_shell.number_measured_obs                           ? 
_reflns_shell.number_possible                               ? 
_reflns_shell.number_unique_all                             ? 
_reflns_shell.number_unique_obs                             918 
_reflns_shell.percent_possible_obs                          96.5 
_reflns_shell.Rmerge_F_all                                  ? 
_reflns_shell.Rmerge_F_obs                                  ? 
_reflns_shell.meanI_over_sigI_gt                            ? 
_reflns_shell.meanI_over_uI_all                             ? 
_reflns_shell.meanI_over_uI_gt                              ? 
_reflns_shell.number_measured_gt                            ? 
_reflns_shell.number_unique_gt                              ? 
_reflns_shell.percent_possible_gt                           ? 
_reflns_shell.Rmerge_F_gt                                   ? 
_reflns_shell.Rmerge_I_gt                                   ? 
_reflns_shell.pdbx_redundancy                               6.7 
_reflns_shell.pdbx_chi_squared                              0.83 
_reflns_shell.pdbx_netI_over_sigmaI_all                     ? 
_reflns_shell.pdbx_netI_over_sigmaI_obs                     2.0 
_reflns_shell.pdbx_Rrim_I_all                               1.030 
_reflns_shell.pdbx_Rpim_I_all                               0.377 
_reflns_shell.pdbx_rejects                                  ? 
_reflns_shell.pdbx_ordinal                                  1 
_reflns_shell.pdbx_diffrn_id                                1 
_reflns_shell.pdbx_CC_half                                  0.669 
_reflns_shell.pdbx_CC_star                                  ? 
_reflns_shell.pdbx_R_split                                  ? 
_reflns_shell.percent_possible_all                          ? 
_reflns_shell.Rmerge_I_all                                  ? 
_reflns_shell.Rmerge_I_obs                                  0.954 
_reflns_shell.pdbx_Rsym_value                               ? 
_reflns_shell.pdbx_percent_possible_ellipsoidal             ? 
_reflns_shell.pdbx_percent_possible_spherical               ? 
_reflns_shell.pdbx_percent_possible_ellipsoidal_anomalous   ? 
_reflns_shell.pdbx_percent_possible_spherical_anomalous     ? 
_reflns_shell.pdbx_redundancy_anomalous                     ? 
_reflns_shell.pdbx_CC_half_anomalous                        ? 
_reflns_shell.pdbx_absDiff_over_sigma_anomalous             ? 
_reflns_shell.pdbx_percent_possible_anomalous               ? 
# 
_refine.aniso_B[1][1]                            0.48 
_refine.aniso_B[1][2]                            0.24 
_refine.aniso_B[1][3]                            -0.00 
_refine.aniso_B[2][2]                            0.48 
_refine.aniso_B[2][3]                            -0.00 
_refine.aniso_B[3][3]                            -1.55 
_refine.B_iso_max                                ? 
_refine.B_iso_mean                               29.078 
_refine.B_iso_min                                ? 
_refine.correlation_coeff_Fo_to_Fc               0.957 
_refine.correlation_coeff_Fo_to_Fc_free          0.943 
_refine.details                                  'HYDROGENS HAVE BEEN ADDED IN THE RIDING POSITIONS' 
_refine.diff_density_max                         ? 
_refine.diff_density_max_esd                     ? 
_refine.diff_density_min                         ? 
_refine.diff_density_min_esd                     ? 
_refine.diff_density_rms                         ? 
_refine.diff_density_rms_esd                     ? 
_refine.entry_id                                 9KLA 
_refine.pdbx_refine_id                           'X-RAY DIFFRACTION' 
_refine.ls_abs_structure_details                 ? 
_refine.ls_abs_structure_Flack                   ? 
_refine.ls_abs_structure_Flack_esd               ? 
_refine.ls_abs_structure_Rogers                  ? 
_refine.ls_abs_structure_Rogers_esd              ? 
_refine.ls_d_res_high                            1.78 
_refine.ls_d_res_low                             43.71 
_refine.ls_extinction_coef                       ? 
_refine.ls_extinction_coef_esd                   ? 
_refine.ls_extinction_expression                 ? 
_refine.ls_extinction_method                     ? 
_refine.ls_goodness_of_fit_all                   ? 
_refine.ls_goodness_of_fit_all_esd               ? 
_refine.ls_goodness_of_fit_obs                   ? 
_refine.ls_goodness_of_fit_obs_esd               ? 
_refine.ls_hydrogen_treatment                    ? 
_refine.ls_matrix_type                           ? 
_refine.ls_number_constraints                    ? 
_refine.ls_number_parameters                     ? 
_refine.ls_number_reflns_all                     ? 
_refine.ls_number_reflns_obs                     15660 
_refine.ls_number_reflns_R_free                  800 
_refine.ls_number_reflns_R_work                  ? 
_refine.ls_number_restraints                     ? 
_refine.ls_percent_reflns_obs                    97.07 
_refine.ls_percent_reflns_R_free                 4.9 
_refine.ls_R_factor_all                          ? 
_refine.ls_R_factor_obs                          0.19542 
_refine.ls_R_factor_R_free                       0.23154 
_refine.ls_R_factor_R_free_error                 ? 
_refine.ls_R_factor_R_free_error_details         ? 
_refine.ls_R_factor_R_work                       0.19366 
_refine.ls_R_Fsqd_factor_obs                     ? 
_refine.ls_R_I_factor_obs                        ? 
_refine.ls_redundancy_reflns_all                 ? 
_refine.ls_redundancy_reflns_obs                 ? 
_refine.ls_restrained_S_all                      ? 
_refine.ls_restrained_S_obs                      ? 
_refine.ls_shift_over_esd_max                    ? 
_refine.ls_shift_over_esd_mean                   ? 
_refine.ls_structure_factor_coef                 ? 
_refine.ls_weighting_details                     ? 
_refine.ls_weighting_scheme                      ? 
_refine.ls_wR_factor_all                         ? 
_refine.ls_wR_factor_obs                         ? 
_refine.ls_wR_factor_R_free                      ? 
_refine.ls_wR_factor_R_work                      ? 
_refine.occupancy_max                            ? 
_refine.occupancy_min                            ? 
_refine.solvent_model_details                    MASK 
_refine.solvent_model_param_bsol                 ? 
_refine.solvent_model_param_ksol                 ? 
_refine.pdbx_R_complete                          ? 
_refine.ls_R_factor_gt                           ? 
_refine.ls_goodness_of_fit_gt                    ? 
_refine.ls_goodness_of_fit_ref                   ? 
_refine.ls_shift_over_su_max                     ? 
_refine.ls_shift_over_su_max_lt                  ? 
_refine.ls_shift_over_su_mean                    ? 
_refine.ls_shift_over_su_mean_lt                 ? 
_refine.pdbx_ls_sigma_I                          ? 
_refine.pdbx_ls_sigma_F                          ? 
_refine.pdbx_ls_sigma_Fsqd                       ? 
_refine.pdbx_data_cutoff_high_absF               ? 
_refine.pdbx_data_cutoff_high_rms_absF           ? 
_refine.pdbx_data_cutoff_low_absF                ? 
_refine.pdbx_isotropic_thermal_model             ? 
_refine.pdbx_ls_cross_valid_method               THROUGHOUT 
_refine.pdbx_method_to_determine_struct          'MOLECULAR REPLACEMENT' 
_refine.pdbx_starting_model                      ? 
_refine.pdbx_stereochemistry_target_values       'MAXIMUM LIKELIHOOD' 
_refine.pdbx_R_Free_selection_details            RANDOM 
_refine.pdbx_stereochem_target_val_spec_case     ? 
_refine.pdbx_overall_ESU_R                       0.121 
_refine.pdbx_overall_ESU_R_Free                  0.120 
_refine.pdbx_solvent_vdw_probe_radii             1.20 
_refine.pdbx_solvent_ion_probe_radii             0.80 
_refine.pdbx_solvent_shrinkage_radii             0.80 
_refine.pdbx_real_space_R                        ? 
_refine.pdbx_density_correlation                 ? 
_refine.pdbx_pd_number_of_powder_patterns        ? 
_refine.pdbx_pd_number_of_points                 ? 
_refine.pdbx_pd_meas_number_of_points            ? 
_refine.pdbx_pd_proc_ls_prof_R_factor            ? 
_refine.pdbx_pd_proc_ls_prof_wR_factor           ? 
_refine.pdbx_pd_Marquardt_correlation_coeff      ? 
_refine.pdbx_pd_Fsqrd_R_factor                   ? 
_refine.pdbx_pd_ls_matrix_band_width             ? 
_refine.pdbx_overall_phase_error                 ? 
_refine.pdbx_overall_SU_R_free_Cruickshank_DPI   ? 
_refine.pdbx_overall_SU_R_free_Blow_DPI          ? 
_refine.pdbx_overall_SU_R_Blow_DPI               ? 
_refine.pdbx_TLS_residual_ADP_flag               ? 
_refine.pdbx_diffrn_id                           1 
_refine.overall_SU_B                             2.457 
_refine.overall_SU_ML                            0.076 
_refine.overall_SU_R_Cruickshank_DPI             ? 
_refine.overall_SU_R_free                        ? 
_refine.overall_FOM_free_R_set                   ? 
_refine.overall_FOM_work_R_set                   ? 
_refine.pdbx_average_fsc_overall                 ? 
_refine.pdbx_average_fsc_work                    ? 
_refine.pdbx_average_fsc_free                    ? 
# 
_refine_hist.pdbx_refine_id                   'X-RAY DIFFRACTION' 
_refine_hist.cycle_id                         1 
_refine_hist.details                          ? 
_refine_hist.d_res_high                       1.78 
_refine_hist.d_res_low                        43.71 
_refine_hist.number_atoms_solvent             119 
_refine_hist.number_atoms_total               1253 
_refine_hist.number_reflns_all                ? 
_refine_hist.number_reflns_obs                ? 
_refine_hist.number_reflns_R_free             ? 
_refine_hist.number_reflns_R_work             ? 
_refine_hist.R_factor_all                     ? 
_refine_hist.R_factor_obs                     ? 
_refine_hist.R_factor_R_free                  ? 
_refine_hist.R_factor_R_work                  ? 
_refine_hist.pdbx_number_residues_total       ? 
_refine_hist.pdbx_B_iso_mean_ligand           ? 
_refine_hist.pdbx_B_iso_mean_solvent          ? 
_refine_hist.pdbx_number_atoms_protein        1069 
_refine_hist.pdbx_number_atoms_nucleic_acid   0 
_refine_hist.pdbx_number_atoms_ligand         65 
_refine_hist.pdbx_number_atoms_lipid          ? 
_refine_hist.pdbx_number_atoms_carb           ? 
_refine_hist.pdbx_pseudo_atom_details         ? 
# 
loop_
_refine_ls_restr.pdbx_refine_id 
_refine_ls_restr.criterion 
_refine_ls_restr.dev_ideal 
_refine_ls_restr.dev_ideal_target 
_refine_ls_restr.number 
_refine_ls_restr.rejects 
_refine_ls_restr.type 
_refine_ls_restr.weight 
_refine_ls_restr.pdbx_restraint_function 
'X-RAY DIFFRACTION' ? 0.005  0.013  1160 ? r_bond_refined_d             ? ? 
'X-RAY DIFFRACTION' ? 0.001  0.018  1091 ? r_bond_other_d               ? ? 
'X-RAY DIFFRACTION' ? 1.414  1.714  1551 ? r_angle_refined_deg          ? ? 
'X-RAY DIFFRACTION' ? 1.194  1.634  2528 ? r_angle_other_deg            ? ? 
'X-RAY DIFFRACTION' ? 4.590  5.000  129  ? r_dihedral_angle_1_deg       ? ? 
'X-RAY DIFFRACTION' ? 32.666 22.407 54   ? r_dihedral_angle_2_deg       ? ? 
'X-RAY DIFFRACTION' ? 13.079 15.000 212  ? r_dihedral_angle_3_deg       ? ? 
'X-RAY DIFFRACTION' ? 18.282 15.000 5    ? r_dihedral_angle_4_deg       ? ? 
'X-RAY DIFFRACTION' ? 0.057  0.200  139  ? r_chiral_restr               ? ? 
'X-RAY DIFFRACTION' ? 0.005  0.020  1236 ? r_gen_planes_refined         ? ? 
'X-RAY DIFFRACTION' ? 0.001  0.020  251  ? r_gen_planes_other           ? ? 
'X-RAY DIFFRACTION' ? ?      ?      ?    ? r_nbd_refined                ? ? 
'X-RAY DIFFRACTION' ? ?      ?      ?    ? r_nbd_other                  ? ? 
'X-RAY DIFFRACTION' ? ?      ?      ?    ? r_nbtor_refined              ? ? 
'X-RAY DIFFRACTION' ? ?      ?      ?    ? r_nbtor_other                ? ? 
'X-RAY DIFFRACTION' ? ?      ?      ?    ? r_xyhbond_nbd_refined        ? ? 
'X-RAY DIFFRACTION' ? ?      ?      ?    ? r_xyhbond_nbd_other          ? ? 
'X-RAY DIFFRACTION' ? ?      ?      ?    ? r_metal_ion_refined          ? ? 
'X-RAY DIFFRACTION' ? ?      ?      ?    ? r_metal_ion_other            ? ? 
'X-RAY DIFFRACTION' ? ?      ?      ?    ? r_symmetry_vdw_refined       ? ? 
'X-RAY DIFFRACTION' ? ?      ?      ?    ? r_symmetry_vdw_other         ? ? 
'X-RAY DIFFRACTION' ? ?      ?      ?    ? r_symmetry_hbond_refined     ? ? 
'X-RAY DIFFRACTION' ? ?      ?      ?    ? r_symmetry_hbond_other       ? ? 
'X-RAY DIFFRACTION' ? ?      ?      ?    ? r_symmetry_metal_ion_refined ? ? 
'X-RAY DIFFRACTION' ? ?      ?      ?    ? r_symmetry_metal_ion_other   ? ? 
'X-RAY DIFFRACTION' ? 1.282  2.855  525  ? r_mcbond_it                  ? ? 
'X-RAY DIFFRACTION' ? 1.283  2.848  524  ? r_mcbond_other               ? ? 
'X-RAY DIFFRACTION' ? 2.062  4.240  651  ? r_mcangle_it                 ? ? 
'X-RAY DIFFRACTION' ? 2.061  4.249  652  ? r_mcangle_other              ? ? 
'X-RAY DIFFRACTION' ? 1.882  3.154  635  ? r_scbond_it                  ? ? 
'X-RAY DIFFRACTION' ? 1.881  3.154  636  ? r_scbond_other               ? ? 
'X-RAY DIFFRACTION' ? ?      ?      ?    ? r_scangle_it                 ? ? 
'X-RAY DIFFRACTION' ? 3.131  4.607  900  ? r_scangle_other              ? ? 
'X-RAY DIFFRACTION' ? 4.580  32.331 1350 ? r_long_range_B_refined       ? ? 
'X-RAY DIFFRACTION' ? 4.476  31.917 1325 ? r_long_range_B_other         ? ? 
'X-RAY DIFFRACTION' ? ?      ?      ?    ? r_rigid_bond_restr           ? ? 
'X-RAY DIFFRACTION' ? ?      ?      ?    ? r_sphericity_free            ? ? 
'X-RAY DIFFRACTION' ? ?      ?      ?    ? r_sphericity_bonded          ? ? 
# 
_refine_ls_shell.pdbx_refine_id                   'X-RAY DIFFRACTION' 
_refine_ls_shell.d_res_high                       1.780 
_refine_ls_shell.d_res_low                        1.826 
_refine_ls_shell.number_reflns_all                ? 
_refine_ls_shell.number_reflns_obs                ? 
_refine_ls_shell.number_reflns_R_free             53 
_refine_ls_shell.number_reflns_R_work             1128 
_refine_ls_shell.percent_reflns_obs               95.63 
_refine_ls_shell.percent_reflns_R_free            ? 
_refine_ls_shell.R_factor_all                     ? 
_refine_ls_shell.R_factor_obs                     ? 
_refine_ls_shell.R_factor_R_free_error            ? 
_refine_ls_shell.R_factor_R_work                  0.271 
_refine_ls_shell.redundancy_reflns_all            ? 
_refine_ls_shell.redundancy_reflns_obs            ? 
_refine_ls_shell.wR_factor_all                    ? 
_refine_ls_shell.wR_factor_obs                    ? 
_refine_ls_shell.wR_factor_R_free                 ? 
_refine_ls_shell.wR_factor_R_work                 ? 
_refine_ls_shell.pdbx_R_complete                  ? 
_refine_ls_shell.pdbx_total_number_of_bins_used   20 
_refine_ls_shell.pdbx_phase_error                 ? 
_refine_ls_shell.pdbx_fsc_work                    ? 
_refine_ls_shell.pdbx_fsc_free                    ? 
_refine_ls_shell.R_factor_R_free                  0.258 
# 
_struct.entry_id                     9KLA 
_struct.title                        'Crystal Structure of the bromodomain of human BRD9 in complex with the inhibitor Y22024' 
_struct.pdbx_model_details           ? 
_struct.pdbx_formula_weight          ? 
_struct.pdbx_formula_weight_method   ? 
_struct.pdbx_model_type_details      ? 
_struct.pdbx_CASP_flag               N 
# 
_struct_keywords.entry_id        9KLA 
_struct_keywords.text            'BRD9, bromodomain, inhibitor, PROTEIN BINDING' 
_struct_keywords.pdbx_keywords   'PROTEIN BINDING' 
# 
loop_
_struct_asym.id 
_struct_asym.pdbx_blank_PDB_chainid_flag 
_struct_asym.pdbx_modified 
_struct_asym.entity_id 
_struct_asym.details 
A N N 1 ? 
B N N 2 ? 
C N N 3 ? 
D N N 4 ? 
E N N 2 ? 
F N N 5 ? 
# 
_struct_ref.id                         1 
_struct_ref.db_name                    UNP 
_struct_ref.db_code                    BRD9_HUMAN 
_struct_ref.pdbx_db_accession          Q9H8M2 
_struct_ref.pdbx_db_isoform            ? 
_struct_ref.entity_id                  1 
_struct_ref.pdbx_seq_one_letter_code   
;AENESTPIQQLLEHFLRQLQRKDPHGFFAFPVTDAIAPGYSMIIKHPMDFGTMKDKIVANEYKSVTEFKADFKLMCDNAM
TYNRPDTVYYKLAKKILHAGFKMMSK
;
_struct_ref.pdbx_align_begin           134 
# 
_struct_ref_seq.align_id                      1 
_struct_ref_seq.ref_id                        1 
_struct_ref_seq.pdbx_PDB_id_code              9KLA 
_struct_ref_seq.pdbx_strand_id                A 
_struct_ref_seq.seq_align_beg                 24 
_struct_ref_seq.pdbx_seq_align_beg_ins_code   ? 
_struct_ref_seq.seq_align_end                 129 
_struct_ref_seq.pdbx_seq_align_end_ins_code   ? 
_struct_ref_seq.pdbx_db_accession             Q9H8M2 
_struct_ref_seq.db_align_beg                  134 
_struct_ref_seq.pdbx_db_align_beg_ins_code    ? 
_struct_ref_seq.db_align_end                  239 
_struct_ref_seq.pdbx_db_align_end_ins_code    ? 
_struct_ref_seq.pdbx_auth_seq_align_beg       134 
_struct_ref_seq.pdbx_auth_seq_align_end       239 
# 
loop_
_struct_ref_seq_dif.align_id 
_struct_ref_seq_dif.pdbx_pdb_id_code 
_struct_ref_seq_dif.mon_id 
_struct_ref_seq_dif.pdbx_pdb_strand_id 
_struct_ref_seq_dif.seq_num 
_struct_ref_seq_dif.pdbx_pdb_ins_code 
_struct_ref_seq_dif.pdbx_seq_db_name 
_struct_ref_seq_dif.pdbx_seq_db_accession_code 
_struct_ref_seq_dif.db_mon_id 
_struct_ref_seq_dif.pdbx_seq_db_seq_num 
_struct_ref_seq_dif.details 
_struct_ref_seq_dif.pdbx_auth_seq_num 
_struct_ref_seq_dif.pdbx_ordinal 
1 9KLA MET A 1   ? UNP Q9H8M2 ? ? 'initiating methionine' 111 1  
1 9KLA LYS A 2   ? UNP Q9H8M2 ? ? 'expression tag'        112 2  
1 9KLA LYS A 3   ? UNP Q9H8M2 ? ? 'expression tag'        113 3  
1 9KLA GLY A 4   ? UNP Q9H8M2 ? ? 'expression tag'        114 4  
1 9KLA HIS A 5   ? UNP Q9H8M2 ? ? 'expression tag'        115 5  
1 9KLA HIS A 6   ? UNP Q9H8M2 ? ? 'expression tag'        116 6  
1 9KLA HIS A 7   ? UNP Q9H8M2 ? ? 'expression tag'        117 7  
1 9KLA HIS A 8   ? UNP Q9H8M2 ? ? 'expression tag'        118 8  
1 9KLA HIS A 9   ? UNP Q9H8M2 ? ? 'expression tag'        119 9  
1 9KLA HIS A 10  ? UNP Q9H8M2 ? ? 'expression tag'        120 10 
1 9KLA GLU A 11  ? UNP Q9H8M2 ? ? 'expression tag'        121 11 
1 9KLA ASN A 12  ? UNP Q9H8M2 ? ? 'expression tag'        122 12 
1 9KLA LEU A 13  ? UNP Q9H8M2 ? ? 'expression tag'        123 13 
1 9KLA TYR A 14  ? UNP Q9H8M2 ? ? 'expression tag'        124 14 
1 9KLA PHE A 15  ? UNP Q9H8M2 ? ? 'expression tag'        125 15 
1 9KLA GLN A 16  ? UNP Q9H8M2 ? ? 'expression tag'        126 16 
1 9KLA GLY A 17  ? UNP Q9H8M2 ? ? 'expression tag'        127 17 
1 9KLA GLY A 18  ? UNP Q9H8M2 ? ? 'expression tag'        128 18 
1 9KLA SER A 19  ? UNP Q9H8M2 ? ? 'expression tag'        129 19 
1 9KLA LEU A 20  ? UNP Q9H8M2 ? ? 'expression tag'        130 20 
1 9KLA LYS A 21  ? UNP Q9H8M2 ? ? 'expression tag'        131 21 
1 9KLA LEU A 22  ? UNP Q9H8M2 ? ? 'expression tag'        132 22 
1 9KLA SER A 23  ? UNP Q9H8M2 ? ? 'expression tag'        133 23 
1 9KLA GLU A 130 ? UNP Q9H8M2 ? ? 'expression tag'        240 24 
1 9KLA ARG A 131 ? UNP Q9H8M2 ? ? 'expression tag'        241 25 
1 9KLA LEU A 132 ? UNP Q9H8M2 ? ? 'expression tag'        242 26 
1 9KLA LEU A 133 ? UNP Q9H8M2 ? ? 'expression tag'        243 27 
1 9KLA ALA A 134 ? UNP Q9H8M2 ? ? 'expression tag'        244 28 
1 9KLA LEU A 135 ? UNP Q9H8M2 ? ? 'expression tag'        245 29 
1 9KLA LYS A 136 ? UNP Q9H8M2 ? ? 'expression tag'        246 30 
1 9KLA ARG A 137 ? UNP Q9H8M2 ? ? 'expression tag'        247 31 
1 9KLA SER A 138 ? UNP Q9H8M2 ? ? 'expression tag'        248 32 
1 9KLA MET A 139 ? UNP Q9H8M2 ? ? 'expression tag'        249 33 
1 9KLA SER A 140 ? UNP Q9H8M2 ? ? 'expression tag'        250 34 
1 9KLA PHE A 141 ? UNP Q9H8M2 ? ? 'expression tag'        251 35 
1 9KLA MET A 142 ? UNP Q9H8M2 ? ? 'expression tag'        252 36 
1 9KLA GLN A 143 ? UNP Q9H8M2 ? ? 'expression tag'        253 37 
1 9KLA ASP A 144 ? UNP Q9H8M2 ? ? 'expression tag'        254 38 
1 9KLA MET A 145 ? UNP Q9H8M2 ? ? 'expression tag'        255 39 
1 9KLA ASP A 146 ? UNP Q9H8M2 ? ? 'expression tag'        256 40 
1 9KLA PHE A 147 ? UNP Q9H8M2 ? ? 'expression tag'        257 41 
1 9KLA SER A 148 ? UNP Q9H8M2 ? ? 'expression tag'        258 42 
1 9KLA GLN A 149 ? UNP Q9H8M2 ? ? 'expression tag'        259 43 
# 
_pdbx_struct_assembly.id                   1 
_pdbx_struct_assembly.details              author_and_software_defined_assembly 
_pdbx_struct_assembly.method_details       PISA 
_pdbx_struct_assembly.oligomeric_details   dimeric 
_pdbx_struct_assembly.oligomeric_count     2 
# 
loop_
_pdbx_struct_assembly_prop.biol_id 
_pdbx_struct_assembly_prop.type 
_pdbx_struct_assembly_prop.value 
_pdbx_struct_assembly_prop.details 
1 'ABSA (A^2)' 3070  ? 
1 MORE         -28   ? 
1 'SSA (A^2)'  17160 ? 
# 
_pdbx_struct_assembly_gen.assembly_id       1 
_pdbx_struct_assembly_gen.oper_expression   1,2 
_pdbx_struct_assembly_gen.asym_id_list      A,B,C,D,E,F 
# 
_pdbx_struct_assembly_auth_evidence.id                     1 
_pdbx_struct_assembly_auth_evidence.assembly_id            1 
_pdbx_struct_assembly_auth_evidence.experimental_support   none 
_pdbx_struct_assembly_auth_evidence.details                ? 
# 
loop_
_pdbx_struct_oper_list.id 
_pdbx_struct_oper_list.type 
_pdbx_struct_oper_list.name 
_pdbx_struct_oper_list.symmetry_operation 
_pdbx_struct_oper_list.matrix[1][1] 
_pdbx_struct_oper_list.matrix[1][2] 
_pdbx_struct_oper_list.matrix[1][3] 
_pdbx_struct_oper_list.vector[1] 
_pdbx_struct_oper_list.matrix[2][1] 
_pdbx_struct_oper_list.matrix[2][2] 
_pdbx_struct_oper_list.matrix[2][3] 
_pdbx_struct_oper_list.vector[2] 
_pdbx_struct_oper_list.matrix[3][1] 
_pdbx_struct_oper_list.matrix[3][2] 
_pdbx_struct_oper_list.matrix[3][3] 
_pdbx_struct_oper_list.vector[3] 
1 'identity operation'         1_555 x,y,z         1.0000000000  0.0000000000  0.0000000000 0.0000000000  0.0000000000  1.0000000000 0.0000000000  0.0000000000  0.0000000000 0.0000000000  1.0000000000  0.0000000000   
2 'crystal symmetry operation' 5_555 x-y,-y,-z+2/3 -0.9684254123 -0.2483985349 0.0212223617 -7.8285545834 -0.2483985349 0.9541611362 -0.1669571624 -4.2800399979 0.0212223617 -0.1669571624 -0.9857357239 -38.4487029203 
# 
loop_
_struct_conf.conf_type_id 
_struct_conf.id 
_struct_conf.pdbx_PDB_helix_id 
_struct_conf.beg_label_comp_id 
_struct_conf.beg_label_asym_id 
_struct_conf.beg_label_seq_id 
_struct_conf.pdbx_beg_PDB_ins_code 
_struct_conf.end_label_comp_id 
_struct_conf.end_label_asym_id 
_struct_conf.end_label_seq_id 
_struct_conf.pdbx_end_PDB_ins_code 
_struct_conf.beg_auth_comp_id 
_struct_conf.beg_auth_asym_id 
_struct_conf.beg_auth_seq_id 
_struct_conf.end_auth_comp_id 
_struct_conf.end_auth_asym_id 
_struct_conf.end_auth_seq_id 
_struct_conf.pdbx_PDB_helix_class 
_struct_conf.details 
_struct_conf.pdbx_PDB_helix_length 
HELX_P HELX_P1 AA1 THR A 29  ? ARG A 44  ? THR A 139 ARG A 154 1 ? 16 
HELX_P HELX_P2 AA2 GLY A 62  ? ILE A 67  ? GLY A 172 ILE A 177 1 ? 6  
HELX_P HELX_P3 AA3 ASP A 72  ? ALA A 82  ? ASP A 182 ALA A 192 1 ? 11 
HELX_P HELX_P4 AA4 SER A 87  ? ASN A 106 ? SER A 197 ASN A 216 1 ? 20 
HELX_P HELX_P5 AA5 THR A 110 ? MET A 127 ? THR A 220 MET A 237 1 ? 18 
HELX_P HELX_P6 AA6 SER A 128 ? MET A 145 ? SER A 238 MET A 255 1 ? 18 
# 
_struct_conf_type.id          HELX_P 
_struct_conf_type.criteria    ? 
_struct_conf_type.reference   ? 
# 
_struct_sheet.id               AA1 
_struct_sheet.type             ? 
_struct_sheet.number_strands   2 
_struct_sheet.details          ? 
# 
_struct_sheet_order.sheet_id     AA1 
_struct_sheet_order.range_id_1   1 
_struct_sheet_order.range_id_2   2 
_struct_sheet_order.offset       ? 
_struct_sheet_order.sense        anti-parallel 
# 
loop_
_struct_sheet_range.sheet_id 
_struct_sheet_range.id 
_struct_sheet_range.beg_label_comp_id 
_struct_sheet_range.beg_label_asym_id 
_struct_sheet_range.beg_label_seq_id 
_struct_sheet_range.pdbx_beg_PDB_ins_code 
_struct_sheet_range.end_label_comp_id 
_struct_sheet_range.end_label_asym_id 
_struct_sheet_range.end_label_seq_id 
_struct_sheet_range.pdbx_end_PDB_ins_code 
_struct_sheet_range.beg_auth_comp_id 
_struct_sheet_range.beg_auth_asym_id 
_struct_sheet_range.beg_auth_seq_id 
_struct_sheet_range.end_auth_comp_id 
_struct_sheet_range.end_auth_asym_id 
_struct_sheet_range.end_auth_seq_id 
AA1 1 TYR A 14 ? GLN A 16 ? TYR A 124 GLN A 126 
AA1 2 SER A 19 ? LYS A 21 ? SER A 129 LYS A 131 
# 
_pdbx_struct_sheet_hbond.sheet_id                AA1 
_pdbx_struct_sheet_hbond.range_id_1              1 
_pdbx_struct_sheet_hbond.range_id_2              2 
_pdbx_struct_sheet_hbond.range_1_label_atom_id   N 
_pdbx_struct_sheet_hbond.range_1_label_comp_id   TYR 
_pdbx_struct_sheet_hbond.range_1_label_asym_id   A 
_pdbx_struct_sheet_hbond.range_1_label_seq_id    14 
_pdbx_struct_sheet_hbond.range_1_PDB_ins_code    ? 
_pdbx_struct_sheet_hbond.range_1_auth_atom_id    N 
_pdbx_struct_sheet_hbond.range_1_auth_comp_id    TYR 
_pdbx_struct_sheet_hbond.range_1_auth_asym_id    A 
_pdbx_struct_sheet_hbond.range_1_auth_seq_id     124 
_pdbx_struct_sheet_hbond.range_2_label_atom_id   O 
_pdbx_struct_sheet_hbond.range_2_label_comp_id   LYS 
_pdbx_struct_sheet_hbond.range_2_label_asym_id   A 
_pdbx_struct_sheet_hbond.range_2_label_seq_id    21 
_pdbx_struct_sheet_hbond.range_2_PDB_ins_code    ? 
_pdbx_struct_sheet_hbond.range_2_auth_atom_id    O 
_pdbx_struct_sheet_hbond.range_2_auth_comp_id    LYS 
_pdbx_struct_sheet_hbond.range_2_auth_asym_id    A 
_pdbx_struct_sheet_hbond.range_2_auth_seq_id     131 
# 
_pdbx_entry_details.entry_id                   9KLA 
_pdbx_entry_details.nonpolymer_details         ? 
_pdbx_entry_details.sequence_details           ? 
_pdbx_entry_details.compound_details           ? 
_pdbx_entry_details.source_details             ? 
_pdbx_entry_details.has_ligand_of_interest     Y 
_pdbx_entry_details.has_protein_modification   N 
# 
_pdbx_validate_close_contact.id               1 
_pdbx_validate_close_contact.PDB_model_num    1 
_pdbx_validate_close_contact.auth_atom_id_1   NH2 
_pdbx_validate_close_contact.auth_asym_id_1   A 
_pdbx_validate_close_contact.auth_comp_id_1   ARG 
_pdbx_validate_close_contact.auth_seq_id_1    150 
_pdbx_validate_close_contact.PDB_ins_code_1   ? 
_pdbx_validate_close_contact.label_alt_id_1   ? 
_pdbx_validate_close_contact.auth_atom_id_2   O 
_pdbx_validate_close_contact.auth_asym_id_2   A 
_pdbx_validate_close_contact.auth_comp_id_2   HOH 
_pdbx_validate_close_contact.auth_seq_id_2    401 
_pdbx_validate_close_contact.PDB_ins_code_2   ? 
_pdbx_validate_close_contact.label_alt_id_2   ? 
_pdbx_validate_close_contact.dist             2.14 
# 
_pdbx_validate_symm_contact.id                1 
_pdbx_validate_symm_contact.PDB_model_num     1 
_pdbx_validate_symm_contact.auth_atom_id_1    O 
_pdbx_validate_symm_contact.auth_asym_id_1    A 
_pdbx_validate_symm_contact.auth_comp_id_1    HOH 
_pdbx_validate_symm_contact.auth_seq_id_1     419 
_pdbx_validate_symm_contact.PDB_ins_code_1    ? 
_pdbx_validate_symm_contact.label_alt_id_1    ? 
_pdbx_validate_symm_contact.site_symmetry_1   1_555 
_pdbx_validate_symm_contact.auth_atom_id_2    O 
_pdbx_validate_symm_contact.auth_asym_id_2    A 
_pdbx_validate_symm_contact.auth_comp_id_2    HOH 
_pdbx_validate_symm_contact.auth_seq_id_2     419 
_pdbx_validate_symm_contact.PDB_ins_code_2    ? 
_pdbx_validate_symm_contact.label_alt_id_2    ? 
_pdbx_validate_symm_contact.site_symmetry_2   5_555 
_pdbx_validate_symm_contact.dist              2.13 
# 
loop_
_pdbx_unobs_or_zero_occ_residues.id 
_pdbx_unobs_or_zero_occ_residues.PDB_model_num 
_pdbx_unobs_or_zero_occ_residues.polymer_flag 
_pdbx_unobs_or_zero_occ_residues.occupancy_flag 
_pdbx_unobs_or_zero_occ_residues.auth_asym_id 
_pdbx_unobs_or_zero_occ_residues.auth_comp_id 
_pdbx_unobs_or_zero_occ_residues.auth_seq_id 
_pdbx_unobs_or_zero_occ_residues.PDB_ins_code 
_pdbx_unobs_or_zero_occ_residues.label_asym_id 
_pdbx_unobs_or_zero_occ_residues.label_comp_id 
_pdbx_unobs_or_zero_occ_residues.label_seq_id 
1  1 Y 1 A MET 111 ? A MET 1   
2  1 Y 1 A LYS 112 ? A LYS 2   
3  1 Y 1 A LYS 113 ? A LYS 3   
4  1 Y 1 A GLY 114 ? A GLY 4   
5  1 Y 1 A HIS 115 ? A HIS 5   
6  1 Y 1 A HIS 116 ? A HIS 6   
7  1 Y 1 A HIS 117 ? A HIS 7   
8  1 Y 1 A HIS 118 ? A HIS 8   
9  1 Y 1 A HIS 119 ? A HIS 9   
10 1 Y 1 A HIS 120 ? A HIS 10  
11 1 Y 1 A GLU 121 ? A GLU 11  
12 1 Y 1 A SER 133 ? A SER 23  
13 1 Y 1 A ALA 134 ? A ALA 24  
14 1 Y 1 A GLU 135 ? A GLU 25  
15 1 Y 1 A ASN 136 ? A ASN 26  
16 1 Y 1 A GLU 137 ? A GLU 27  
17 1 Y 1 A SER 258 ? A SER 148 
18 1 Y 1 A GLN 259 ? A GLN 149 
# 
loop_
_chem_comp_atom.comp_id 
_chem_comp_atom.atom_id 
_chem_comp_atom.type_symbol 
_chem_comp_atom.pdbx_aromatic_flag 
_chem_comp_atom.pdbx_stereo_config 
_chem_comp_atom.pdbx_ordinal 
A1EF0 CAL  C N N 1   
A1EF0 CAJ  C N N 2   
A1EF0 OAK  O N N 3   
A1EF0 CAG  C Y N 4   
A1EF0 CAH  C Y N 5   
A1EF0 NAE  N Y N 6   
A1EF0 CAD  C Y N 7   
A1EF0 CAC  C Y N 8   
A1EF0 CAB  C Y N 9   
A1EF0 CAA  C Y N 10  
A1EF0 CAF  C Y N 11  
A1EF0 CAI  C Y N 12  
A1EF0 CAM  C Y N 13  
A1EF0 CAR  C Y N 14  
A1EF0 CAN  C Y N 15  
A1EF0 CAO  C Y N 16  
A1EF0 OAU  O N N 17  
A1EF0 CAV  C N N 18  
A1EF0 CAP  C Y N 19  
A1EF0 CAQ  C Y N 20  
A1EF0 OAS  O N N 21  
A1EF0 CAT  C N N 22  
A1EF0 H1   H N N 23  
A1EF0 H2   H N N 24  
A1EF0 H3   H N N 25  
A1EF0 H4   H N N 26  
A1EF0 H5   H N N 27  
A1EF0 H6   H N N 28  
A1EF0 H7   H N N 29  
A1EF0 H8   H N N 30  
A1EF0 H9   H N N 31  
A1EF0 H10  H N N 32  
A1EF0 H11  H N N 33  
A1EF0 H12  H N N 34  
A1EF0 H13  H N N 35  
A1EF0 H14  H N N 36  
A1EF0 H15  H N N 37  
A1EF0 H16  H N N 38  
A1EF0 H17  H N N 39  
ALA   N    N N N 40  
ALA   CA   C N S 41  
ALA   C    C N N 42  
ALA   O    O N N 43  
ALA   CB   C N N 44  
ALA   OXT  O N N 45  
ALA   H    H N N 46  
ALA   H2   H N N 47  
ALA   HA   H N N 48  
ALA   HB1  H N N 49  
ALA   HB2  H N N 50  
ALA   HB3  H N N 51  
ALA   HXT  H N N 52  
ARG   N    N N N 53  
ARG   CA   C N S 54  
ARG   C    C N N 55  
ARG   O    O N N 56  
ARG   CB   C N N 57  
ARG   CG   C N N 58  
ARG   CD   C N N 59  
ARG   NE   N N N 60  
ARG   CZ   C N N 61  
ARG   NH1  N N N 62  
ARG   NH2  N N N 63  
ARG   OXT  O N N 64  
ARG   H    H N N 65  
ARG   H2   H N N 66  
ARG   HA   H N N 67  
ARG   HB2  H N N 68  
ARG   HB3  H N N 69  
ARG   HG2  H N N 70  
ARG   HG3  H N N 71  
ARG   HD2  H N N 72  
ARG   HD3  H N N 73  
ARG   HE   H N N 74  
ARG   HH11 H N N 75  
ARG   HH12 H N N 76  
ARG   HH21 H N N 77  
ARG   HH22 H N N 78  
ARG   HXT  H N N 79  
ASN   N    N N N 80  
ASN   CA   C N S 81  
ASN   C    C N N 82  
ASN   O    O N N 83  
ASN   CB   C N N 84  
ASN   CG   C N N 85  
ASN   OD1  O N N 86  
ASN   ND2  N N N 87  
ASN   OXT  O N N 88  
ASN   H    H N N 89  
ASN   H2   H N N 90  
ASN   HA   H N N 91  
ASN   HB2  H N N 92  
ASN   HB3  H N N 93  
ASN   HD21 H N N 94  
ASN   HD22 H N N 95  
ASN   HXT  H N N 96  
ASP   N    N N N 97  
ASP   CA   C N S 98  
ASP   C    C N N 99  
ASP   O    O N N 100 
ASP   CB   C N N 101 
ASP   CG   C N N 102 
ASP   OD1  O N N 103 
ASP   OD2  O N N 104 
ASP   OXT  O N N 105 
ASP   H    H N N 106 
ASP   H2   H N N 107 
ASP   HA   H N N 108 
ASP   HB2  H N N 109 
ASP   HB3  H N N 110 
ASP   HD2  H N N 111 
ASP   HXT  H N N 112 
CYS   N    N N N 113 
CYS   CA   C N R 114 
CYS   C    C N N 115 
CYS   O    O N N 116 
CYS   CB   C N N 117 
CYS   SG   S N N 118 
CYS   OXT  O N N 119 
CYS   H    H N N 120 
CYS   H2   H N N 121 
CYS   HA   H N N 122 
CYS   HB2  H N N 123 
CYS   HB3  H N N 124 
CYS   HG   H N N 125 
CYS   HXT  H N N 126 
GLN   N    N N N 127 
GLN   CA   C N S 128 
GLN   C    C N N 129 
GLN   O    O N N 130 
GLN   CB   C N N 131 
GLN   CG   C N N 132 
GLN   CD   C N N 133 
GLN   OE1  O N N 134 
GLN   NE2  N N N 135 
GLN   OXT  O N N 136 
GLN   H    H N N 137 
GLN   H2   H N N 138 
GLN   HA   H N N 139 
GLN   HB2  H N N 140 
GLN   HB3  H N N 141 
GLN   HG2  H N N 142 
GLN   HG3  H N N 143 
GLN   HE21 H N N 144 
GLN   HE22 H N N 145 
GLN   HXT  H N N 146 
GLU   N    N N N 147 
GLU   CA   C N S 148 
GLU   C    C N N 149 
GLU   O    O N N 150 
GLU   CB   C N N 151 
GLU   CG   C N N 152 
GLU   CD   C N N 153 
GLU   OE1  O N N 154 
GLU   OE2  O N N 155 
GLU   OXT  O N N 156 
GLU   H    H N N 157 
GLU   H2   H N N 158 
GLU   HA   H N N 159 
GLU   HB2  H N N 160 
GLU   HB3  H N N 161 
GLU   HG2  H N N 162 
GLU   HG3  H N N 163 
GLU   HE2  H N N 164 
GLU   HXT  H N N 165 
GLY   N    N N N 166 
GLY   CA   C N N 167 
GLY   C    C N N 168 
GLY   O    O N N 169 
GLY   OXT  O N N 170 
GLY   H    H N N 171 
GLY   H2   H N N 172 
GLY   HA2  H N N 173 
GLY   HA3  H N N 174 
GLY   HXT  H N N 175 
GOL   C1   C N N 176 
GOL   O1   O N N 177 
GOL   C2   C N N 178 
GOL   O2   O N N 179 
GOL   C3   C N N 180 
GOL   O3   O N N 181 
GOL   H11  H N N 182 
GOL   H12  H N N 183 
GOL   HO1  H N N 184 
GOL   H2   H N N 185 
GOL   HO2  H N N 186 
GOL   H31  H N N 187 
GOL   H32  H N N 188 
GOL   HO3  H N N 189 
HIS   N    N N N 190 
HIS   CA   C N S 191 
HIS   C    C N N 192 
HIS   O    O N N 193 
HIS   CB   C N N 194 
HIS   CG   C Y N 195 
HIS   ND1  N Y N 196 
HIS   CD2  C Y N 197 
HIS   CE1  C Y N 198 
HIS   NE2  N Y N 199 
HIS   OXT  O N N 200 
HIS   H    H N N 201 
HIS   H2   H N N 202 
HIS   HA   H N N 203 
HIS   HB2  H N N 204 
HIS   HB3  H N N 205 
HIS   HD1  H N N 206 
HIS   HD2  H N N 207 
HIS   HE1  H N N 208 
HIS   HE2  H N N 209 
HIS   HXT  H N N 210 
HOH   O    O N N 211 
HOH   H1   H N N 212 
HOH   H2   H N N 213 
ILE   N    N N N 214 
ILE   CA   C N S 215 
ILE   C    C N N 216 
ILE   O    O N N 217 
ILE   CB   C N S 218 
ILE   CG1  C N N 219 
ILE   CG2  C N N 220 
ILE   CD1  C N N 221 
ILE   OXT  O N N 222 
ILE   H    H N N 223 
ILE   H2   H N N 224 
ILE   HA   H N N 225 
ILE   HB   H N N 226 
ILE   HG12 H N N 227 
ILE   HG13 H N N 228 
ILE   HG21 H N N 229 
ILE   HG22 H N N 230 
ILE   HG23 H N N 231 
ILE   HD11 H N N 232 
ILE   HD12 H N N 233 
ILE   HD13 H N N 234 
ILE   HXT  H N N 235 
LEU   N    N N N 236 
LEU   CA   C N S 237 
LEU   C    C N N 238 
LEU   O    O N N 239 
LEU   CB   C N N 240 
LEU   CG   C N N 241 
LEU   CD1  C N N 242 
LEU   CD2  C N N 243 
LEU   OXT  O N N 244 
LEU   H    H N N 245 
LEU   H2   H N N 246 
LEU   HA   H N N 247 
LEU   HB2  H N N 248 
LEU   HB3  H N N 249 
LEU   HG   H N N 250 
LEU   HD11 H N N 251 
LEU   HD12 H N N 252 
LEU   HD13 H N N 253 
LEU   HD21 H N N 254 
LEU   HD22 H N N 255 
LEU   HD23 H N N 256 
LEU   HXT  H N N 257 
LYS   N    N N N 258 
LYS   CA   C N S 259 
LYS   C    C N N 260 
LYS   O    O N N 261 
LYS   CB   C N N 262 
LYS   CG   C N N 263 
LYS   CD   C N N 264 
LYS   CE   C N N 265 
LYS   NZ   N N N 266 
LYS   OXT  O N N 267 
LYS   H    H N N 268 
LYS   H2   H N N 269 
LYS   HA   H N N 270 
LYS   HB2  H N N 271 
LYS   HB3  H N N 272 
LYS   HG2  H N N 273 
LYS   HG3  H N N 274 
LYS   HD2  H N N 275 
LYS   HD3  H N N 276 
LYS   HE2  H N N 277 
LYS   HE3  H N N 278 
LYS   HZ1  H N N 279 
LYS   HZ2  H N N 280 
LYS   HZ3  H N N 281 
LYS   HXT  H N N 282 
MET   N    N N N 283 
MET   CA   C N S 284 
MET   C    C N N 285 
MET   O    O N N 286 
MET   CB   C N N 287 
MET   CG   C N N 288 
MET   SD   S N N 289 
MET   CE   C N N 290 
MET   OXT  O N N 291 
MET   H    H N N 292 
MET   H2   H N N 293 
MET   HA   H N N 294 
MET   HB2  H N N 295 
MET   HB3  H N N 296 
MET   HG2  H N N 297 
MET   HG3  H N N 298 
MET   HE1  H N N 299 
MET   HE2  H N N 300 
MET   HE3  H N N 301 
MET   HXT  H N N 302 
MLT   C1   C N N 303 
MLT   O1   O N N 304 
MLT   O2   O N N 305 
MLT   C2   C N R 306 
MLT   O3   O N N 307 
MLT   C3   C N N 308 
MLT   C4   C N N 309 
MLT   O4   O N N 310 
MLT   O5   O N N 311 
MLT   H2   H N N 312 
MLT   HO3  H N N 313 
MLT   H31  H N N 314 
MLT   H32  H N N 315 
MLT   HO5  H N N 316 
MLT   H6   H N N 317 
PHE   N    N N N 318 
PHE   CA   C N S 319 
PHE   C    C N N 320 
PHE   O    O N N 321 
PHE   CB   C N N 322 
PHE   CG   C Y N 323 
PHE   CD1  C Y N 324 
PHE   CD2  C Y N 325 
PHE   CE1  C Y N 326 
PHE   CE2  C Y N 327 
PHE   CZ   C Y N 328 
PHE   OXT  O N N 329 
PHE   H    H N N 330 
PHE   H2   H N N 331 
PHE   HA   H N N 332 
PHE   HB2  H N N 333 
PHE   HB3  H N N 334 
PHE   HD1  H N N 335 
PHE   HD2  H N N 336 
PHE   HE1  H N N 337 
PHE   HE2  H N N 338 
PHE   HZ   H N N 339 
PHE   HXT  H N N 340 
PRO   N    N N N 341 
PRO   CA   C N S 342 
PRO   C    C N N 343 
PRO   O    O N N 344 
PRO   CB   C N N 345 
PRO   CG   C N N 346 
PRO   CD   C N N 347 
PRO   OXT  O N N 348 
PRO   H    H N N 349 
PRO   HA   H N N 350 
PRO   HB2  H N N 351 
PRO   HB3  H N N 352 
PRO   HG2  H N N 353 
PRO   HG3  H N N 354 
PRO   HD2  H N N 355 
PRO   HD3  H N N 356 
PRO   HXT  H N N 357 
SER   N    N N N 358 
SER   CA   C N S 359 
SER   C    C N N 360 
SER   O    O N N 361 
SER   CB   C N N 362 
SER   OG   O N N 363 
SER   OXT  O N N 364 
SER   H    H N N 365 
SER   H2   H N N 366 
SER   HA   H N N 367 
SER   HB2  H N N 368 
SER   HB3  H N N 369 
SER   HG   H N N 370 
SER   HXT  H N N 371 
THR   N    N N N 372 
THR   CA   C N S 373 
THR   C    C N N 374 
THR   O    O N N 375 
THR   CB   C N R 376 
THR   OG1  O N N 377 
THR   CG2  C N N 378 
THR   OXT  O N N 379 
THR   H    H N N 380 
THR   H2   H N N 381 
THR   HA   H N N 382 
THR   HB   H N N 383 
THR   HG1  H N N 384 
THR   HG21 H N N 385 
THR   HG22 H N N 386 
THR   HG23 H N N 387 
THR   HXT  H N N 388 
TYR   N    N N N 389 
TYR   CA   C N S 390 
TYR   C    C N N 391 
TYR   O    O N N 392 
TYR   CB   C N N 393 
TYR   CG   C Y N 394 
TYR   CD1  C Y N 395 
TYR   CD2  C Y N 396 
TYR   CE1  C Y N 397 
TYR   CE2  C Y N 398 
TYR   CZ   C Y N 399 
TYR   OH   O N N 400 
TYR   OXT  O N N 401 
TYR   H    H N N 402 
TYR   H2   H N N 403 
TYR   HA   H N N 404 
TYR   HB2  H N N 405 
TYR   HB3  H N N 406 
TYR   HD1  H N N 407 
TYR   HD2  H N N 408 
TYR   HE1  H N N 409 
TYR   HE2  H N N 410 
TYR   HH   H N N 411 
TYR   HXT  H N N 412 
VAL   N    N N N 413 
VAL   CA   C N S 414 
VAL   C    C N N 415 
VAL   O    O N N 416 
VAL   CB   C N N 417 
VAL   CG1  C N N 418 
VAL   CG2  C N N 419 
VAL   OXT  O N N 420 
VAL   H    H N N 421 
VAL   H2   H N N 422 
VAL   HA   H N N 423 
VAL   HB   H N N 424 
VAL   HG11 H N N 425 
VAL   HG12 H N N 426 
VAL   HG13 H N N 427 
VAL   HG21 H N N 428 
VAL   HG22 H N N 429 
VAL   HG23 H N N 430 
VAL   HXT  H N N 431 
# 
loop_
_chem_comp_bond.comp_id 
_chem_comp_bond.atom_id_1 
_chem_comp_bond.atom_id_2 
_chem_comp_bond.value_order 
_chem_comp_bond.pdbx_aromatic_flag 
_chem_comp_bond.pdbx_stereo_config 
_chem_comp_bond.pdbx_ordinal 
A1EF0 OAU CAV  sing N N 1   
A1EF0 OAU CAO  sing N N 2   
A1EF0 CAB CAA  doub Y N 3   
A1EF0 CAB CAC  sing Y N 4   
A1EF0 CAA CAF  sing Y N 5   
A1EF0 CAO CAP  doub Y N 6   
A1EF0 CAO CAN  sing Y N 7   
A1EF0 CAP CAQ  sing Y N 8   
A1EF0 CAC CAD  doub Y N 9   
A1EF0 CAN CAM  doub Y N 10  
A1EF0 CAQ OAS  sing N N 11  
A1EF0 CAQ CAR  doub Y N 12  
A1EF0 CAF CAI  doub Y N 13  
A1EF0 CAF NAE  sing Y N 14  
A1EF0 OAS CAT  sing N N 15  
A1EF0 CAM CAR  sing Y N 16  
A1EF0 CAM CAI  sing N N 17  
A1EF0 CAD NAE  sing Y N 18  
A1EF0 CAI CAH  sing Y N 19  
A1EF0 NAE CAG  sing Y N 20  
A1EF0 CAH CAG  doub Y N 21  
A1EF0 CAG CAJ  sing N N 22  
A1EF0 OAK CAJ  doub N N 23  
A1EF0 CAJ CAL  sing N N 24  
A1EF0 CAL H1   sing N N 25  
A1EF0 CAL H2   sing N N 26  
A1EF0 CAL H3   sing N N 27  
A1EF0 CAH H4   sing N N 28  
A1EF0 CAD H5   sing N N 29  
A1EF0 CAC H6   sing N N 30  
A1EF0 CAB H7   sing N N 31  
A1EF0 CAA H8   sing N N 32  
A1EF0 CAR H9   sing N N 33  
A1EF0 CAN H10  sing N N 34  
A1EF0 CAV H11  sing N N 35  
A1EF0 CAV H12  sing N N 36  
A1EF0 CAV H13  sing N N 37  
A1EF0 CAP H14  sing N N 38  
A1EF0 CAT H15  sing N N 39  
A1EF0 CAT H16  sing N N 40  
A1EF0 CAT H17  sing N N 41  
ALA   N   CA   sing N N 42  
ALA   N   H    sing N N 43  
ALA   N   H2   sing N N 44  
ALA   CA  C    sing N N 45  
ALA   CA  CB   sing N N 46  
ALA   CA  HA   sing N N 47  
ALA   C   O    doub N N 48  
ALA   C   OXT  sing N N 49  
ALA   CB  HB1  sing N N 50  
ALA   CB  HB2  sing N N 51  
ALA   CB  HB3  sing N N 52  
ALA   OXT HXT  sing N N 53  
ARG   N   CA   sing N N 54  
ARG   N   H    sing N N 55  
ARG   N   H2   sing N N 56  
ARG   CA  C    sing N N 57  
ARG   CA  CB   sing N N 58  
ARG   CA  HA   sing N N 59  
ARG   C   O    doub N N 60  
ARG   C   OXT  sing N N 61  
ARG   CB  CG   sing N N 62  
ARG   CB  HB2  sing N N 63  
ARG   CB  HB3  sing N N 64  
ARG   CG  CD   sing N N 65  
ARG   CG  HG2  sing N N 66  
ARG   CG  HG3  sing N N 67  
ARG   CD  NE   sing N N 68  
ARG   CD  HD2  sing N N 69  
ARG   CD  HD3  sing N N 70  
ARG   NE  CZ   sing N N 71  
ARG   NE  HE   sing N N 72  
ARG   CZ  NH1  sing N N 73  
ARG   CZ  NH2  doub N N 74  
ARG   NH1 HH11 sing N N 75  
ARG   NH1 HH12 sing N N 76  
ARG   NH2 HH21 sing N N 77  
ARG   NH2 HH22 sing N N 78  
ARG   OXT HXT  sing N N 79  
ASN   N   CA   sing N N 80  
ASN   N   H    sing N N 81  
ASN   N   H2   sing N N 82  
ASN   CA  C    sing N N 83  
ASN   CA  CB   sing N N 84  
ASN   CA  HA   sing N N 85  
ASN   C   O    doub N N 86  
ASN   C   OXT  sing N N 87  
ASN   CB  CG   sing N N 88  
ASN   CB  HB2  sing N N 89  
ASN   CB  HB3  sing N N 90  
ASN   CG  OD1  doub N N 91  
ASN   CG  ND2  sing N N 92  
ASN   ND2 HD21 sing N N 93  
ASN   ND2 HD22 sing N N 94  
ASN   OXT HXT  sing N N 95  
ASP   N   CA   sing N N 96  
ASP   N   H    sing N N 97  
ASP   N   H2   sing N N 98  
ASP   CA  C    sing N N 99  
ASP   CA  CB   sing N N 100 
ASP   CA  HA   sing N N 101 
ASP   C   O    doub N N 102 
ASP   C   OXT  sing N N 103 
ASP   CB  CG   sing N N 104 
ASP   CB  HB2  sing N N 105 
ASP   CB  HB3  sing N N 106 
ASP   CG  OD1  doub N N 107 
ASP   CG  OD2  sing N N 108 
ASP   OD2 HD2  sing N N 109 
ASP   OXT HXT  sing N N 110 
CYS   N   CA   sing N N 111 
CYS   N   H    sing N N 112 
CYS   N   H2   sing N N 113 
CYS   CA  C    sing N N 114 
CYS   CA  CB   sing N N 115 
CYS   CA  HA   sing N N 116 
CYS   C   O    doub N N 117 
CYS   C   OXT  sing N N 118 
CYS   CB  SG   sing N N 119 
CYS   CB  HB2  sing N N 120 
CYS   CB  HB3  sing N N 121 
CYS   SG  HG   sing N N 122 
CYS   OXT HXT  sing N N 123 
GLN   N   CA   sing N N 124 
GLN   N   H    sing N N 125 
GLN   N   H2   sing N N 126 
GLN   CA  C    sing N N 127 
GLN   CA  CB   sing N N 128 
GLN   CA  HA   sing N N 129 
GLN   C   O    doub N N 130 
GLN   C   OXT  sing N N 131 
GLN   CB  CG   sing N N 132 
GLN   CB  HB2  sing N N 133 
GLN   CB  HB3  sing N N 134 
GLN   CG  CD   sing N N 135 
GLN   CG  HG2  sing N N 136 
GLN   CG  HG3  sing N N 137 
GLN   CD  OE1  doub N N 138 
GLN   CD  NE2  sing N N 139 
GLN   NE2 HE21 sing N N 140 
GLN   NE2 HE22 sing N N 141 
GLN   OXT HXT  sing N N 142 
GLU   N   CA   sing N N 143 
GLU   N   H    sing N N 144 
GLU   N   H2   sing N N 145 
GLU   CA  C    sing N N 146 
GLU   CA  CB   sing N N 147 
GLU   CA  HA   sing N N 148 
GLU   C   O    doub N N 149 
GLU   C   OXT  sing N N 150 
GLU   CB  CG   sing N N 151 
GLU   CB  HB2  sing N N 152 
GLU   CB  HB3  sing N N 153 
GLU   CG  CD   sing N N 154 
GLU   CG  HG2  sing N N 155 
GLU   CG  HG3  sing N N 156 
GLU   CD  OE1  doub N N 157 
GLU   CD  OE2  sing N N 158 
GLU   OE2 HE2  sing N N 159 
GLU   OXT HXT  sing N N 160 
GLY   N   CA   sing N N 161 
GLY   N   H    sing N N 162 
GLY   N   H2   sing N N 163 
GLY   CA  C    sing N N 164 
GLY   CA  HA2  sing N N 165 
GLY   CA  HA3  sing N N 166 
GLY   C   O    doub N N 167 
GLY   C   OXT  sing N N 168 
GLY   OXT HXT  sing N N 169 
GOL   C1  O1   sing N N 170 
GOL   C1  C2   sing N N 171 
GOL   C1  H11  sing N N 172 
GOL   C1  H12  sing N N 173 
GOL   O1  HO1  sing N N 174 
GOL   C2  O2   sing N N 175 
GOL   C2  C3   sing N N 176 
GOL   C2  H2   sing N N 177 
GOL   O2  HO2  sing N N 178 
GOL   C3  O3   sing N N 179 
GOL   C3  H31  sing N N 180 
GOL   C3  H32  sing N N 181 
GOL   O3  HO3  sing N N 182 
HIS   N   CA   sing N N 183 
HIS   N   H    sing N N 184 
HIS   N   H2   sing N N 185 
HIS   CA  C    sing N N 186 
HIS   CA  CB   sing N N 187 
HIS   CA  HA   sing N N 188 
HIS   C   O    doub N N 189 
HIS   C   OXT  sing N N 190 
HIS   CB  CG   sing N N 191 
HIS   CB  HB2  sing N N 192 
HIS   CB  HB3  sing N N 193 
HIS   CG  ND1  sing Y N 194 
HIS   CG  CD2  doub Y N 195 
HIS   ND1 CE1  doub Y N 196 
HIS   ND1 HD1  sing N N 197 
HIS   CD2 NE2  sing Y N 198 
HIS   CD2 HD2  sing N N 199 
HIS   CE1 NE2  sing Y N 200 
HIS   CE1 HE1  sing N N 201 
HIS   NE2 HE2  sing N N 202 
HIS   OXT HXT  sing N N 203 
HOH   O   H1   sing N N 204 
HOH   O   H2   sing N N 205 
ILE   N   CA   sing N N 206 
ILE   N   H    sing N N 207 
ILE   N   H2   sing N N 208 
ILE   CA  C    sing N N 209 
ILE   CA  CB   sing N N 210 
ILE   CA  HA   sing N N 211 
ILE   C   O    doub N N 212 
ILE   C   OXT  sing N N 213 
ILE   CB  CG1  sing N N 214 
ILE   CB  CG2  sing N N 215 
ILE   CB  HB   sing N N 216 
ILE   CG1 CD1  sing N N 217 
ILE   CG1 HG12 sing N N 218 
ILE   CG1 HG13 sing N N 219 
ILE   CG2 HG21 sing N N 220 
ILE   CG2 HG22 sing N N 221 
ILE   CG2 HG23 sing N N 222 
ILE   CD1 HD11 sing N N 223 
ILE   CD1 HD12 sing N N 224 
ILE   CD1 HD13 sing N N 225 
ILE   OXT HXT  sing N N 226 
LEU   N   CA   sing N N 227 
LEU   N   H    sing N N 228 
LEU   N   H2   sing N N 229 
LEU   CA  C    sing N N 230 
LEU   CA  CB   sing N N 231 
LEU   CA  HA   sing N N 232 
LEU   C   O    doub N N 233 
LEU   C   OXT  sing N N 234 
LEU   CB  CG   sing N N 235 
LEU   CB  HB2  sing N N 236 
LEU   CB  HB3  sing N N 237 
LEU   CG  CD1  sing N N 238 
LEU   CG  CD2  sing N N 239 
LEU   CG  HG   sing N N 240 
LEU   CD1 HD11 sing N N 241 
LEU   CD1 HD12 sing N N 242 
LEU   CD1 HD13 sing N N 243 
LEU   CD2 HD21 sing N N 244 
LEU   CD2 HD22 sing N N 245 
LEU   CD2 HD23 sing N N 246 
LEU   OXT HXT  sing N N 247 
LYS   N   CA   sing N N 248 
LYS   N   H    sing N N 249 
LYS   N   H2   sing N N 250 
LYS   CA  C    sing N N 251 
LYS   CA  CB   sing N N 252 
LYS   CA  HA   sing N N 253 
LYS   C   O    doub N N 254 
LYS   C   OXT  sing N N 255 
LYS   CB  CG   sing N N 256 
LYS   CB  HB2  sing N N 257 
LYS   CB  HB3  sing N N 258 
LYS   CG  CD   sing N N 259 
LYS   CG  HG2  sing N N 260 
LYS   CG  HG3  sing N N 261 
LYS   CD  CE   sing N N 262 
LYS   CD  HD2  sing N N 263 
LYS   CD  HD3  sing N N 264 
LYS   CE  NZ   sing N N 265 
LYS   CE  HE2  sing N N 266 
LYS   CE  HE3  sing N N 267 
LYS   NZ  HZ1  sing N N 268 
LYS   NZ  HZ2  sing N N 269 
LYS   NZ  HZ3  sing N N 270 
LYS   OXT HXT  sing N N 271 
MET   N   CA   sing N N 272 
MET   N   H    sing N N 273 
MET   N   H2   sing N N 274 
MET   CA  C    sing N N 275 
MET   CA  CB   sing N N 276 
MET   CA  HA   sing N N 277 
MET   C   O    doub N N 278 
MET   C   OXT  sing N N 279 
MET   CB  CG   sing N N 280 
MET   CB  HB2  sing N N 281 
MET   CB  HB3  sing N N 282 
MET   CG  SD   sing N N 283 
MET   CG  HG2  sing N N 284 
MET   CG  HG3  sing N N 285 
MET   SD  CE   sing N N 286 
MET   CE  HE1  sing N N 287 
MET   CE  HE2  sing N N 288 
MET   CE  HE3  sing N N 289 
MET   OXT HXT  sing N N 290 
MLT   C1  O1   doub N N 291 
MLT   C1  O2   sing N N 292 
MLT   C1  C2   sing N N 293 
MLT   C2  O3   sing N N 294 
MLT   C2  C3   sing N N 295 
MLT   C2  H2   sing N N 296 
MLT   O3  HO3  sing N N 297 
MLT   C3  C4   sing N N 298 
MLT   C3  H31  sing N N 299 
MLT   C3  H32  sing N N 300 
MLT   C4  O4   doub N N 301 
MLT   C4  O5   sing N N 302 
MLT   O5  HO5  sing N N 303 
MLT   O2  H6   sing N N 304 
PHE   N   CA   sing N N 305 
PHE   N   H    sing N N 306 
PHE   N   H2   sing N N 307 
PHE   CA  C    sing N N 308 
PHE   CA  CB   sing N N 309 
PHE   CA  HA   sing N N 310 
PHE   C   O    doub N N 311 
PHE   C   OXT  sing N N 312 
PHE   CB  CG   sing N N 313 
PHE   CB  HB2  sing N N 314 
PHE   CB  HB3  sing N N 315 
PHE   CG  CD1  doub Y N 316 
PHE   CG  CD2  sing Y N 317 
PHE   CD1 CE1  sing Y N 318 
PHE   CD1 HD1  sing N N 319 
PHE   CD2 CE2  doub Y N 320 
PHE   CD2 HD2  sing N N 321 
PHE   CE1 CZ   doub Y N 322 
PHE   CE1 HE1  sing N N 323 
PHE   CE2 CZ   sing Y N 324 
PHE   CE2 HE2  sing N N 325 
PHE   CZ  HZ   sing N N 326 
PHE   OXT HXT  sing N N 327 
PRO   N   CA   sing N N 328 
PRO   N   CD   sing N N 329 
PRO   N   H    sing N N 330 
PRO   CA  C    sing N N 331 
PRO   CA  CB   sing N N 332 
PRO   CA  HA   sing N N 333 
PRO   C   O    doub N N 334 
PRO   C   OXT  sing N N 335 
PRO   CB  CG   sing N N 336 
PRO   CB  HB2  sing N N 337 
PRO   CB  HB3  sing N N 338 
PRO   CG  CD   sing N N 339 
PRO   CG  HG2  sing N N 340 
PRO   CG  HG3  sing N N 341 
PRO   CD  HD2  sing N N 342 
PRO   CD  HD3  sing N N 343 
PRO   OXT HXT  sing N N 344 
SER   N   CA   sing N N 345 
SER   N   H    sing N N 346 
SER   N   H2   sing N N 347 
SER   CA  C    sing N N 348 
SER   CA  CB   sing N N 349 
SER   CA  HA   sing N N 350 
SER   C   O    doub N N 351 
SER   C   OXT  sing N N 352 
SER   CB  OG   sing N N 353 
SER   CB  HB2  sing N N 354 
SER   CB  HB3  sing N N 355 
SER   OG  HG   sing N N 356 
SER   OXT HXT  sing N N 357 
THR   N   CA   sing N N 358 
THR   N   H    sing N N 359 
THR   N   H2   sing N N 360 
THR   CA  C    sing N N 361 
THR   CA  CB   sing N N 362 
THR   CA  HA   sing N N 363 
THR   C   O    doub N N 364 
THR   C   OXT  sing N N 365 
THR   CB  OG1  sing N N 366 
THR   CB  CG2  sing N N 367 
THR   CB  HB   sing N N 368 
THR   OG1 HG1  sing N N 369 
THR   CG2 HG21 sing N N 370 
THR   CG2 HG22 sing N N 371 
THR   CG2 HG23 sing N N 372 
THR   OXT HXT  sing N N 373 
TYR   N   CA   sing N N 374 
TYR   N   H    sing N N 375 
TYR   N   H2   sing N N 376 
TYR   CA  C    sing N N 377 
TYR   CA  CB   sing N N 378 
TYR   CA  HA   sing N N 379 
TYR   C   O    doub N N 380 
TYR   C   OXT  sing N N 381 
TYR   CB  CG   sing N N 382 
TYR   CB  HB2  sing N N 383 
TYR   CB  HB3  sing N N 384 
TYR   CG  CD1  doub Y N 385 
TYR   CG  CD2  sing Y N 386 
TYR   CD1 CE1  sing Y N 387 
TYR   CD1 HD1  sing N N 388 
TYR   CD2 CE2  doub Y N 389 
TYR   CD2 HD2  sing N N 390 
TYR   CE1 CZ   doub Y N 391 
TYR   CE1 HE1  sing N N 392 
TYR   CE2 CZ   sing Y N 393 
TYR   CE2 HE2  sing N N 394 
TYR   CZ  OH   sing N N 395 
TYR   OH  HH   sing N N 396 
TYR   OXT HXT  sing N N 397 
VAL   N   CA   sing N N 398 
VAL   N   H    sing N N 399 
VAL   N   H2   sing N N 400 
VAL   CA  C    sing N N 401 
VAL   CA  CB   sing N N 402 
VAL   CA  HA   sing N N 403 
VAL   C   O    doub N N 404 
VAL   C   OXT  sing N N 405 
VAL   CB  CG1  sing N N 406 
VAL   CB  CG2  sing N N 407 
VAL   CB  HB   sing N N 408 
VAL   CG1 HG11 sing N N 409 
VAL   CG1 HG12 sing N N 410 
VAL   CG1 HG13 sing N N 411 
VAL   CG2 HG21 sing N N 412 
VAL   CG2 HG22 sing N N 413 
VAL   CG2 HG23 sing N N 414 
VAL   OXT HXT  sing N N 415 
# 
_pdbx_audit_support.funding_organization   'Ministry of Science and Technology (MoST, China)' 
_pdbx_audit_support.country                China 
_pdbx_audit_support.grant_number           2022YFE0210600 
_pdbx_audit_support.ordinal                1 
# 
_pdbx_initial_refinement_model.id               1 
_pdbx_initial_refinement_model.entity_id_list   ? 
_pdbx_initial_refinement_model.type             'experimental model' 
_pdbx_initial_refinement_model.source_name      PDB 
_pdbx_initial_refinement_model.accession_code   6v1b 
_pdbx_initial_refinement_model.details          ? 
# 
_atom_sites.entry_id                    9KLA 
_atom_sites.Cartn_transf_matrix[1][1]   ? 
_atom_sites.Cartn_transf_matrix[1][2]   ? 
_atom_sites.Cartn_transf_matrix[1][3]   ? 
_atom_sites.Cartn_transf_matrix[2][1]   ? 
_atom_sites.Cartn_transf_matrix[2][2]   ? 
_atom_sites.Cartn_transf_matrix[2][3]   ? 
_atom_sites.Cartn_transf_matrix[3][1]   ? 
_atom_sites.Cartn_transf_matrix[3][2]   ? 
_atom_sites.Cartn_transf_matrix[3][3]   ? 
_atom_sites.Cartn_transf_vector[1]      ? 
_atom_sites.Cartn_transf_vector[2]      ? 
_atom_sites.Cartn_transf_vector[3]      ? 
_atom_sites.Cartn_transform_axes        ? 
_atom_sites.fract_transf_matrix[1][1]   0.00355441 
_atom_sites.fract_transf_matrix[1][2]   0.01701158 
_atom_sites.fract_transf_matrix[1][3]   -0.00955689 
_atom_sites.fract_transf_matrix[2][1]   0.01142449 
_atom_sites.fract_transf_matrix[2][2]   0.00006711 
_atom_sites.fract_transf_matrix[2][3]   -0.01621186 
_atom_sites.fract_transf_matrix[3][1]   -0.00924345 
_atom_sites.fract_transf_matrix[3][2]   -0.00173209 
_atom_sites.fract_transf_matrix[3][3]   -0.00652102 
_atom_sites.fract_transf_vector[1]      0.283194 
_atom_sites.fract_transf_vector[2]      -0.266800 
_atom_sites.fract_transf_vector[3]      0.168090 
_atom_sites.solution_primary            ? 
_atom_sites.solution_secondary          ? 
_atom_sites.solution_hydrogens          ? 
_atom_sites.special_details             ? 
# 
loop_
_atom_type.symbol 
C 
N 
O 
S 
# 
loop_
_atom_site.group_PDB 
_atom_site.id 
_atom_site.type_symbol 
_atom_site.label_atom_id 
_atom_site.label_alt_id 
_atom_site.label_comp_id 
_atom_site.label_asym_id 
_atom_site.label_entity_id 
_atom_site.label_seq_id 
_atom_site.pdbx_PDB_ins_code 
_atom_site.Cartn_x 
_atom_site.Cartn_y 
_atom_site.Cartn_z 
_atom_site.occupancy 
_atom_site.B_iso_or_equiv 
_atom_site.pdbx_formal_charge 
_atom_site.auth_seq_id 
_atom_site.auth_comp_id 
_atom_site.auth_asym_id 
_atom_site.auth_atom_id 
_atom_site.pdbx_PDB_model_num 
ATOM   1    N N   . ASN   A 1 12  ? 26.981  -14.257 -3.341  1.00 64.10 ? 122 ASN   A N   1 
ATOM   2    C CA  . ASN   A 1 12  ? 26.007  -15.329 -3.726  1.00 64.19 ? 122 ASN   A CA  1 
ATOM   3    C C   . ASN   A 1 12  ? 25.303  -14.929 -5.032  1.00 63.25 ? 122 ASN   A C   1 
ATOM   4    O O   . ASN   A 1 12  ? 24.458  -14.011 -4.994  1.00 66.65 ? 122 ASN   A O   1 
ATOM   5    C CB  . ASN   A 1 12  ? 25.006  -15.607 -2.600  1.00 66.29 ? 122 ASN   A CB  1 
ATOM   6    C CG  . ASN   A 1 12  ? 24.250  -16.906 -2.787  1.00 67.94 ? 122 ASN   A CG  1 
ATOM   7    O OD1 . ASN   A 1 12  ? 23.765  -17.198 -3.877  1.00 71.17 ? 122 ASN   A OD1 1 
ATOM   8    N ND2 . ASN   A 1 12  ? 24.140  -17.689 -1.727  1.00 67.43 ? 122 ASN   A ND2 1 
ATOM   9    N N   . LEU   A 1 13  ? 25.638  -15.604 -6.138  1.00 58.31 ? 123 LEU   A N   1 
ATOM   10   C CA  . LEU   A 1 13  ? 25.193  -15.263 -7.519  1.00 53.85 ? 123 LEU   A CA  1 
ATOM   11   C C   . LEU   A 1 13  ? 24.795  -16.536 -8.275  1.00 50.51 ? 123 LEU   A C   1 
ATOM   12   O O   . LEU   A 1 13  ? 25.133  -17.641 -7.807  1.00 48.76 ? 123 LEU   A O   1 
ATOM   13   C CB  . LEU   A 1 13  ? 26.341  -14.561 -8.250  1.00 53.61 ? 123 LEU   A CB  1 
ATOM   14   C CG  . LEU   A 1 13  ? 26.795  -13.222 -7.667  1.00 53.40 ? 123 LEU   A CG  1 
ATOM   15   C CD1 . LEU   A 1 13  ? 28.221  -12.906 -8.094  1.00 51.94 ? 123 LEU   A CD1 1 
ATOM   16   C CD2 . LEU   A 1 13  ? 25.851  -12.100 -8.078  1.00 52.86 ? 123 LEU   A CD2 1 
ATOM   17   N N   . TYR   A 1 14  ? 24.128  -16.375 -9.421  1.00 48.92 ? 124 TYR   A N   1 
ATOM   18   C CA  . TYR   A 1 14  ? 23.896  -17.448 -10.423 1.00 48.00 ? 124 TYR   A CA  1 
ATOM   19   C C   . TYR   A 1 14  ? 23.855  -16.830 -11.825 1.00 45.78 ? 124 TYR   A C   1 
ATOM   20   O O   . TYR   A 1 14  ? 23.529  -15.631 -11.969 1.00 46.34 ? 124 TYR   A O   1 
ATOM   21   C CB  . TYR   A 1 14  ? 22.621  -18.234 -10.108 1.00 50.33 ? 124 TYR   A CB  1 
ATOM   22   C CG  . TYR   A 1 14  ? 21.340  -17.452 -10.240 1.00 52.20 ? 124 TYR   A CG  1 
ATOM   23   C CD1 . TYR   A 1 14  ? 20.946  -16.563 -9.252  1.00 52.16 ? 124 TYR   A CD1 1 
ATOM   24   C CD2 . TYR   A 1 14  ? 20.509  -17.610 -11.339 1.00 51.68 ? 124 TYR   A CD2 1 
ATOM   25   C CE1 . TYR   A 1 14  ? 19.768  -15.842 -9.359  1.00 54.61 ? 124 TYR   A CE1 1 
ATOM   26   C CE2 . TYR   A 1 14  ? 19.329  -16.896 -11.461 1.00 53.09 ? 124 TYR   A CE2 1 
ATOM   27   C CZ  . TYR   A 1 14  ? 18.956  -16.008 -10.466 1.00 54.04 ? 124 TYR   A CZ  1 
ATOM   28   O OH  . TYR   A 1 14  ? 17.796  -15.298 -10.569 1.00 56.54 ? 124 TYR   A OH  1 
ATOM   29   N N   . PHE   A 1 15  ? 24.192  -17.637 -12.830 1.00 42.67 ? 125 PHE   A N   1 
ATOM   30   C CA  . PHE   A 1 15  ? 24.251  -17.230 -14.257 1.00 41.60 ? 125 PHE   A CA  1 
ATOM   31   C C   . PHE   A 1 15  ? 23.079  -17.871 -15.005 1.00 42.27 ? 125 PHE   A C   1 
ATOM   32   O O   . PHE   A 1 15  ? 22.944  -19.105 -14.955 1.00 41.66 ? 125 PHE   A O   1 
ATOM   33   C CB  . PHE   A 1 15  ? 25.600  -17.629 -14.859 1.00 40.78 ? 125 PHE   A CB  1 
ATOM   34   C CG  . PHE   A 1 15  ? 25.927  -16.925 -16.149 1.00 39.19 ? 125 PHE   A CG  1 
ATOM   35   C CD1 . PHE   A 1 15  ? 26.438  -15.637 -16.140 1.00 39.59 ? 125 PHE   A CD1 1 
ATOM   36   C CD2 . PHE   A 1 15  ? 25.717  -17.547 -17.370 1.00 38.82 ? 125 PHE   A CD2 1 
ATOM   37   C CE1 . PHE   A 1 15  ? 26.741  -14.987 -17.327 1.00 39.37 ? 125 PHE   A CE1 1 
ATOM   38   C CE2 . PHE   A 1 15  ? 26.018  -16.893 -18.555 1.00 37.04 ? 125 PHE   A CE2 1 
ATOM   39   C CZ  . PHE   A 1 15  ? 26.533  -15.618 -18.531 1.00 37.43 ? 125 PHE   A CZ  1 
ATOM   40   N N   . GLN   A 1 16  ? 22.265  -17.052 -15.675 1.00 41.83 ? 126 GLN   A N   1 
ATOM   41   C CA  . GLN   A 1 16  ? 21.058  -17.498 -16.419 1.00 43.67 ? 126 GLN   A CA  1 
ATOM   42   C C   . GLN   A 1 16  ? 20.786  -16.539 -17.582 1.00 40.92 ? 126 GLN   A C   1 
ATOM   43   O O   . GLN   A 1 16  ? 20.798  -15.316 -17.353 1.00 41.10 ? 126 GLN   A O   1 
ATOM   44   C CB  . GLN   A 1 16  ? 19.845  -17.554 -15.487 1.00 47.43 ? 126 GLN   A CB  1 
ATOM   45   C CG  . GLN   A 1 16  ? 18.575  -18.048 -16.169 1.00 49.94 ? 126 GLN   A CG  1 
ATOM   46   C CD  . GLN   A 1 16  ? 17.410  -18.180 -15.218 1.00 52.45 ? 126 GLN   A CD  1 
ATOM   47   O OE1 . GLN   A 1 16  ? 16.594  -19.095 -15.330 1.00 53.57 ? 126 GLN   A OE1 1 
ATOM   48   N NE2 . GLN   A 1 16  ? 17.317  -17.258 -14.273 1.00 54.82 ? 126 GLN   A NE2 1 
ATOM   49   N N   . GLY   A 1 17  ? 20.517  -17.093 -18.768 1.00 40.01 ? 127 GLY   A N   1 
ATOM   50   C CA  . GLY   A 1 17  ? 20.182  -16.348 -19.997 1.00 37.97 ? 127 GLY   A CA  1 
ATOM   51   C C   . GLY   A 1 17  ? 21.283  -15.377 -20.396 1.00 35.54 ? 127 GLY   A C   1 
ATOM   52   O O   . GLY   A 1 17  ? 20.957  -14.362 -21.031 1.00 34.74 ? 127 GLY   A O   1 
ATOM   53   N N   . GLY   A 1 18  ? 22.537  -15.684 -20.050 1.00 34.10 ? 128 GLY   A N   1 
ATOM   54   C CA  . GLY   A 1 18  ? 23.714  -14.851 -20.368 1.00 33.82 ? 128 GLY   A CA  1 
ATOM   55   C C   . GLY   A 1 18  ? 23.895  -13.677 -19.411 1.00 33.78 ? 128 GLY   A C   1 
ATOM   56   O O   . GLY   A 1 18  ? 24.698  -12.778 -19.735 1.00 32.08 ? 128 GLY   A O   1 
ATOM   57   N N   . SER   A 1 19  ? 23.204  -13.665 -18.266 1.00 35.70 ? 129 SER   A N   1 
ATOM   58   C CA  . SER   A 1 19  ? 23.306  -12.574 -17.260 1.00 37.88 ? 129 SER   A CA  1 
ATOM   59   C C   . SER   A 1 19  ? 23.654  -13.132 -15.875 1.00 38.26 ? 129 SER   A C   1 
ATOM   60   O O   . SER   A 1 19  ? 23.141  -14.213 -15.499 1.00 36.50 ? 129 SER   A O   1 
ATOM   61   C CB  . SER   A 1 19  ? 22.054  -11.720 -17.225 1.00 40.95 ? 129 SER   A CB  1 
ATOM   62   O OG  . SER   A 1 19  ? 20.958  -12.374 -17.844 1.00 45.11 ? 129 SER   A OG  1 
ATOM   63   N N   . LEU   A 1 20  ? 24.507  -12.399 -15.155 1.00 39.02 ? 130 LEU   A N   1 
ATOM   64   C CA  . LEU   A 1 20  ? 24.830  -12.616 -13.721 1.00 42.66 ? 130 LEU   A CA  1 
ATOM   65   C C   . LEU   A 1 20  ? 23.718  -11.985 -12.876 1.00 44.71 ? 130 LEU   A C   1 
ATOM   66   O O   . LEU   A 1 20  ? 23.384  -10.814 -13.141 1.00 43.41 ? 130 LEU   A O   1 
ATOM   67   C CB  . LEU   A 1 20  ? 26.192  -11.980 -13.436 1.00 43.55 ? 130 LEU   A CB  1 
ATOM   68   C CG  . LEU   A 1 20  ? 26.911  -12.490 -12.191 1.00 45.66 ? 130 LEU   A CG  1 
ATOM   69   C CD1 . LEU   A 1 20  ? 27.348  -13.938 -12.381 1.00 45.74 ? 130 LEU   A CD1 1 
ATOM   70   C CD2 . LEU   A 1 20  ? 28.104  -11.600 -11.863 1.00 46.13 ? 130 LEU   A CD2 1 
ATOM   71   N N   . LYS   A 1 21  ? 23.161  -12.737 -11.918 1.00 48.20 ? 131 LYS   A N   1 
ATOM   72   C CA  . LYS   A 1 21  ? 21.935  -12.365 -11.153 1.00 52.44 ? 131 LYS   A CA  1 
ATOM   73   C C   . LYS   A 1 21  ? 22.112  -12.685 -9.663  1.00 54.27 ? 131 LYS   A C   1 
ATOM   74   O O   . LYS   A 1 21  ? 23.097  -13.374 -9.321  1.00 51.15 ? 131 LYS   A O   1 
ATOM   75   C CB  . LYS   A 1 21  ? 20.719  -13.130 -11.688 1.00 54.55 ? 131 LYS   A CB  1 
ATOM   76   C CG  . LYS   A 1 21  ? 20.373  -12.896 -13.153 1.00 56.62 ? 131 LYS   A CG  1 
ATOM   77   C CD  . LYS   A 1 21  ? 19.420  -13.939 -13.705 1.00 58.15 ? 131 LYS   A CD  1 
ATOM   78   C CE  . LYS   A 1 21  ? 18.959  -13.649 -15.118 1.00 59.86 ? 131 LYS   A CE  1 
ATOM   79   N NZ  . LYS   A 1 21  ? 17.887  -12.624 -15.147 1.00 60.95 ? 131 LYS   A NZ  1 
ATOM   80   N N   . LEU   A 1 22  ? 21.155  -12.227 -8.839  1.00 58.55 ? 132 LEU   A N   1 
ATOM   81   C CA  . LEU   A 1 22  ? 21.092  -12.358 -7.351  1.00 60.05 ? 132 LEU   A CA  1 
ATOM   82   C C   . LEU   A 1 22  ? 22.052  -11.342 -6.719  1.00 62.03 ? 132 LEU   A C   1 
ATOM   83   O O   . LEU   A 1 22  ? 21.662  -10.161 -6.650  1.00 62.12 ? 132 LEU   A O   1 
ATOM   84   C CB  . LEU   A 1 22  ? 21.438  -13.787 -6.918  1.00 62.10 ? 132 LEU   A CB  1 
ATOM   85   C CG  . LEU   A 1 22  ? 20.573  -14.381 -5.804  1.00 62.11 ? 132 LEU   A CG  1 
ATOM   86   C CD1 . LEU   A 1 22  ? 20.985  -15.816 -5.514  1.00 62.10 ? 132 LEU   A CD1 1 
ATOM   87   C CD2 . LEU   A 1 22  ? 20.642  -13.540 -4.537  1.00 62.23 ? 132 LEU   A CD2 1 
ATOM   88   N N   . SER   A 1 28  ? 11.424  -10.025 -8.889  1.00 46.53 ? 138 SER   A N   1 
ATOM   89   C CA  . SER   A 1 28  ? 10.197  -9.270  -8.510  1.00 45.51 ? 138 SER   A CA  1 
ATOM   90   C C   . SER   A 1 28  ? 8.963   -10.163 -8.699  1.00 41.08 ? 138 SER   A C   1 
ATOM   91   O O   . SER   A 1 28  ? 8.573   -10.408 -9.853  1.00 40.30 ? 138 SER   A O   1 
ATOM   92   C CB  . SER   A 1 28  ? 10.081  -7.992  -9.294  1.00 48.16 ? 138 SER   A CB  1 
ATOM   93   O OG  . SER   A 1 28  ? 9.019   -7.191  -8.796  1.00 49.15 ? 138 SER   A OG  1 
ATOM   94   N N   . THR   A 1 29  ? 8.378   -10.627 -7.595  1.00 36.73 ? 139 THR   A N   1 
ATOM   95   C CA  . THR   A 1 29  ? 7.292   -11.640 -7.561  1.00 35.10 ? 139 THR   A CA  1 
ATOM   96   C C   . THR   A 1 29  ? 5.982   -11.002 -8.015  1.00 32.41 ? 139 THR   A C   1 
ATOM   97   O O   . THR   A 1 29  ? 5.859   -9.776  -8.027  1.00 30.18 ? 139 THR   A O   1 
ATOM   98   C CB  . THR   A 1 29  ? 7.156   -12.252 -6.161  1.00 35.66 ? 139 THR   A CB  1 
ATOM   99   O OG1 . THR   A 1 29  ? 6.688   -11.225 -5.287  1.00 34.70 ? 139 THR   A OG1 1 
ATOM   100  C CG2 . THR   A 1 29  ? 8.452   -12.843 -5.645  1.00 36.89 ? 139 THR   A CG2 1 
ATOM   101  N N   . PRO   A 1 30  ? 4.973   -11.807 -8.420  1.00 30.37 ? 140 PRO   A N   1 
ATOM   102  C CA  . PRO   A 1 30  ? 3.676   -11.269 -8.826  1.00 30.24 ? 140 PRO   A CA  1 
ATOM   103  C C   . PRO   A 1 30  ? 3.049   -10.344 -7.769  1.00 28.86 ? 140 PRO   A C   1 
ATOM   104  O O   . PRO   A 1 30  ? 2.618   -9.275  -8.140  1.00 27.11 ? 140 PRO   A O   1 
ATOM   105  C CB  . PRO   A 1 30  ? 2.822   -12.525 -9.059  1.00 31.11 ? 140 PRO   A CB  1 
ATOM   106  C CG  . PRO   A 1 30  ? 3.831   -13.593 -9.426  1.00 31.52 ? 140 PRO   A CG  1 
ATOM   107  C CD  . PRO   A 1 30  ? 5.040   -13.271 -8.572  1.00 31.85 ? 140 PRO   A CD  1 
ATOM   108  N N   . ILE   A 1 31  ? 3.023   -10.760 -6.499  1.00 28.20 ? 141 ILE   A N   1 
ATOM   109  C CA  . ILE   A 1 31  ? 2.439   -9.944  -5.390  1.00 29.20 ? 141 ILE   A CA  1 
ATOM   110  C C   . ILE   A 1 31  ? 3.214   -8.626  -5.272  1.00 27.72 ? 141 ILE   A C   1 
ATOM   111  O O   . ILE   A 1 31  ? 2.555   -7.590  -5.085  1.00 25.45 ? 141 ILE   A O   1 
ATOM   112  C CB  . ILE   A 1 31  ? 2.373   -10.701 -4.047  1.00 31.21 ? 141 ILE   A CB  1 
ATOM   113  C CG1 . ILE   A 1 31  ? 1.581   -9.882  -3.023  1.00 33.37 ? 141 ILE   A CG1 1 
ATOM   114  C CG2 . ILE   A 1 31  ? 3.762   -11.068 -3.534  1.00 32.82 ? 141 ILE   A CG2 1 
ATOM   115  C CD1 . ILE   A 1 31  ? 1.238   -10.622 -1.755  1.00 34.55 ? 141 ILE   A CD1 1 
ATOM   116  N N   . GLN   A 1 32  ? 4.548   -8.648  -5.378  1.00 27.35 ? 142 GLN   A N   1 
ATOM   117  C CA  . GLN   A 1 32  ? 5.384   -7.416  -5.335  1.00 28.43 ? 142 GLN   A CA  1 
ATOM   118  C C   . GLN   A 1 32  ? 4.961   -6.485  -6.477  1.00 27.39 ? 142 GLN   A C   1 
ATOM   119  O O   . GLN   A 1 32  ? 4.811   -5.272  -6.223  1.00 26.29 ? 142 GLN   A O   1 
ATOM   120  C CB  . GLN   A 1 32  ? 6.879   -7.736  -5.425  1.00 29.92 ? 142 GLN   A CB  1 
ATOM   121  C CG  . GLN   A 1 32  ? 7.472   -8.234  -4.117  1.00 31.43 ? 142 GLN   A CG  1 
ATOM   122  C CD  . GLN   A 1 32  ? 8.924   -8.612  -4.273  1.00 35.08 ? 142 GLN   A CD  1 
ATOM   123  O OE1 . GLN   A 1 32  ? 9.265   -9.542  -5.002  1.00 34.87 ? 142 GLN   A OE1 1 
ATOM   124  N NE2 . GLN   A 1 32  ? 9.794   -7.880  -3.590  1.00 33.85 ? 142 GLN   A NE2 1 
ATOM   125  N N   . GLN   A 1 33  ? 4.768   -7.029  -7.684  1.00 26.53 ? 143 GLN   A N   1 
ATOM   126  C CA  . GLN   A 1 33  ? 4.369   -6.231  -8.875  1.00 26.82 ? 143 GLN   A CA  1 
ATOM   127  C C   . GLN   A 1 33  ? 2.995   -5.614  -8.614  1.00 25.21 ? 143 GLN   A C   1 
ATOM   128  O O   . GLN   A 1 33  ? 2.825   -4.418  -8.895  1.00 25.65 ? 143 GLN   A O   1 
ATOM   129  C CB  . GLN   A 1 33  ? 4.373   -7.090  -10.140 1.00 28.42 ? 143 GLN   A CB  1 
ATOM   130  C CG  . GLN   A 1 33  ? 5.783   -7.460  -10.578 1.00 30.27 ? 143 GLN   A CG  1 
ATOM   131  C CD  . GLN   A 1 33  ? 5.817   -8.330  -11.807 1.00 32.23 ? 143 GLN   A CD  1 
ATOM   132  O OE1 . GLN   A 1 33  ? 6.376   -9.428  -11.795 1.00 34.49 ? 143 GLN   A OE1 1 
ATOM   133  N NE2 . GLN   A 1 33  ? 5.232   -7.831  -12.882 1.00 31.85 ? 143 GLN   A NE2 1 
ATOM   134  N N   . LEU   A 1 34  ? 2.062   -6.397  -8.076  1.00 23.77 ? 144 LEU   A N   1 
ATOM   135  C CA  . LEU   A 1 34  ? 0.671   -5.938  -7.839  1.00 24.06 ? 144 LEU   A CA  1 
ATOM   136  C C   . LEU   A 1 34  ? 0.682   -4.834  -6.780  1.00 23.57 ? 144 LEU   A C   1 
ATOM   137  O O   . LEU   A 1 34  ? 0.020   -3.798  -6.996  1.00 22.96 ? 144 LEU   A O   1 
ATOM   138  C CB  . LEU   A 1 34  ? -0.195  -7.122  -7.403  1.00 25.69 ? 144 LEU   A CB  1 
ATOM   139  C CG  . LEU   A 1 34  ? -1.662  -6.788  -7.140  1.00 26.31 ? 144 LEU   A CG  1 
ATOM   140  C CD1 . LEU   A 1 34  ? -2.345  -6.311  -8.410  1.00 27.03 ? 144 LEU   A CD1 1 
ATOM   141  C CD2 . LEU   A 1 34  ? -2.387  -7.986  -6.554  1.00 27.63 ? 144 LEU   A CD2 1 
ATOM   142  N N   . LEU   A 1 35  ? 1.404   -5.040  -5.677  1.00 23.56 ? 145 LEU   A N   1 
ATOM   143  C CA  . LEU   A 1 35  ? 1.333   -4.126  -4.511  1.00 23.96 ? 145 LEU   A CA  1 
ATOM   144  C C   . LEU   A 1 35  ? 2.079   -2.830  -4.838  1.00 24.08 ? 145 LEU   A C   1 
ATOM   145  O O   . LEU   A 1 35  ? 1.599   -1.771  -4.402  1.00 22.54 ? 145 LEU   A O   1 
ATOM   146  C CB  . LEU   A 1 35  ? 1.890   -4.813  -3.261  1.00 24.67 ? 145 LEU   A CB  1 
ATOM   147  C CG  . LEU   A 1 35  ? 1.101   -6.021  -2.755  1.00 24.72 ? 145 LEU   A CG  1 
ATOM   148  C CD1 . LEU   A 1 35  ? 1.626   -6.465  -1.404  1.00 25.53 ? 145 LEU   A CD1 1 
ATOM   149  C CD2 . LEU   A 1 35  ? -0.392  -5.729  -2.678  1.00 25.02 ? 145 LEU   A CD2 1 
ATOM   150  N N   . GLU   A 1 36  ? 3.177   -2.904  -5.598  1.00 23.81 ? 146 GLU   A N   1 
ATOM   151  C CA  . GLU   A 1 36  ? 3.930   -1.702  -6.042  1.00 25.88 ? 146 GLU   A CA  1 
ATOM   152  C C   . GLU   A 1 36  ? 2.978   -0.819  -6.857  1.00 24.24 ? 146 GLU   A C   1 
ATOM   153  O O   . GLU   A 1 36  ? 2.958   0.411   -6.649  1.00 23.16 ? 146 GLU   A O   1 
ATOM   154  C CB  . GLU   A 1 36  ? 5.167   -2.088  -6.854  1.00 29.35 ? 146 GLU   A CB  1 
ATOM   155  C CG  . GLU   A 1 36  ? 5.964   -0.889  -7.331  1.00 34.11 ? 146 GLU   A CG  1 
ATOM   156  C CD  . GLU   A 1 36  ? 7.161   -1.214  -8.208  1.00 38.36 ? 146 GLU   A CD  1 
ATOM   157  O OE1 . GLU   A 1 36  ? 8.014   -2.004  -7.761  1.00 43.72 ? 146 GLU   A OE1 1 
ATOM   158  O OE2 . GLU   A 1 36  ? 7.234   -0.677  -9.336  1.00 39.78 ? 146 GLU   A OE2 1 
ATOM   159  N N   . HIS   A 1 37  ? 2.198   -1.432  -7.744  1.00 23.07 ? 147 HIS   A N   1 
ATOM   160  C CA  . HIS   A 1 37  ? 1.223   -0.707  -8.595  1.00 23.63 ? 147 HIS   A CA  1 
ATOM   161  C C   . HIS   A 1 37  ? 0.201   0.003   -7.698  1.00 23.46 ? 147 HIS   A C   1 
ATOM   162  O O   . HIS   A 1 37  ? 0.039   1.227   -7.845  1.00 21.64 ? 147 HIS   A O   1 
ATOM   163  C CB  . HIS   A 1 37  ? 0.537   -1.629  -9.604  1.00 24.72 ? 147 HIS   A CB  1 
ATOM   164  C CG  . HIS   A 1 37  ? -0.630  -0.954  -10.232 1.00 24.73 ? 147 HIS   A CG  1 
ATOM   165  N ND1 . HIS   A 1 37  ? -0.485  -0.062  -11.273 1.00 25.42 ? 147 HIS   A ND1 1 
ATOM   166  C CD2 . HIS   A 1 37  ? -1.942  -0.971  -9.918  1.00 25.13 ? 147 HIS   A CD2 1 
ATOM   167  C CE1 . HIS   A 1 37  ? -1.668  0.415   -11.602 1.00 25.26 ? 147 HIS   A CE1 1 
ATOM   168  N NE2 . HIS   A 1 37  ? -2.577  -0.122  -10.780 1.00 24.84 ? 147 HIS   A NE2 1 
ATOM   169  N N   . PHE   A 1 38  ? -0.454  -0.722  -6.792  1.00 22.20 ? 148 PHE   A N   1 
ATOM   170  C CA  . PHE   A 1 38  ? -1.533  -0.147  -5.949  1.00 23.45 ? 148 PHE   A CA  1 
ATOM   171  C C   . PHE   A 1 38  ? -0.959  0.913   -5.003  1.00 21.46 ? 148 PHE   A C   1 
ATOM   172  O O   . PHE   A 1 38  ? -1.621  1.950   -4.806  1.00 21.16 ? 148 PHE   A O   1 
ATOM   173  C CB  . PHE   A 1 38  ? -2.342  -1.249  -5.266  1.00 26.02 ? 148 PHE   A CB  1 
ATOM   174  C CG  . PHE   A 1 38  ? -3.381  -1.852  -6.179  1.00 26.65 ? 148 PHE   A CG  1 
ATOM   175  C CD1 . PHE   A 1 38  ? -4.375  -1.060  -6.733  1.00 28.95 ? 148 PHE   A CD1 1 
ATOM   176  C CD2 . PHE   A 1 38  ? -3.351  -3.194  -6.515  1.00 30.36 ? 148 PHE   A CD2 1 
ATOM   177  C CE1 . PHE   A 1 38  ? -5.323  -1.604  -7.587  1.00 29.91 ? 148 PHE   A CE1 1 
ATOM   178  C CE2 . PHE   A 1 38  ? -4.301  -3.734  -7.367  1.00 30.44 ? 148 PHE   A CE2 1 
ATOM   179  C CZ  . PHE   A 1 38  ? -5.283  -2.941  -7.904  1.00 29.55 ? 148 PHE   A CZ  1 
ATOM   180  N N   . LEU   A 1 39  ? 0.238   0.703   -4.457  1.00 20.54 ? 149 LEU   A N   1 
ATOM   181  C CA  . LEU   A 1 39  ? 0.840   1.695   -3.530  1.00 21.17 ? 149 LEU   A CA  1 
ATOM   182  C C   . LEU   A 1 39  ? 1.070   3.016   -4.278  1.00 20.64 ? 149 LEU   A C   1 
ATOM   183  O O   . LEU   A 1 39  ? 0.746   4.063   -3.712  1.00 20.05 ? 149 LEU   A O   1 
ATOM   184  C CB  . LEU   A 1 39  ? 2.145   1.172   -2.929  1.00 21.83 ? 149 LEU   A CB  1 
ATOM   185  C CG  . LEU   A 1 39  ? 2.715   2.048   -1.812  1.00 22.20 ? 149 LEU   A CG  1 
ATOM   186  C CD1 . LEU   A 1 39  ? 1.711   2.213   -0.679  1.00 23.10 ? 149 LEU   A CD1 1 
ATOM   187  C CD2 . LEU   A 1 39  ? 4.014   1.475   -1.282  1.00 23.77 ? 149 LEU   A CD2 1 
ATOM   188  N N   . ARG   A 1 40  ? 1.579   2.977   -5.511  1.00 21.46 ? 150 ARG   A N   1 
ATOM   189  C CA  . ARG   A 1 40  ? 1.810   4.218   -6.299  1.00 22.92 ? 150 ARG   A CA  1 
ATOM   190  C C   . ARG   A 1 40  ? 0.470   4.941   -6.492  1.00 22.22 ? 150 ARG   A C   1 
ATOM   191  O O   . ARG   A 1 40  ? 0.438   6.178   -6.346  1.00 21.76 ? 150 ARG   A O   1 
ATOM   192  C CB  . ARG   A 1 40  ? 2.488   3.926   -7.640  1.00 25.79 ? 150 ARG   A CB  1 
ATOM   193  C CG  . ARG   A 1 40  ? 2.765   5.175   -8.469  1.00 28.22 ? 150 ARG   A CG  1 
ATOM   194  C CD  . ARG   A 1 40  ? 3.891   4.959   -9.465  1.00 32.26 ? 150 ARG   A CD  1 
ATOM   195  N NE  . ARG   A 1 40  ? 3.674   3.639   -9.995  1.00 37.47 ? 150 ARG   A NE  1 
ATOM   196  C CZ  . ARG   A 1 40  ? 4.502   2.603   -9.933  1.00 34.75 ? 150 ARG   A CZ  1 
ATOM   197  N NH1 . ARG   A 1 40  ? 5.733   2.701   -9.460  1.00 36.12 ? 150 ARG   A NH1 1 
ATOM   198  N NH2 . ARG   A 1 40  ? 4.083   1.460   -10.425 1.00 35.94 ? 150 ARG   A NH2 1 
ATOM   199  N N   . GLN   A 1 41  ? -0.604  4.205   -6.793  1.00 22.72 ? 151 GLN   A N   1 
ATOM   200  C CA  . GLN   A 1 41  ? -1.942  4.797   -7.059  1.00 22.49 ? 151 GLN   A CA  1 
ATOM   201  C C   . GLN   A 1 41  ? -2.520  5.382   -5.765  1.00 22.03 ? 151 GLN   A C   1 
ATOM   202  O O   . GLN   A 1 41  ? -3.128  6.471   -5.828  1.00 22.52 ? 151 GLN   A O   1 
ATOM   203  C CB  . GLN   A 1 41  ? -2.869  3.756   -7.687  1.00 23.05 ? 151 GLN   A CB  1 
ATOM   204  C CG  . GLN   A 1 41  ? -2.414  3.327   -9.072  1.00 23.57 ? 151 GLN   A CG  1 
ATOM   205  C CD  . GLN   A 1 41  ? -2.215  4.491   -10.012 1.00 24.33 ? 151 GLN   A CD  1 
ATOM   206  O OE1 . GLN   A 1 41  ? -3.089  5.338   -10.182 1.00 25.48 ? 151 GLN   A OE1 1 
ATOM   207  N NE2 . GLN   A 1 41  ? -1.051  4.543   -10.635 1.00 25.40 ? 151 GLN   A NE2 1 
ATOM   208  N N   . LEU   A 1 42  ? -2.345  4.704   -4.628  1.00 22.50 ? 152 LEU   A N   1 
ATOM   209  C CA  . LEU   A 1 42  ? -2.844  5.221   -3.324  1.00 21.82 ? 152 LEU   A CA  1 
ATOM   210  C C   . LEU   A 1 42  ? -2.059  6.484   -2.929  1.00 21.50 ? 152 LEU   A C   1 
ATOM   211  O O   . LEU   A 1 42  ? -2.697  7.436   -2.436  1.00 20.91 ? 152 LEU   A O   1 
ATOM   212  C CB  . LEU   A 1 42  ? -2.754  4.129   -2.254  1.00 23.07 ? 152 LEU   A CB  1 
ATOM   213  C CG  . LEU   A 1 42  ? -3.699  2.944   -2.458  1.00 24.18 ? 152 LEU   A CG  1 
ATOM   214  C CD1 . LEU   A 1 42  ? -3.381  1.819   -1.482  1.00 25.02 ? 152 LEU   A CD1 1 
ATOM   215  C CD2 . LEU   A 1 42  ? -5.154  3.379   -2.339  1.00 25.02 ? 152 LEU   A CD2 1 
ATOM   216  N N   . GLN   A 1 43  ? -0.743  6.537   -3.176  1.00 21.32 ? 153 GLN   A N   1 
ATOM   217  C CA  . GLN   A 1 43  ? 0.099   7.706   -2.787  1.00 21.94 ? 153 GLN   A CA  1 
ATOM   218  C C   . GLN   A 1 43  ? -0.272  8.913   -3.651  1.00 22.12 ? 153 GLN   A C   1 
ATOM   219  O O   . GLN   A 1 43  ? -0.134  10.045  -3.166  1.00 20.46 ? 153 GLN   A O   1 
ATOM   220  C CB  . GLN   A 1 43  ? 1.590   7.384   -2.871  1.00 22.33 ? 153 GLN   A CB  1 
ATOM   221  C CG  . GLN   A 1 43  ? 2.021   6.403   -1.791  1.00 24.08 ? 153 GLN   A CG  1 
ATOM   222  C CD  . GLN   A 1 43  ? 3.488   6.488   -1.456  1.00 25.63 ? 153 GLN   A CD  1 
ATOM   223  O OE1 . GLN   A 1 43  ? 4.265   5.623   -1.841  1.00 28.63 ? 153 GLN   A OE1 1 
ATOM   224  N NE2 . GLN   A 1 43  ? 3.870   7.524   -0.722  1.00 23.97 ? 153 GLN   A NE2 1 
ATOM   225  N N   . ARG   A 1 44  ? -0.773  8.681   -4.866  1.00 22.41 ? 154 ARG   A N   1 
ATOM   226  C CA  . ARG   A 1 44  ? -1.267  9.769   -5.750  1.00 22.83 ? 154 ARG   A CA  1 
ATOM   227  C C   . ARG   A 1 44  ? -2.477  10.477  -5.130  1.00 22.75 ? 154 ARG   A C   1 
ATOM   228  O O   . ARG   A 1 44  ? -2.718  11.635  -5.510  1.00 23.05 ? 154 ARG   A O   1 
ATOM   229  C CB  . ARG   A 1 44  ? -1.593  9.221   -7.135  1.00 23.62 ? 154 ARG   A CB  1 
ATOM   230  C CG  . ARG   A 1 44  ? -0.348  9.002   -7.975  1.00 24.29 ? 154 ARG   A CG  1 
ATOM   231  C CD  . ARG   A 1 44  ? -0.692  8.570   -9.378  1.00 25.46 ? 154 ARG   A CD  1 
ATOM   232  N NE  . ARG   A 1 44  ? 0.527   8.514   -10.164 1.00 26.48 ? 154 ARG   A NE  1 
ATOM   233  C CZ  . ARG   A 1 44  ? 0.568   8.487   -11.489 1.00 28.21 ? 154 ARG   A CZ  1 
ATOM   234  N NH1 . ARG   A 1 44  ? 1.736   8.440   -12.111 1.00 27.86 ? 154 ARG   A NH1 1 
ATOM   235  N NH2 . ARG   A 1 44  ? -0.554  8.519   -12.188 1.00 27.40 ? 154 ARG   A NH2 1 
ATOM   236  N N   . LYS   A 1 45  ? -3.202  9.830   -4.215  1.00 22.30 ? 155 LYS   A N   1 
ATOM   237  C CA  . LYS   A 1 45  ? -4.338  10.453  -3.480  1.00 23.66 ? 155 LYS   A CA  1 
ATOM   238  C C   . LYS   A 1 45  ? -3.812  11.402  -2.391  1.00 23.94 ? 155 LYS   A C   1 
ATOM   239  O O   . LYS   A 1 45  ? -4.628  12.157  -1.845  1.00 22.07 ? 155 LYS   A O   1 
ATOM   240  C CB  . LYS   A 1 45  ? -5.241  9.373   -2.881  1.00 25.84 ? 155 LYS   A CB  1 
ATOM   241  C CG  . LYS   A 1 45  ? -5.902  8.467   -3.908  1.00 27.68 ? 155 LYS   A CG  1 
ATOM   242  C CD  . LYS   A 1 45  ? -6.691  7.330   -3.301  1.00 32.02 ? 155 LYS   A CD  1 
ATOM   243  C CE  . LYS   A 1 45  ? -7.239  6.379   -4.345  1.00 34.60 ? 155 LYS   A CE  1 
ATOM   244  N NZ  . LYS   A 1 45  ? -8.184  7.057   -5.266  1.00 37.64 ? 155 LYS   A NZ  1 
ATOM   245  N N   . ASP   A 1 46  ? -2.503  11.369  -2.118  1.00 22.89 ? 156 ASP   A N   1 
ATOM   246  C CA  . ASP   A 1 46  ? -1.822  12.108  -1.024  1.00 23.51 ? 156 ASP   A CA  1 
ATOM   247  C C   . ASP   A 1 46  ? -0.680  12.922  -1.628  1.00 24.49 ? 156 ASP   A C   1 
ATOM   248  O O   . ASP   A 1 46  ? 0.490   12.666  -1.349  1.00 25.32 ? 156 ASP   A O   1 
ATOM   249  C CB  . ASP   A 1 46  ? -1.342  11.117  0.044   1.00 23.72 ? 156 ASP   A CB  1 
ATOM   250  C CG  . ASP   A 1 46  ? -0.517  11.742  1.157   1.00 23.89 ? 156 ASP   A CG  1 
ATOM   251  O OD1 . ASP   A 1 46  ? -0.856  12.884  1.576   1.00 23.96 ? 156 ASP   A OD1 1 
ATOM   252  O OD2 . ASP   A 1 46  ? 0.464   11.087  1.598   1.00 23.15 ? 156 ASP   A OD2 1 
ATOM   253  N N   . PRO   A 1 47  ? -0.966  13.898  -2.520  1.00 24.50 ? 157 PRO   A N   1 
ATOM   254  C CA  . PRO   A 1 47  ? 0.094   14.622  -3.222  1.00 25.68 ? 157 PRO   A CA  1 
ATOM   255  C C   . PRO   A 1 47  ? 1.054   15.398  -2.304  1.00 25.96 ? 157 PRO   A C   1 
ATOM   256  O O   . PRO   A 1 47  ? 2.187   15.618  -2.702  1.00 25.74 ? 157 PRO   A O   1 
ATOM   257  C CB  . PRO   A 1 47  ? -0.687  15.580  -4.142  1.00 25.67 ? 157 PRO   A CB  1 
ATOM   258  C CG  . PRO   A 1 47  ? -2.025  15.741  -3.471  1.00 26.83 ? 157 PRO   A CG  1 
ATOM   259  C CD  . PRO   A 1 47  ? -2.310  14.373  -2.890  1.00 25.67 ? 157 PRO   A CD  1 
ATOM   260  N N   . HIS   A 1 48  ? 0.615   15.771  -1.097  1.00 25.37 ? 158 HIS   A N   1 
ATOM   261  C CA  . HIS   A 1 48  ? 1.426   16.556  -0.124  1.00 26.11 ? 158 HIS   A CA  1 
ATOM   262  C C   . HIS   A 1 48  ? 2.309   15.651  0.746   1.00 24.78 ? 158 HIS   A C   1 
ATOM   263  O O   . HIS   A 1 48  ? 3.139   16.195  1.491   1.00 24.27 ? 158 HIS   A O   1 
ATOM   264  C CB  . HIS   A 1 48  ? 0.513   17.441  0.725   1.00 28.26 ? 158 HIS   A CB  1 
ATOM   265  C CG  . HIS   A 1 48  ? -0.280  18.397  -0.096  1.00 30.63 ? 158 HIS   A CG  1 
ATOM   266  N ND1 . HIS   A 1 48  ? 0.313   19.434  -0.783  1.00 35.17 ? 158 HIS   A ND1 1 
ATOM   267  C CD2 . HIS   A 1 48  ? -1.599  18.460  -0.372  1.00 33.76 ? 158 HIS   A CD2 1 
ATOM   268  C CE1 . HIS   A 1 48  ? -0.613  20.107  -1.441  1.00 37.14 ? 158 HIS   A CE1 1 
ATOM   269  N NE2 . HIS   A 1 48  ? -1.796  19.528  -1.205  1.00 35.06 ? 158 HIS   A NE2 1 
ATOM   270  N N   . GLY   A 1 49  ? 2.140   14.328  0.674   1.00 23.41 ? 159 GLY   A N   1 
ATOM   271  C CA  . GLY   A 1 49  ? 2.990   13.375  1.408   1.00 22.39 ? 159 GLY   A CA  1 
ATOM   272  C C   . GLY   A 1 49  ? 2.669   13.318  2.893   1.00 21.58 ? 159 GLY   A C   1 
ATOM   273  O O   . GLY   A 1 49  ? 3.567   12.943  3.677   1.00 22.20 ? 159 GLY   A O   1 
ATOM   274  N N   . PHE   A 1 50  ? 1.425   13.605  3.284   1.00 21.00 ? 160 PHE   A N   1 
ATOM   275  C CA  . PHE   A 1 50  ? 0.977   13.541  4.701   1.00 21.48 ? 160 PHE   A CA  1 
ATOM   276  C C   . PHE   A 1 50  ? 1.110   12.106  5.223   1.00 21.13 ? 160 PHE   A C   1 
ATOM   277  O O   . PHE   A 1 50  ? 1.429   11.920  6.416   1.00 20.69 ? 160 PHE   A O   1 
ATOM   278  C CB  . PHE   A 1 50  ? -0.466  14.022  4.851   1.00 21.91 ? 160 PHE   A CB  1 
ATOM   279  C CG  . PHE   A 1 50  ? -0.723  15.447  4.430   1.00 21.79 ? 160 PHE   A CG  1 
ATOM   280  C CD1 . PHE   A 1 50  ? 0.197   16.456  4.681   1.00 23.04 ? 160 PHE   A CD1 1 
ATOM   281  C CD2 . PHE   A 1 50  ? -1.922  15.783  3.823   1.00 23.24 ? 160 PHE   A CD2 1 
ATOM   282  C CE1 . PHE   A 1 50  ? -0.063  17.765  4.301   1.00 23.41 ? 160 PHE   A CE1 1 
ATOM   283  C CE2 . PHE   A 1 50  ? -2.190  17.098  3.468   1.00 24.07 ? 160 PHE   A CE2 1 
ATOM   284  C CZ  . PHE   A 1 50  ? -1.262  18.084  3.707   1.00 23.85 ? 160 PHE   A CZ  1 
ATOM   285  N N   . PHE   A 1 51  ? 0.904   11.124  4.346   1.00 21.21 ? 161 PHE   A N   1 
ATOM   286  C CA  . PHE   A 1 51  ? 0.904   9.680   4.688   1.00 22.14 ? 161 PHE   A CA  1 
ATOM   287  C C   . PHE   A 1 51  ? 2.185   9.006   4.192   1.00 21.54 ? 161 PHE   A C   1 
ATOM   288  O O   . PHE   A 1 51  ? 2.268   7.782   4.276   1.00 21.21 ? 161 PHE   A O   1 
ATOM   289  C CB  . PHE   A 1 51  ? -0.358  9.027   4.125   1.00 22.23 ? 161 PHE   A CB  1 
ATOM   290  C CG  . PHE   A 1 51  ? -1.610  9.482   4.824   1.00 22.71 ? 161 PHE   A CG  1 
ATOM   291  C CD1 . PHE   A 1 51  ? -1.946  8.966   6.063   1.00 22.69 ? 161 PHE   A CD1 1 
ATOM   292  C CD2 . PHE   A 1 51  ? -2.437  10.442  4.261   1.00 23.51 ? 161 PHE   A CD2 1 
ATOM   293  C CE1 . PHE   A 1 51  ? -3.092  9.390   6.717   1.00 22.88 ? 161 PHE   A CE1 1 
ATOM   294  C CE2 . PHE   A 1 51  ? -3.579  10.870  4.919   1.00 24.44 ? 161 PHE   A CE2 1 
ATOM   295  C CZ  . PHE   A 1 51  ? -3.903  10.345  6.149   1.00 23.57 ? 161 PHE   A CZ  1 
ATOM   296  N N   . ALA   A 1 52  ? 3.163   9.768   3.706   1.00 21.24 ? 162 ALA   A N   1 
ATOM   297  C CA  . ALA   A 1 52  ? 4.359   9.209   3.029   1.00 22.65 ? 162 ALA   A CA  1 
ATOM   298  C C   . ALA   A 1 52  ? 5.411   8.750   4.051   1.00 22.73 ? 162 ALA   A C   1 
ATOM   299  O O   . ALA   A 1 52  ? 6.222   7.858   3.706   1.00 23.58 ? 162 ALA   A O   1 
ATOM   300  C CB  . ALA   A 1 52  ? 4.928   10.222  2.069   1.00 24.24 ? 162 ALA   A CB  1 
ATOM   301  N N   . PHE   A 1 53  ? 5.420   9.336   5.248   1.00 22.51 ? 163 PHE   A N   1 
ATOM   302  C CA  . PHE   A 1 53  ? 6.475   9.120   6.274   1.00 22.77 ? 163 PHE   A CA  1 
ATOM   303  C C   . PHE   A 1 53  ? 5.835   8.917   7.642   1.00 21.83 ? 163 PHE   A C   1 
ATOM   304  O O   . PHE   A 1 53  ? 4.713   9.363   7.877   1.00 21.40 ? 163 PHE   A O   1 
ATOM   305  C CB  . PHE   A 1 53  ? 7.436   10.312  6.293   1.00 24.92 ? 163 PHE   A CB  1 
ATOM   306  C CG  . PHE   A 1 53  ? 7.826   10.812  4.925   1.00 26.28 ? 163 PHE   A CG  1 
ATOM   307  C CD1 . PHE   A 1 53  ? 8.803   10.163  4.187   1.00 28.73 ? 163 PHE   A CD1 1 
ATOM   308  C CD2 . PHE   A 1 53  ? 7.199   11.914  4.367   1.00 28.42 ? 163 PHE   A CD2 1 
ATOM   309  C CE1 . PHE   A 1 53  ? 9.152   10.614  2.922   1.00 28.64 ? 163 PHE   A CE1 1 
ATOM   310  C CE2 . PHE   A 1 53  ? 7.550   12.368  3.104   1.00 29.57 ? 163 PHE   A CE2 1 
ATOM   311  C CZ  . PHE   A 1 53  ? 8.531   11.718  2.388   1.00 29.44 ? 163 PHE   A CZ  1 
ATOM   312  N N   . PRO   A 1 54  ? 6.524   8.266   8.605   1.00 21.58 ? 164 PRO   A N   1 
ATOM   313  C CA  . PRO   A 1 54  ? 5.990   8.146   9.956   1.00 21.73 ? 164 PRO   A CA  1 
ATOM   314  C C   . PRO   A 1 54  ? 5.647   9.520   10.534  1.00 21.52 ? 164 PRO   A C   1 
ATOM   315  O O   . PRO   A 1 54  ? 6.401   10.463  10.330  1.00 20.80 ? 164 PRO   A O   1 
ATOM   316  C CB  . PRO   A 1 54  ? 7.110   7.474   10.751  1.00 22.21 ? 164 PRO   A CB  1 
ATOM   317  C CG  . PRO   A 1 54  ? 7.882   6.715   9.693   1.00 22.04 ? 164 PRO   A CG  1 
ATOM   318  C CD  . PRO   A 1 54  ? 7.828   7.597   8.464   1.00 22.09 ? 164 PRO   A CD  1 
ATOM   319  N N   . VAL   A 1 55  ? 4.513   9.591   11.224  1.00 21.90 ? 165 VAL   A N   1 
ATOM   320  C CA  . VAL   A 1 55  ? 4.106   10.784  12.013  1.00 22.05 ? 165 VAL   A CA  1 
ATOM   321  C C   . VAL   A 1 55  ? 5.063   10.891  13.206  1.00 22.99 ? 165 VAL   A C   1 
ATOM   322  O O   . VAL   A 1 55  ? 5.216   9.893   13.944  1.00 23.58 ? 165 VAL   A O   1 
ATOM   323  C CB  . VAL   A 1 55  ? 2.641   10.699  12.469  1.00 23.27 ? 165 VAL   A CB  1 
ATOM   324  C CG1 . VAL   A 1 55  ? 2.270   11.915  13.299  1.00 23.14 ? 165 VAL   A CG1 1 
ATOM   325  C CG2 . VAL   A 1 55  ? 1.689   10.534  11.288  1.00 22.80 ? 165 VAL   A CG2 1 
ATOM   326  N N   . THR   A 1 56  ? 5.708   12.044  13.378  1.00 21.98 ? 166 THR   A N   1 
ATOM   327  C CA  . THR   A 1 56  ? 6.630   12.305  14.513  1.00 22.11 ? 166 THR   A CA  1 
ATOM   328  C C   . THR   A 1 56  ? 5.864   12.976  15.651  1.00 22.16 ? 166 THR   A C   1 
ATOM   329  O O   . THR   A 1 56  ? 4.855   13.646  15.387  1.00 21.48 ? 166 THR   A O   1 
ATOM   330  C CB  . THR   A 1 56  ? 7.834   13.145  14.077  1.00 22.10 ? 166 THR   A CB  1 
ATOM   331  O OG1 . THR   A 1 56  ? 7.357   14.440  13.721  1.00 22.78 ? 166 THR   A OG1 1 
ATOM   332  C CG2 . THR   A 1 56  ? 8.578   12.522  12.917  1.00 22.11 ? 166 THR   A CG2 1 
ATOM   333  N N   . ASP   A 1 57  ? 6.346   12.815  16.881  1.00 22.76 ? 167 ASP   A N   1 
ATOM   334  C CA  . ASP   A 1 57  ? 5.761   13.498  18.064  1.00 23.83 ? 167 ASP   A CA  1 
ATOM   335  C C   . ASP   A 1 57  ? 5.911   15.016  17.904  1.00 23.22 ? 167 ASP   A C   1 
ATOM   336  O O   . ASP   A 1 57  ? 5.065   15.742  18.439  1.00 22.41 ? 167 ASP   A O   1 
ATOM   337  C CB  . ASP   A 1 57  ? 6.388   12.980  19.360  1.00 24.82 ? 167 ASP   A CB  1 
ATOM   338  C CG  . ASP   A 1 57  ? 5.917   11.590  19.756  1.00 26.59 ? 167 ASP   A CG  1 
ATOM   339  O OD1 . ASP   A 1 57  ? 4.914   11.100  19.178  1.00 26.40 ? 167 ASP   A OD1 1 
ATOM   340  O OD2 . ASP   A 1 57  ? 6.561   10.998  20.637  1.00 29.65 ? 167 ASP   A OD2 1 
ATOM   341  N N   . ALA   A 1 58  ? 6.946   15.485  17.199  1.00 23.33 ? 168 ALA   A N   1 
ATOM   342  C CA  . ALA   A 1 58  ? 7.203   16.928  16.978  1.00 23.88 ? 168 ALA   A CA  1 
ATOM   343  C C   . ALA   A 1 58  ? 6.048   17.538  16.178  1.00 23.85 ? 168 ALA   A C   1 
ATOM   344  O O   . ALA   A 1 58  ? 5.576   18.630  16.549  1.00 23.51 ? 168 ALA   A O   1 
ATOM   345  C CB  . ALA   A 1 58  ? 8.521   17.125  16.275  1.00 24.19 ? 168 ALA   A CB  1 
ATOM   346  N N   . ILE   A 1 59  ? 5.595   16.855  15.125  1.00 23.00 ? 169 ILE   A N   1 
ATOM   347  C CA  . ILE   A 1 59  ? 4.512   17.372  14.239  1.00 24.19 ? 169 ILE   A CA  1 
ATOM   348  C C   . ILE   A 1 59  ? 3.155   17.074  14.883  1.00 22.59 ? 169 ILE   A C   1 
ATOM   349  O O   . ILE   A 1 59  ? 2.205   17.830  14.624  1.00 22.70 ? 169 ILE   A O   1 
ATOM   350  C CB  . ILE   A 1 59  ? 4.646   16.795  12.817  1.00 25.01 ? 169 ILE   A CB  1 
ATOM   351  C CG1 . ILE   A 1 59  ? 4.068   17.751  11.773  1.00 25.73 ? 169 ILE   A CG1 1 
ATOM   352  C CG2 . ILE   A 1 59  ? 4.034   15.406  12.717  1.00 25.23 ? 169 ILE   A CG2 1 
ATOM   353  C CD1 . ILE   A 1 59  ? 4.408   17.371  10.346  1.00 26.52 ? 169 ILE   A CD1 1 
ATOM   354  N N   . ALA   A 1 60  ? 3.081   16.036  15.718  1.00 22.06 ? 170 ALA   A N   1 
ATOM   355  C CA  . ALA   A 1 60  ? 1.827   15.532  16.325  1.00 22.39 ? 170 ALA   A CA  1 
ATOM   356  C C   . ALA   A 1 60  ? 2.069   15.178  17.786  1.00 22.22 ? 170 ALA   A C   1 
ATOM   357  O O   . ALA   A 1 60  ? 2.220   14.008  18.129  1.00 21.99 ? 170 ALA   A O   1 
ATOM   358  C CB  . ALA   A 1 60  ? 1.338   14.339  15.549  1.00 23.13 ? 170 ALA   A CB  1 
ATOM   359  N N   . PRO   A 1 61  ? 2.120   16.174  18.694  1.00 22.63 ? 171 PRO   A N   1 
ATOM   360  C CA  . PRO   A 1 61  ? 2.329   15.903  20.118  1.00 22.69 ? 171 PRO   A CA  1 
ATOM   361  C C   . PRO   A 1 61  ? 1.423   14.782  20.655  1.00 23.40 ? 171 PRO   A C   1 
ATOM   362  O O   . PRO   A 1 61  ? 0.238   14.755  20.328  1.00 23.76 ? 171 PRO   A O   1 
ATOM   363  C CB  . PRO   A 1 61  ? 2.009   17.262  20.759  1.00 23.08 ? 171 PRO   A CB  1 
ATOM   364  C CG  . PRO   A 1 61  ? 2.445   18.254  19.711  1.00 22.93 ? 171 PRO   A CG  1 
ATOM   365  C CD  . PRO   A 1 61  ? 2.026   17.616  18.402  1.00 23.09 ? 171 PRO   A CD  1 
ATOM   366  N N   . GLY   A 1 62  ? 2.010   13.870  21.436  1.00 24.47 ? 172 GLY   A N   1 
ATOM   367  C CA  . GLY   A 1 62  ? 1.288   12.757  22.080  1.00 24.34 ? 172 GLY   A CA  1 
ATOM   368  C C   . GLY   A 1 62  ? 1.046   11.586  21.139  1.00 24.57 ? 172 GLY   A C   1 
ATOM   369  O O   . GLY   A 1 62  ? 0.453   10.591  21.589  1.00 25.73 ? 172 GLY   A O   1 
ATOM   370  N N   . TYR   A 1 63  ? 1.475   11.666  19.873  1.00 23.15 ? 173 TYR   A N   1 
ATOM   371  C CA  . TYR   A 1 63  ? 1.166   10.623  18.862  1.00 23.66 ? 173 TYR   A CA  1 
ATOM   372  C C   . TYR   A 1 63  ? 1.598   9.241   19.367  1.00 24.65 ? 173 TYR   A C   1 
ATOM   373  O O   . TYR   A 1 63  ? 0.792   8.295   19.281  1.00 25.17 ? 173 TYR   A O   1 
ATOM   374  C CB  . TYR   A 1 63  ? 1.847   10.887  17.519  1.00 22.84 ? 173 TYR   A CB  1 
ATOM   375  C CG  . TYR   A 1 63  ? 1.220   10.117  16.389  1.00 22.48 ? 173 TYR   A CG  1 
ATOM   376  C CD1 . TYR   A 1 63  ? 0.062   10.579  15.785  1.00 22.38 ? 173 TYR   A CD1 1 
ATOM   377  C CD2 . TYR   A 1 63  ? 1.748   8.912   15.948  1.00 22.50 ? 173 TYR   A CD2 1 
ATOM   378  C CE1 . TYR   A 1 63  ? -0.547  9.878   14.761  1.00 22.91 ? 173 TYR   A CE1 1 
ATOM   379  C CE2 . TYR   A 1 63  ? 1.154   8.203   14.918  1.00 22.55 ? 173 TYR   A CE2 1 
ATOM   380  C CZ  . TYR   A 1 63  ? 0.006   8.690   14.317  1.00 22.65 ? 173 TYR   A CZ  1 
ATOM   381  O OH  . TYR   A 1 63  ? -0.597  8.005   13.307  1.00 24.69 ? 173 TYR   A OH  1 
ATOM   382  N N   . SER   A 1 64  ? 2.837   9.118   19.845  1.00 26.13 ? 174 SER   A N   1 
ATOM   383  C CA  . SER   A 1 64  ? 3.430   7.825   20.288  1.00 29.20 ? 174 SER   A CA  1 
ATOM   384  C C   . SER   A 1 64  ? 2.698   7.288   21.531  1.00 30.73 ? 174 SER   A C   1 
ATOM   385  O O   . SER   A 1 64  ? 2.783   6.070   21.770  1.00 30.11 ? 174 SER   A O   1 
ATOM   386  C CB  . SER   A 1 64  ? 4.923   7.946   20.517  1.00 29.86 ? 174 SER   A CB  1 
ATOM   387  O OG  . SER   A 1 64  ? 5.207   8.874   21.553  1.00 31.16 ? 174 SER   A OG  1 
ATOM   388  N N   . MET   A 1 65  ? 2.003   8.148   22.285  1.00 30.73 ? 175 MET   A N   1 
ATOM   389  C CA  . MET   A 1 65  ? 1.164   7.748   23.453  1.00 33.97 ? 175 MET   A CA  1 
ATOM   390  C C   . MET   A 1 65  ? -0.212  7.258   22.981  1.00 33.07 ? 175 MET   A C   1 
ATOM   391  O O   . MET   A 1 65  ? -0.717  6.278   23.564  1.00 34.22 ? 175 MET   A O   1 
ATOM   392  C CB  . MET   A 1 65  ? 0.954   8.912   24.431  1.00 37.54 ? 175 MET   A CB  1 
ATOM   393  C CG  . MET   A 1 65  ? 2.105   9.121   25.397  1.00 42.98 ? 175 MET   A CG  1 
ATOM   394  S SD  . MET   A 1 65  ? 2.281   7.749   26.575  1.00 49.84 ? 175 MET   A SD  1 
ATOM   395  C CE  . MET   A 1 65  ? 3.706   6.904   25.891  1.00 49.18 ? 175 MET   A CE  1 
ATOM   396  N N   . ILE   A 1 66  ? -0.805  7.920   21.983  1.00 29.99 ? 176 ILE   A N   1 
ATOM   397  C CA  . ILE   A 1 66  ? -2.209  7.678   21.537  1.00 29.66 ? 176 ILE   A CA  1 
ATOM   398  C C   . ILE   A 1 66  ? -2.244  6.516   20.534  1.00 29.69 ? 176 ILE   A C   1 
ATOM   399  O O   . ILE   A 1 66  ? -3.188  5.708   20.601  1.00 29.75 ? 176 ILE   A O   1 
ATOM   400  C CB  . ILE   A 1 66  ? -2.817  8.985   20.983  1.00 30.72 ? 176 ILE   A CB  1 
ATOM   401  C CG1 . ILE   A 1 66  ? -2.943  10.033  22.094  1.00 31.70 ? 176 ILE   A CG1 1 
ATOM   402  C CG2 . ILE   A 1 66  ? -4.152  8.738   20.300  1.00 30.79 ? 176 ILE   A CG2 1 
ATOM   403  C CD1 . ILE   A 1 66  ? -2.920  11.454  21.601  1.00 33.41 ? 176 ILE   A CD1 1 
ATOM   404  N N   . ILE   A 1 67  ? -1.257  6.424   19.641  1.00 27.58 ? 177 ILE   A N   1 
ATOM   405  C CA  . ILE   A 1 67  ? -1.251  5.430   18.530  1.00 27.23 ? 177 ILE   A CA  1 
ATOM   406  C C   . ILE   A 1 67  ? -0.202  4.356   18.829  1.00 28.34 ? 177 ILE   A C   1 
ATOM   407  O O   . ILE   A 1 67  ? 0.996   4.667   18.790  1.00 27.70 ? 177 ILE   A O   1 
ATOM   408  C CB  . ILE   A 1 67  ? -1.011  6.144   17.186  1.00 26.77 ? 177 ILE   A CB  1 
ATOM   409  C CG1 . ILE   A 1 67  ? -2.109  7.175   16.901  1.00 26.53 ? 177 ILE   A CG1 1 
ATOM   410  C CG2 . ILE   A 1 67  ? -0.866  5.140   16.054  1.00 26.25 ? 177 ILE   A CG2 1 
ATOM   411  C CD1 . ILE   A 1 67  ? -3.499  6.591   16.779  1.00 26.82 ? 177 ILE   A CD1 1 
ATOM   412  N N   . LYS   A 1 68  ? -0.650  3.132   19.110  1.00 30.68 ? 178 LYS   A N   1 
ATOM   413  C CA  . LYS   A 1 68  ? 0.236   2.032   19.574  1.00 33.00 ? 178 LYS   A CA  1 
ATOM   414  C C   . LYS   A 1 68  ? 0.939   1.374   18.382  1.00 30.33 ? 178 LYS   A C   1 
ATOM   415  O O   . LYS   A 1 68  ? 2.059   0.879   18.583  1.00 29.10 ? 178 LYS   A O   1 
ATOM   416  C CB  . LYS   A 1 68  ? -0.553  0.995   20.382  1.00 37.77 ? 178 LYS   A CB  1 
ATOM   417  C CG  . LYS   A 1 68  ? -1.406  1.546   21.522  1.00 41.48 ? 178 LYS   A CG  1 
ATOM   418  C CD  . LYS   A 1 68  ? -0.773  2.686   22.302  1.00 44.54 ? 178 LYS   A CD  1 
ATOM   419  C CE  . LYS   A 1 68  ? 0.553   2.340   22.944  1.00 46.93 ? 178 LYS   A CE  1 
ATOM   420  N NZ  . LYS   A 1 68  ? 1.056   3.467   23.771  1.00 49.14 ? 178 LYS   A NZ  1 
ATOM   421  N N   . HIS   A 1 69  ? 0.327   1.368   17.191  1.00 28.09 ? 179 HIS   A N   1 
ATOM   422  C CA  . HIS   A 1 69  ? 0.864   0.668   15.988  1.00 27.69 ? 179 HIS   A CA  1 
ATOM   423  C C   . HIS   A 1 69  ? 0.898   1.622   14.797  1.00 26.90 ? 179 HIS   A C   1 
ATOM   424  O O   . HIS   A 1 69  ? 0.019   1.586   13.939  1.00 25.43 ? 179 HIS   A O   1 
ATOM   425  C CB  . HIS   A 1 69  ? 0.049   -0.598  15.710  1.00 30.78 ? 179 HIS   A CB  1 
ATOM   426  C CG  . HIS   A 1 69  ? 0.086   -1.571  16.842  1.00 34.44 ? 179 HIS   A CG  1 
ATOM   427  N ND1 . HIS   A 1 69  ? 1.204   -2.334  17.120  1.00 36.06 ? 179 HIS   A ND1 1 
ATOM   428  C CD2 . HIS   A 1 69  ? -0.831  -1.878  17.785  1.00 36.98 ? 179 HIS   A CD2 1 
ATOM   429  C CE1 . HIS   A 1 69  ? 0.968   -3.082  18.180  1.00 37.14 ? 179 HIS   A CE1 1 
ATOM   430  N NE2 . HIS   A 1 69  ? -0.276  -2.828  18.600  1.00 37.17 ? 179 HIS   A NE2 1 
ATOM   431  N N   . PRO   A 1 70  ? 1.915   2.505   14.705  1.00 26.61 ? 180 PRO   A N   1 
ATOM   432  C CA  . PRO   A 1 70  ? 2.003   3.444   13.590  1.00 25.75 ? 180 PRO   A CA  1 
ATOM   433  C C   . PRO   A 1 70  ? 2.229   2.724   12.250  1.00 25.75 ? 180 PRO   A C   1 
ATOM   434  O O   . PRO   A 1 70  ? 2.772   1.627   12.213  1.00 24.98 ? 180 PRO   A O   1 
ATOM   435  C CB  . PRO   A 1 70  ? 3.173   4.368   13.970  1.00 27.96 ? 180 PRO   A CB  1 
ATOM   436  C CG  . PRO   A 1 70  ? 3.997   3.560   14.955  1.00 29.44 ? 180 PRO   A CG  1 
ATOM   437  C CD  . PRO   A 1 70  ? 3.011   2.664   15.671  1.00 27.59 ? 180 PRO   A CD  1 
ATOM   438  N N   . MET   A 1 71  ? 1.754   3.348   11.176  1.00 24.32 ? 181 MET   A N   1 
ATOM   439  C CA  . MET   A 1 71  ? 1.944   2.860   9.794   1.00 23.77 ? 181 MET   A CA  1 
ATOM   440  C C   . MET   A 1 71  ? 1.921   4.072   8.866   1.00 22.52 ? 181 MET   A C   1 
ATOM   441  O O   . MET   A 1 71  ? 1.263   5.072   9.199   1.00 22.30 ? 181 MET   A O   1 
ATOM   442  C CB  . MET   A 1 71  ? 0.836   1.871   9.415   1.00 24.27 ? 181 MET   A CB  1 
ATOM   443  C CG  . MET   A 1 71  ? 1.048   1.168   8.079   1.00 24.99 ? 181 MET   A CG  1 
ATOM   444  S SD  . MET   A 1 71  ? 2.681   0.427   7.875   1.00 27.60 ? 181 MET   A SD  1 
ATOM   445  C CE  . MET   A 1 71  ? 2.725   -0.703  9.265   1.00 27.94 ? 181 MET   A CE  1 
ATOM   446  N N   . ASP   A 1 72  ? 2.638   3.973   7.755   1.00 23.02 ? 182 ASP   A N   1 
ATOM   447  C CA  . ASP   A 1 72  ? 2.691   5.014   6.699   1.00 22.63 ? 182 ASP   A CA  1 
ATOM   448  C C   . ASP   A 1 72  ? 3.038   4.319   5.383   1.00 22.04 ? 182 ASP   A C   1 
ATOM   449  O O   . ASP   A 1 72  ? 3.523   3.175   5.434   1.00 22.57 ? 182 ASP   A O   1 
ATOM   450  C CB  . ASP   A 1 72  ? 3.725   6.085   7.049   1.00 23.43 ? 182 ASP   A CB  1 
ATOM   451  C CG  . ASP   A 1 72  ? 5.138   5.535   7.052   1.00 25.29 ? 182 ASP   A CG  1 
ATOM   452  O OD1 . ASP   A 1 72  ? 5.533   4.940   8.075   1.00 26.17 ? 182 ASP   A OD1 1 
ATOM   453  O OD2 . ASP   A 1 72  ? 5.812   5.652   6.013   1.00 28.33 ? 182 ASP   A OD2 1 
ATOM   454  N N   . PHE   A 1 73  ? 2.840   5.002   4.256   1.00 21.47 ? 183 PHE   A N   1 
ATOM   455  C CA  . PHE   A 1 73  ? 3.058   4.447   2.897   1.00 21.96 ? 183 PHE   A CA  1 
ATOM   456  C C   . PHE   A 1 73  ? 4.531   4.066   2.696   1.00 22.60 ? 183 PHE   A C   1 
ATOM   457  O O   . PHE   A 1 73  ? 4.800   3.081   1.972   1.00 23.24 ? 183 PHE   A O   1 
ATOM   458  C CB  . PHE   A 1 73  ? 2.628   5.449   1.824   1.00 22.29 ? 183 PHE   A CB  1 
ATOM   459  C CG  . PHE   A 1 73  ? 1.146   5.566   1.588   1.00 22.77 ? 183 PHE   A CG  1 
ATOM   460  C CD1 . PHE   A 1 73  ? 0.340   4.440   1.509   1.00 23.73 ? 183 PHE   A CD1 1 
ATOM   461  C CD2 . PHE   A 1 73  ? 0.564   6.807   1.388   1.00 23.78 ? 183 PHE   A CD2 1 
ATOM   462  C CE1 . PHE   A 1 73  ? -1.018  4.557   1.256   1.00 24.67 ? 183 PHE   A CE1 1 
ATOM   463  C CE2 . PHE   A 1 73  ? -0.797  6.919   1.134   1.00 24.55 ? 183 PHE   A CE2 1 
ATOM   464  C CZ  . PHE   A 1 73  ? -1.585  5.795   1.077   1.00 24.70 ? 183 PHE   A CZ  1 
ATOM   465  N N   . GLY   A 1 74  ? 5.454   4.837   3.272   1.00 23.10 ? 184 GLY   A N   1 
ATOM   466  C CA  . GLY   A 1 74  ? 6.905   4.612   3.128   1.00 23.65 ? 184 GLY   A CA  1 
ATOM   467  C C   . GLY   A 1 74  ? 7.317   3.295   3.760   1.00 24.54 ? 184 GLY   A C   1 
ATOM   468  O O   . GLY   A 1 74  ? 8.149   2.583   3.159   1.00 24.96 ? 184 GLY   A O   1 
ATOM   469  N N   . THR   A 1 75  ? 6.732   2.970   4.919   1.00 24.47 ? 185 THR   A N   1 
ATOM   470  C CA  . THR   A 1 75  ? 6.952   1.698   5.662   1.00 25.44 ? 185 THR   A CA  1 
ATOM   471  C C   . THR   A 1 75  ? 6.368   0.540   4.843   1.00 24.13 ? 185 THR   A C   1 
ATOM   472  O O   . THR   A 1 75  ? 7.022   -0.522  4.772   1.00 23.61 ? 185 THR   A O   1 
ATOM   473  C CB  . THR   A 1 75  ? 6.388   1.788   7.086   1.00 26.67 ? 185 THR   A CB  1 
ATOM   474  O OG1 . THR   A 1 75  ? 7.111   2.817   7.762   1.00 28.00 ? 185 THR   A OG1 1 
ATOM   475  C CG2 . THR   A 1 75  ? 6.517   0.498   7.868   1.00 28.07 ? 185 THR   A CG2 1 
ATOM   476  N N   . MET   A 1 76  ? 5.209   0.739   4.206   1.00 23.97 ? 186 MET   A N   1 
ATOM   477  C CA  . MET   A 1 76  ? 4.586   -0.286  3.328   1.00 24.45 ? 186 MET   A CA  1 
ATOM   478  C C   . MET   A 1 76  ? 5.476   -0.512  2.097   1.00 24.71 ? 186 MET   A C   1 
ATOM   479  O O   . MET   A 1 76  ? 5.644   -1.688  1.700   1.00 23.60 ? 186 MET   A O   1 
ATOM   480  C CB  . MET   A 1 76  ? 3.169   0.127   2.912   1.00 24.91 ? 186 MET   A CB  1 
ATOM   481  C CG  . MET   A 1 76  ? 2.231   0.215   4.101   1.00 24.86 ? 186 MET   A CG  1 
ATOM   482  S SD  . MET   A 1 76  ? 0.606   0.882   3.712   1.00 26.65 ? 186 MET   A SD  1 
ATOM   483  C CE  . MET   A 1 76  ? 0.037   -0.331  2.524   1.00 28.48 ? 186 MET   A CE  1 
ATOM   484  N N   . LYS   A 1 77  ? 6.054   0.553   1.533   1.00 24.73 ? 187 LYS   A N   1 
ATOM   485  C CA  . LYS   A 1 77  ? 6.997   0.449   0.382   1.00 27.41 ? 187 LYS   A CA  1 
ATOM   486  C C   . LYS   A 1 77  ? 8.193   -0.427  0.787   1.00 27.66 ? 187 LYS   A C   1 
ATOM   487  O O   . LYS   A 1 77  ? 8.555   -1.328  -0.006  1.00 26.80 ? 187 LYS   A O   1 
ATOM   488  C CB  . LYS   A 1 77  ? 7.449   1.832   -0.100  1.00 29.35 ? 187 LYS   A CB  1 
ATOM   489  C CG  . LYS   A 1 77  ? 8.392   1.829   -1.298  1.00 31.77 ? 187 LYS   A CG  1 
ATOM   490  C CD  . LYS   A 1 77  ? 7.762   1.354   -2.591  1.00 34.91 ? 187 LYS   A CD  1 
ATOM   491  C CE  . LYS   A 1 77  ? 8.785   0.972   -3.645  1.00 38.60 ? 187 LYS   A CE  1 
ATOM   492  N NZ  . LYS   A 1 77  ? 9.706   2.093   -3.953  1.00 40.47 ? 187 LYS   A NZ  1 
ATOM   493  N N   . ASP   A 1 78  ? 8.778   -0.184  1.965   1.00 28.07 ? 188 ASP   A N   1 
ATOM   494  C CA  . ASP   A 1 78  ? 9.931   -0.970  2.487   1.00 28.09 ? 188 ASP   A CA  1 
ATOM   495  C C   . ASP   A 1 78  ? 9.536   -2.452  2.565   1.00 27.86 ? 188 ASP   A C   1 
ATOM   496  O O   . ASP   A 1 78  ? 10.358  -3.300  2.166   1.00 27.90 ? 188 ASP   A O   1 
ATOM   497  C CB  . ASP   A 1 78  ? 10.408  -0.453  3.847   1.00 30.53 ? 188 ASP   A CB  1 
ATOM   498  C CG  . ASP   A 1 78  ? 11.037  0.933   3.822   1.00 32.80 ? 188 ASP   A CG  1 
ATOM   499  O OD1 . ASP   A 1 78  ? 11.419  1.392   2.726   1.00 32.66 ? 188 ASP   A OD1 1 
ATOM   500  O OD2 . ASP   A 1 78  ? 11.121  1.554   4.907   1.00 34.66 ? 188 ASP   A OD2 1 
ATOM   501  N N   . LYS   A 1 79  ? 8.322   -2.755  3.038   1.00 27.65 ? 189 LYS   A N   1 
ATOM   502  C CA  . LYS   A 1 79  ? 7.804   -4.147  3.161   1.00 28.74 ? 189 LYS   A CA  1 
ATOM   503  C C   . LYS   A 1 79  ? 7.696   -4.799  1.775   1.00 29.29 ? 189 LYS   A C   1 
ATOM   504  O O   . LYS   A 1 79  ? 8.075   -5.990  1.645   1.00 29.62 ? 189 LYS   A O   1 
ATOM   505  C CB  . LYS   A 1 79  ? 6.449   -4.161  3.869   1.00 30.36 ? 189 LYS   A CB  1 
ATOM   506  C CG  . LYS   A 1 79  ? 6.499   -3.923  5.367   1.00 32.05 ? 189 LYS   A CG  1 
ATOM   507  C CD  . LYS   A 1 79  ? 5.205   -4.296  6.033   1.00 35.35 ? 189 LYS   A CD  1 
ATOM   508  C CE  . LYS   A 1 79  ? 5.174   -3.991  7.511   1.00 36.78 ? 189 LYS   A CE  1 
ATOM   509  N NZ  . LYS   A 1 79  ? 3.974   -4.601  8.133   1.00 39.61 ? 189 LYS   A NZ  1 
ATOM   510  N N   . ILE   A 1 80  ? 7.196   -4.072  0.772   1.00 28.04 ? 190 ILE   A N   1 
ATOM   511  C CA  . ILE   A 1 80  ? 7.117   -4.581  -0.632  1.00 29.19 ? 190 ILE   A CA  1 
ATOM   512  C C   . ILE   A 1 80  ? 8.531   -4.916  -1.118  1.00 30.98 ? 190 ILE   A C   1 
ATOM   513  O O   . ILE   A 1 80  ? 8.729   -6.030  -1.655  1.00 32.03 ? 190 ILE   A O   1 
ATOM   514  C CB  . ILE   A 1 80  ? 6.433   -3.572  -1.576  1.00 28.33 ? 190 ILE   A CB  1 
ATOM   515  C CG1 . ILE   A 1 80  ? 4.967   -3.349  -1.200  1.00 28.03 ? 190 ILE   A CG1 1 
ATOM   516  C CG2 . ILE   A 1 80  ? 6.584   -4.003  -3.032  1.00 29.00 ? 190 ILE   A CG2 1 
ATOM   517  C CD1 . ILE   A 1 80  ? 4.290   -2.264  -2.004  1.00 27.74 ? 190 ILE   A CD1 1 
ATOM   518  N N   . VAL   A 1 81  ? 9.469   -3.973  -0.984  1.00 32.04 ? 191 VAL   A N   1 
ATOM   519  C CA  . VAL   A 1 81  ? 10.868  -4.111  -1.486  1.00 34.41 ? 191 VAL   A CA  1 
ATOM   520  C C   . VAL   A 1 81  ? 11.491  -5.368  -0.867  1.00 35.09 ? 191 VAL   A C   1 
ATOM   521  O O   . VAL   A 1 81  ? 12.158  -6.117  -1.611  1.00 35.85 ? 191 VAL   A O   1 
ATOM   522  C CB  . VAL   A 1 81  ? 11.708  -2.855  -1.182  1.00 35.27 ? 191 VAL   A CB  1 
ATOM   523  C CG1 . VAL   A 1 81  ? 13.202  -3.122  -1.305  1.00 37.33 ? 191 VAL   A CG1 1 
ATOM   524  C CG2 . VAL   A 1 81  ? 11.300  -1.684  -2.062  1.00 35.49 ? 191 VAL   A CG2 1 
ATOM   525  N N   . ALA   A 1 82  ? 11.283  -5.577  0.435   1.00 34.85 ? 192 ALA   A N   1 
ATOM   526  C CA  . ALA   A 1 82  ? 11.862  -6.685  1.235   1.00 37.01 ? 192 ALA   A CA  1 
ATOM   527  C C   . ALA   A 1 82  ? 11.070  -7.985  1.023   1.00 38.06 ? 192 ALA   A C   1 
ATOM   528  O O   . ALA   A 1 82  ? 11.467  -9.010  1.616   1.00 38.21 ? 192 ALA   A O   1 
ATOM   529  C CB  . ALA   A 1 82  ? 11.886  -6.304  2.693   1.00 36.44 ? 192 ALA   A CB  1 
ATOM   530  N N   . ASN   A 1 83  ? 9.984   -7.934  0.241   1.00 37.25 ? 193 ASN   A N   1 
ATOM   531  C CA  . ASN   A 1 83  ? 9.119   -9.090  -0.117  1.00 38.36 ? 193 ASN   A CA  1 
ATOM   532  C C   . ASN   A 1 83  ? 8.503   -9.676  1.159   1.00 37.94 ? 193 ASN   A C   1 
ATOM   533  O O   . ASN   A 1 83  ? 8.525   -10.909 1.317   1.00 38.48 ? 193 ASN   A O   1 
ATOM   534  C CB  . ASN   A 1 83  ? 9.884   -10.150 -0.920  1.00 39.12 ? 193 ASN   A CB  1 
ATOM   535  C CG  . ASN   A 1 83  ? 8.974   -11.138 -1.619  1.00 40.58 ? 193 ASN   A CG  1 
ATOM   536  O OD1 . ASN   A 1 83  ? 7.809   -10.849 -1.880  1.00 40.13 ? 193 ASN   A OD1 1 
ATOM   537  N ND2 . ASN   A 1 83  ? 9.496   -12.316 -1.925  1.00 44.24 ? 193 ASN   A ND2 1 
ATOM   538  N N   . GLU   A 1 84  ? 7.948   -8.826  2.025   1.00 35.78 ? 194 GLU   A N   1 
ATOM   539  C CA  . GLU   A 1 84  ? 7.426   -9.233  3.357   1.00 35.42 ? 194 GLU   A CA  1 
ATOM   540  C C   . GLU   A 1 84  ? 5.902   -9.411  3.325   1.00 33.71 ? 194 GLU   A C   1 
ATOM   541  O O   . GLU   A 1 84  ? 5.369   -9.942  4.306   1.00 32.38 ? 194 GLU   A O   1 
ATOM   542  C CB  . GLU   A 1 84  ? 7.870   -8.226  4.418   1.00 38.47 ? 194 GLU   A CB  1 
ATOM   543  C CG  . GLU   A 1 84  ? 9.356   -8.316  4.704   1.00 40.56 ? 194 GLU   A CG  1 
ATOM   544  C CD  . GLU   A 1 84  ? 9.905   -7.347  5.738   1.00 44.52 ? 194 GLU   A CD  1 
ATOM   545  O OE1 . GLU   A 1 84  ? 9.220   -6.344  6.047   1.00 44.75 ? 194 GLU   A OE1 1 
ATOM   546  O OE2 . GLU   A 1 84  ? 11.029  -7.601  6.230   1.00 47.28 ? 194 GLU   A OE2 1 
ATOM   547  N N   . TYR   A 1 85  ? 5.213   -9.002  2.253   1.00 31.31 ? 195 TYR   A N   1 
ATOM   548  C CA  . TYR   A 1 85  ? 3.745   -9.206  2.127   1.00 30.30 ? 195 TYR   A CA  1 
ATOM   549  C C   . TYR   A 1 85  ? 3.496   -10.584 1.511   1.00 31.52 ? 195 TYR   A C   1 
ATOM   550  O O   . TYR   A 1 85  ? 4.044   -10.869 0.430   1.00 30.64 ? 195 TYR   A O   1 
ATOM   551  C CB  . TYR   A 1 85  ? 3.080   -8.091  1.313   1.00 29.56 ? 195 TYR   A CB  1 
ATOM   552  C CG  . TYR   A 1 85  ? 2.944   -6.783  2.051   1.00 28.45 ? 195 TYR   A CG  1 
ATOM   553  C CD1 . TYR   A 1 85  ? 2.183   -6.681  3.203   1.00 27.72 ? 195 TYR   A CD1 1 
ATOM   554  C CD2 . TYR   A 1 85  ? 3.587   -5.644  1.597   1.00 28.06 ? 195 TYR   A CD2 1 
ATOM   555  C CE1 . TYR   A 1 85  ? 2.057   -5.478  3.882   1.00 28.45 ? 195 TYR   A CE1 1 
ATOM   556  C CE2 . TYR   A 1 85  ? 3.459   -4.430  2.251   1.00 26.84 ? 195 TYR   A CE2 1 
ATOM   557  C CZ  . TYR   A 1 85  ? 2.699   -4.348  3.400   1.00 27.88 ? 195 TYR   A CZ  1 
ATOM   558  O OH  . TYR   A 1 85  ? 2.610   -3.153  4.051   1.00 28.40 ? 195 TYR   A OH  1 
ATOM   559  N N   . LYS   A 1 86  ? 2.720   -11.414 2.206   1.00 32.46 ? 196 LYS   A N   1 
ATOM   560  C CA  . LYS   A 1 86  ? 2.376   -12.796 1.777   1.00 35.93 ? 196 LYS   A CA  1 
ATOM   561  C C   . LYS   A 1 86  ? 1.007   -12.790 1.093   1.00 35.49 ? 196 LYS   A C   1 
ATOM   562  O O   . LYS   A 1 86  ? 0.701   -13.778 0.395   1.00 34.71 ? 196 LYS   A O   1 
ATOM   563  C CB  . LYS   A 1 86  ? 2.390   -13.743 2.981   1.00 37.93 ? 196 LYS   A CB  1 
ATOM   564  C CG  . LYS   A 1 86  ? 3.708   -13.807 3.743   1.00 41.89 ? 196 LYS   A CG  1 
ATOM   565  C CD  . LYS   A 1 86  ? 4.855   -14.375 2.935   1.00 45.37 ? 196 LYS   A CD  1 
ATOM   566  C CE  . LYS   A 1 86  ? 6.130   -14.518 3.740   1.00 48.06 ? 196 LYS   A CE  1 
ATOM   567  N NZ  . LYS   A 1 86  ? 7.160   -15.282 2.996   1.00 51.33 ? 196 LYS   A NZ  1 
ATOM   568  N N   . SER   A 1 87  ? 0.217   -11.724 1.264   1.00 32.93 ? 197 SER   A N   1 
ATOM   569  C CA  . SER   A 1 87  ? -1.140  -11.600 0.673   1.00 32.36 ? 197 SER   A CA  1 
ATOM   570  C C   . SER   A 1 87  ? -1.500  -10.132 0.424   1.00 31.31 ? 197 SER   A C   1 
ATOM   571  O O   . SER   A 1 87  ? -0.903  -9.242  1.059   1.00 30.44 ? 197 SER   A O   1 
ATOM   572  C CB  . SER   A 1 87  ? -2.172  -12.251 1.558   1.00 33.04 ? 197 SER   A CB  1 
ATOM   573  O OG  . SER   A 1 87  ? -2.328  -11.518 2.767   1.00 32.97 ? 197 SER   A OG  1 
ATOM   574  N N   . VAL   A 1 88  ? -2.479  -9.910  -0.452  1.00 30.63 ? 198 VAL   A N   1 
ATOM   575  C CA  . VAL   A 1 88  ? -3.142  -8.590  -0.644  1.00 30.49 ? 198 VAL   A CA  1 
ATOM   576  C C   . VAL   A 1 88  ? -3.811  -8.198  0.677   1.00 29.63 ? 198 VAL   A C   1 
ATOM   577  O O   . VAL   A 1 88  ? -3.762  -7.011  1.037   1.00 29.28 ? 198 VAL   A O   1 
ATOM   578  C CB  . VAL   A 1 88  ? -4.151  -8.634  -1.806  1.00 30.94 ? 198 VAL   A CB  1 
ATOM   579  C CG1 . VAL   A 1 88  ? -5.024  -7.392  -1.844  1.00 31.93 ? 198 VAL   A CG1 1 
ATOM   580  C CG2 . VAL   A 1 88  ? -3.449  -8.841  -3.138  1.00 32.12 ? 198 VAL   A CG2 1 
ATOM   581  N N   . THR   A 1 89  ? -4.394  -9.165  1.389   1.00 29.28 ? 199 THR   A N   1 
ATOM   582  C CA  . THR   A 1 89  ? -5.141  -8.922  2.652   1.00 30.27 ? 199 THR   A CA  1 
ATOM   583  C C   . THR   A 1 89  ? -4.206  -8.271  3.684   1.00 28.99 ? 199 THR   A C   1 
ATOM   584  O O   . THR   A 1 89  ? -4.677  -7.372  4.405   1.00 30.09 ? 199 THR   A O   1 
ATOM   585  C CB  . THR   A 1 89  ? -5.803  -10.216 3.142   1.00 32.85 ? 199 THR   A CB  1 
ATOM   586  O OG1 . THR   A 1 89  ? -4.783  -11.208 3.216   1.00 35.80 ? 199 THR   A OG1 1 
ATOM   587  C CG2 . THR   A 1 89  ? -6.903  -10.699 2.225   1.00 32.84 ? 199 THR   A CG2 1 
ATOM   588  N N   . GLU   A 1 90  ? -2.941  -8.697  3.757   1.00 28.89 ? 200 GLU   A N   1 
ATOM   589  C CA  . GLU   A 1 90  ? -1.919  -8.133  4.684   1.00 29.55 ? 200 GLU   A CA  1 
ATOM   590  C C   . GLU   A 1 90  ? -1.633  -6.670  4.322   1.00 27.02 ? 200 GLU   A C   1 
ATOM   591  O O   . GLU   A 1 90  ? -1.512  -5.833  5.239   1.00 26.46 ? 200 GLU   A O   1 
ATOM   592  C CB  . GLU   A 1 90  ? -0.612  -8.925  4.618   1.00 33.39 ? 200 GLU   A CB  1 
ATOM   593  C CG  . GLU   A 1 90  ? -0.636  -10.222 5.407   1.00 36.56 ? 200 GLU   A CG  1 
ATOM   594  C CD  . GLU   A 1 90  ? 0.656   -11.026 5.337   1.00 40.27 ? 200 GLU   A CD  1 
ATOM   595  O OE1 . GLU   A 1 90  ? 1.598   -10.592 4.629   1.00 39.81 ? 200 GLU   A OE1 1 
ATOM   596  O OE2 . GLU   A 1 90  ? 0.722   -12.084 5.999   1.00 44.40 ? 200 GLU   A OE2 1 
ATOM   597  N N   . PHE   A 1 91  ? -1.505  -6.384  3.028   1.00 24.84 ? 201 PHE   A N   1 
ATOM   598  C CA  . PHE   A 1 91  ? -1.299  -5.013  2.489   1.00 24.83 ? 201 PHE   A CA  1 
ATOM   599  C C   . PHE   A 1 91  ? -2.495  -4.125  2.862   1.00 23.81 ? 201 PHE   A C   1 
ATOM   600  O O   . PHE   A 1 91  ? -2.304  -3.015  3.398   1.00 22.93 ? 201 PHE   A O   1 
ATOM   601  C CB  . PHE   A 1 91  ? -1.083  -5.081  0.978   1.00 24.52 ? 201 PHE   A CB  1 
ATOM   602  C CG  . PHE   A 1 91  ? -0.884  -3.742  0.318   1.00 24.22 ? 201 PHE   A CG  1 
ATOM   603  C CD1 . PHE   A 1 91  ? 0.376   -3.167  0.259   1.00 24.95 ? 201 PHE   A CD1 1 
ATOM   604  C CD2 . PHE   A 1 91  ? -1.952  -3.070  -0.254  1.00 25.43 ? 201 PHE   A CD2 1 
ATOM   605  C CE1 . PHE   A 1 91  ? 0.566   -1.951  -0.374  1.00 25.94 ? 201 PHE   A CE1 1 
ATOM   606  C CE2 . PHE   A 1 91  ? -1.760  -1.845  -0.876  1.00 25.37 ? 201 PHE   A CE2 1 
ATOM   607  C CZ  . PHE   A 1 91  ? -0.502  -1.290  -0.932  1.00 25.21 ? 201 PHE   A CZ  1 
ATOM   608  N N   . LYS   A 1 92  ? -3.707  -4.605  2.598   1.00 24.62 ? 202 LYS   A N   1 
ATOM   609  C CA  . LYS   A 1 92  ? -4.964  -3.860  2.881   1.00 26.01 ? 202 LYS   A CA  1 
ATOM   610  C C   . LYS   A 1 92  ? -5.057  -3.588  4.387   1.00 24.99 ? 202 LYS   A C   1 
ATOM   611  O O   . LYS   A 1 92  ? -5.493  -2.483  4.762   1.00 23.81 ? 202 LYS   A O   1 
ATOM   612  C CB  . LYS   A 1 92  ? -6.176  -4.631  2.351   1.00 28.12 ? 202 LYS   A CB  1 
ATOM   613  C CG  . LYS   A 1 92  ? -6.301  -4.626  0.833   1.00 30.53 ? 202 LYS   A CG  1 
ATOM   614  C CD  . LYS   A 1 92  ? -7.299  -5.617  0.287   1.00 32.99 ? 202 LYS   A CD  1 
ATOM   615  C CE  . LYS   A 1 92  ? -8.712  -5.391  0.768   1.00 35.51 ? 202 LYS   A CE  1 
ATOM   616  N NZ  . LYS   A 1 92  ? -9.623  -6.451  0.275   1.00 36.28 ? 202 LYS   A NZ  1 
ATOM   617  N N   . ALA   A 1 93  ? -4.641  -4.542  5.223   1.00 24.53 ? 203 ALA   A N   1 
ATOM   618  C CA  . ALA   A 1 93  ? -4.611  -4.388  6.695   1.00 24.33 ? 203 ALA   A CA  1 
ATOM   619  C C   . ALA   A 1 93  ? -3.687  -3.227  7.101   1.00 23.97 ? 203 ALA   A C   1 
ATOM   620  O O   . ALA   A 1 93  ? -4.079  -2.453  7.988   1.00 23.26 ? 203 ALA   A O   1 
ATOM   621  C CB  . ALA   A 1 93  ? -4.189  -5.681  7.352   1.00 24.92 ? 203 ALA   A CB  1 
ATOM   622  N N   . ASP   A 1 94  ? -2.498  -3.115  6.501   1.00 24.56 ? 204 ASP   A N   1 
ATOM   623  C CA  . ASP   A 1 94  ? -1.523  -2.031  6.816   1.00 25.39 ? 204 ASP   A CA  1 
ATOM   624  C C   . ASP   A 1 94  ? -2.114  -0.686  6.398   1.00 24.45 ? 204 ASP   A C   1 
ATOM   625  O O   . ASP   A 1 94  ? -2.056  0.281   7.179   1.00 23.19 ? 204 ASP   A O   1 
ATOM   626  C CB  . ASP   A 1 94  ? -0.177  -2.251  6.124   1.00 25.76 ? 204 ASP   A CB  1 
ATOM   627  C CG  . ASP   A 1 94  ? 0.788   -3.101  6.927   1.00 27.49 ? 204 ASP   A CG  1 
ATOM   628  O OD1 . ASP   A 1 94  ? 0.534   -3.294  8.137   1.00 29.40 ? 204 ASP   A OD1 1 
ATOM   629  O OD2 . ASP   A 1 94  ? 1.791   -3.551  6.341   1.00 28.44 ? 204 ASP   A OD2 1 
ATOM   630  N N   . PHE   A 1 95  ? -2.656  -0.646  5.189   1.00 24.85 ? 205 PHE   A N   1 
ATOM   631  C CA  . PHE   A 1 95  ? -3.379  0.510   4.618   1.00 26.35 ? 205 PHE   A CA  1 
ATOM   632  C C   . PHE   A 1 95  ? -4.477  0.960   5.592   1.00 24.55 ? 205 PHE   A C   1 
ATOM   633  O O   . PHE   A 1 95  ? -4.584  2.149   5.917   1.00 22.76 ? 205 PHE   A O   1 
ATOM   634  C CB  . PHE   A 1 95  ? -3.932  0.051   3.270   1.00 30.93 ? 205 PHE   A CB  1 
ATOM   635  C CG  . PHE   A 1 95  ? -4.752  1.066   2.547   1.00 32.23 ? 205 PHE   A CG  1 
ATOM   636  C CD1 . PHE   A 1 95  ? -4.164  2.234   2.100   1.00 37.84 ? 205 PHE   A CD1 1 
ATOM   637  C CD2 . PHE   A 1 95  ? -6.093  0.839   2.293   1.00 33.27 ? 205 PHE   A CD2 1 
ATOM   638  C CE1 . PHE   A 1 95  ? -4.913  3.167   1.408   1.00 39.03 ? 205 PHE   A CE1 1 
ATOM   639  C CE2 . PHE   A 1 95  ? -6.839  1.774   1.604   1.00 37.01 ? 205 PHE   A CE2 1 
ATOM   640  C CZ  . PHE   A 1 95  ? -6.248  2.934   1.166   1.00 37.19 ? 205 PHE   A CZ  1 
ATOM   641  N N   . LYS   A 1 96  ? -5.294  0.013   6.052   1.00 24.38 ? 206 LYS   A N   1 
ATOM   642  C CA  . LYS   A 1 96  ? -6.422  0.286   6.975   1.00 24.73 ? 206 LYS   A CA  1 
ATOM   643  C C   . LYS   A 1 96  ? -5.882  0.816   8.308   1.00 24.24 ? 206 LYS   A C   1 
ATOM   644  O O   . LYS   A 1 96  ? -6.470  1.765   8.835   1.00 23.18 ? 206 LYS   A O   1 
ATOM   645  C CB  . LYS   A 1 96  ? -7.273  -0.972  7.179   1.00 25.97 ? 206 LYS   A CB  1 
ATOM   646  C CG  . LYS   A 1 96  ? -8.500  -0.759  8.052   1.00 27.81 ? 206 LYS   A CG  1 
ATOM   647  C CD  . LYS   A 1 96  ? -9.495  -1.900  8.011   1.00 29.84 ? 206 LYS   A CD  1 
ATOM   648  C CE  . LYS   A 1 96  ? -10.789 -1.549  8.718   1.00 31.59 ? 206 LYS   A CE  1 
ATOM   649  N NZ  . LYS   A 1 96  ? -10.560 -1.213  10.144  1.00 33.02 ? 206 LYS   A NZ  1 
ATOM   650  N N   . LEU   A 1 97  ? -4.798  0.232   8.820   1.00 24.74 ? 207 LEU   A N   1 
ATOM   651  C CA  . LEU   A 1 97  ? -4.147  0.657   10.091  1.00 24.29 ? 207 LEU   A CA  1 
ATOM   652  C C   . LEU   A 1 97  ? -3.751  2.135   9.987   1.00 24.21 ? 207 LEU   A C   1 
ATOM   653  O O   . LEU   A 1 97  ? -4.095  2.919   10.891  1.00 23.51 ? 207 LEU   A O   1 
ATOM   654  C CB  . LEU   A 1 97  ? -2.930  -0.242  10.341  1.00 25.37 ? 207 LEU   A CB  1 
ATOM   655  C CG  . LEU   A 1 97  ? -2.078  0.113   11.557  1.00 25.35 ? 207 LEU   A CG  1 
ATOM   656  C CD1 . LEU   A 1 97  ? -2.923  0.140   12.826  1.00 26.33 ? 207 LEU   A CD1 1 
ATOM   657  C CD2 . LEU   A 1 97  ? -0.918  -0.864  11.688  1.00 25.73 ? 207 LEU   A CD2 1 
ATOM   658  N N   . MET   A 1 98  ? -3.091  2.514   8.896   1.00 24.24 ? 208 MET   A N   1 
ATOM   659  C CA  . MET   A 1 98  ? -2.687  3.917   8.627   1.00 23.75 ? 208 MET   A CA  1 
ATOM   660  C C   . MET   A 1 98  ? -3.908  4.846   8.688   1.00 23.58 ? 208 MET   A C   1 
ATOM   661  O O   . MET   A 1 98  ? -3.832  5.893   9.353   1.00 21.36 ? 208 MET   A O   1 
ATOM   662  C CB  . MET   A 1 98  ? -2.056  4.007   7.241   1.00 25.50 ? 208 MET   A CB  1 
ATOM   663  C CG  . MET   A 1 98  ? -1.438  5.345   6.940   1.00 26.93 ? 208 MET   A CG  1 
ATOM   664  S SD  . MET   A 1 98  ? -0.829  5.395   5.240   1.00 29.28 ? 208 MET   A SD  1 
ATOM   665  C CE  . MET   A 1 98  ? -0.314  3.698   5.004   1.00 28.20 ? 208 MET   A CE  1 
ATOM   666  N N   . CYS   A 1 99  ? -4.982  4.503   7.979   1.00 23.06 ? 209 CYS   A N   1 
ATOM   667  C CA  . CYS   A 1 99  ? -6.206  5.339   7.879   1.00 23.59 ? 209 CYS   A CA  1 
ATOM   668  C C   . CYS   A 1 99  ? -6.919  5.403   9.233   1.00 23.30 ? 209 CYS   A C   1 
ATOM   669  O O   . CYS   A 1 99  ? -7.327  6.508   9.635   1.00 22.99 ? 209 CYS   A O   1 
ATOM   670  C CB  . CYS   A 1 99  ? -7.124  4.824   6.785   1.00 23.53 ? 209 CYS   A CB  1 
ATOM   671  S SG  . CYS   A 1 99  ? -6.385  5.001   5.144   1.00 24.73 ? 209 CYS   A SG  1 
ATOM   672  N N   . ASP   A 1 100 ? -7.045  4.269   9.921   1.00 23.50 ? 210 ASP   A N   1 
ATOM   673  C CA  . ASP   A 1 100 ? -7.672  4.194   11.269  1.00 24.19 ? 210 ASP   A CA  1 
ATOM   674  C C   . ASP   A 1 100 ? -6.863  5.047   12.256  1.00 23.22 ? 210 ASP   A C   1 
ATOM   675  O O   . ASP   A 1 100 ? -7.478  5.775   13.048  1.00 22.77 ? 210 ASP   A O   1 
ATOM   676  C CB  . ASP   A 1 100 ? -7.788  2.746   11.746  1.00 25.72 ? 210 ASP   A CB  1 
ATOM   677  C CG  . ASP   A 1 100 ? -8.861  1.930   11.041  1.00 27.37 ? 210 ASP   A CG  1 
ATOM   678  O OD1 . ASP   A 1 100 ? -9.706  2.527   10.332  1.00 30.06 ? 210 ASP   A OD1 1 
ATOM   679  O OD2 . ASP   A 1 100 ? -8.856  0.704   11.219  1.00 28.07 ? 210 ASP   A OD2 1 
ATOM   680  N N   . ASN   A 1 101 ? -5.530  4.979   12.199  1.00 22.23 ? 211 ASN   A N   1 
ATOM   681  C CA  . ASN   A 1 101 ? -4.639  5.786   13.074  1.00 21.48 ? 211 ASN   A CA  1 
ATOM   682  C C   . ASN   A 1 101 ? -4.957  7.273   12.865  1.00 21.11 ? 211 ASN   A C   1 
ATOM   683  O O   . ASN   A 1 101 ? -5.084  8.005   13.867  1.00 21.61 ? 211 ASN   A O   1 
ATOM   684  C CB  . ASN   A 1 101 ? -3.160  5.493   12.805  1.00 21.00 ? 211 ASN   A CB  1 
ATOM   685  C CG  . ASN   A 1 101 ? -2.697  4.162   13.351  1.00 21.49 ? 211 ASN   A CG  1 
ATOM   686  O OD1 . ASN   A 1 101 ? -3.370  3.558   14.188  1.00 20.94 ? 211 ASN   A OD1 1 
ATOM   687  N ND2 . ASN   A 1 101 ? -1.537  3.710   12.897  1.00 20.63 ? 211 ASN   A ND2 1 
ATOM   688  N N   . ALA   A 1 102 ? -5.068  7.707   11.605  1.00 21.65 ? 212 ALA   A N   1 
ATOM   689  C CA  . ALA   A 1 102 ? -5.280  9.128   11.248  1.00 20.76 ? 212 ALA   A CA  1 
ATOM   690  C C   . ALA   A 1 102 ? -6.664  9.574   11.724  1.00 21.92 ? 212 ALA   A C   1 
ATOM   691  O O   . ALA   A 1 102 ? -6.799  10.729  12.150  1.00 21.87 ? 212 ALA   A O   1 
ATOM   692  C CB  . ALA   A 1 102 ? -5.108  9.336   9.767   1.00 20.91 ? 212 ALA   A CB  1 
ATOM   693  N N   . MET   A 1 103 ? -7.648  8.675   11.690  1.00 21.39 ? 213 MET   A N   1 
ATOM   694  C CA  . MET   A 1 103 ? -9.046  9.005   12.053  1.00 23.35 ? 213 MET   A CA  1 
ATOM   695  C C   . MET   A 1 103 ? -9.224  8.901   13.574  1.00 24.40 ? 213 MET   A C   1 
ATOM   696  O O   . MET   A 1 103 ? -10.252 9.385   14.075  1.00 25.26 ? 213 MET   A O   1 
ATOM   697  C CB  . MET   A 1 103 ? -10.018 8.099   11.287  1.00 25.74 ? 213 MET   A CB  1 
ATOM   698  C CG  . MET   A 1 103 ? -10.021 8.405   9.790   1.00 26.42 ? 213 MET   A CG  1 
ATOM   699  S SD  . MET   A 1 103 ? -11.171 7.405   8.805   1.00 30.71 ? 213 MET   A SD  1 
ATOM   700  C CE  . MET   A 1 103 ? -12.744 8.011   9.405   1.00 30.85 ? 213 MET   A CE  1 
ATOM   701  N N   . THR   A 1 104 ? -8.234  8.351   14.287  1.00 24.10 ? 214 THR   A N   1 
ATOM   702  C CA  . THR   A 1 104 ? -8.212  8.258   15.774  1.00 24.74 ? 214 THR   A CA  1 
ATOM   703  C C   . THR   A 1 104 ? -7.474  9.471   16.348  1.00 24.31 ? 214 THR   A C   1 
ATOM   704  O O   . THR   A 1 104 ? -8.008  10.102  17.279  1.00 23.40 ? 214 THR   A O   1 
ATOM   705  C CB  . THR   A 1 104 ? -7.598  6.930   16.236  1.00 27.04 ? 214 THR   A CB  1 
ATOM   706  O OG1 . THR   A 1 104 ? -8.426  5.886   15.725  1.00 27.23 ? 214 THR   A OG1 1 
ATOM   707  C CG2 . THR   A 1 104 ? -7.494  6.811   17.741  1.00 28.28 ? 214 THR   A CG2 1 
ATOM   708  N N   . TYR   A 1 105 ? -6.286  9.794   15.834  1.00 22.69 ? 215 TYR   A N   1 
ATOM   709  C CA  . TYR   A 1 105 ? -5.455  10.895  16.389  1.00 22.06 ? 215 TYR   A CA  1 
ATOM   710  C C   . TYR   A 1 105 ? -6.052  12.257  16.016  1.00 21.55 ? 215 TYR   A C   1 
ATOM   711  O O   . TYR   A 1 105 ? -6.088  13.139  16.895  1.00 22.01 ? 215 TYR   A O   1 
ATOM   712  C CB  . TYR   A 1 105 ? -3.995  10.819  15.936  1.00 21.98 ? 215 TYR   A CB  1 
ATOM   713  C CG  . TYR   A 1 105 ? -3.167  11.943  16.498  1.00 21.76 ? 215 TYR   A CG  1 
ATOM   714  C CD1 . TYR   A 1 105 ? -2.662  11.889  17.789  1.00 22.14 ? 215 TYR   A CD1 1 
ATOM   715  C CD2 . TYR   A 1 105 ? -2.942  13.096  15.766  1.00 22.30 ? 215 TYR   A CD2 1 
ATOM   716  C CE1 . TYR   A 1 105 ? -1.913  12.931  18.319  1.00 21.81 ? 215 TYR   A CE1 1 
ATOM   717  C CE2 . TYR   A 1 105 ? -2.203  14.147  16.284  1.00 22.02 ? 215 TYR   A CE2 1 
ATOM   718  C CZ  . TYR   A 1 105 ? -1.687  14.068  17.567  1.00 22.44 ? 215 TYR   A CZ  1 
ATOM   719  O OH  . TYR   A 1 105 ? -0.963  15.113  18.079  1.00 22.45 ? 215 TYR   A OH  1 
ATOM   720  N N   . ASN   A 1 106 ? -6.460  12.428  14.757  1.00 20.44 ? 216 ASN   A N   1 
ATOM   721  C CA  . ASN   A 1 106 ? -6.912  13.725  14.188  1.00 21.52 ? 216 ASN   A CA  1 
ATOM   722  C C   . ASN   A 1 106 ? -8.425  13.883  14.355  1.00 22.17 ? 216 ASN   A C   1 
ATOM   723  O O   . ASN   A 1 106 ? -9.162  12.872  14.290  1.00 23.16 ? 216 ASN   A O   1 
ATOM   724  C CB  . ASN   A 1 106 ? -6.507  13.859  12.721  1.00 21.14 ? 216 ASN   A CB  1 
ATOM   725  C CG  . ASN   A 1 106 ? -5.013  13.721  12.531  1.00 21.49 ? 216 ASN   A CG  1 
ATOM   726  O OD1 . ASN   A 1 106 ? -4.261  14.622  12.890  1.00 20.42 ? 216 ASN   A OD1 1 
ATOM   727  N ND2 . ASN   A 1 106 ? -4.573  12.579  12.022  1.00 21.64 ? 216 ASN   A ND2 1 
ATOM   728  N N   . ARG   A 1 107 ? -8.878  15.123  14.526  1.00 22.67 ? 217 ARG   A N   1 
ATOM   729  C CA  . ARG   A 1 107 ? -10.325 15.464  14.579  1.00 23.67 ? 217 ARG   A CA  1 
ATOM   730  C C   . ARG   A 1 107 ? -10.950 15.340  13.194  1.00 23.94 ? 217 ARG   A C   1 
ATOM   731  O O   . ARG   A 1 107 ? -10.264 15.515  12.190  1.00 22.76 ? 217 ARG   A O   1 
ATOM   732  C CB  . ARG   A 1 107 ? -10.507 16.886  15.102  1.00 24.10 ? 217 ARG   A CB  1 
ATOM   733  C CG  . ARG   A 1 107 ? -10.027 17.062  16.529  1.00 25.41 ? 217 ARG   A CG  1 
ATOM   734  C CD  . ARG   A 1 107 ? -10.655 18.297  17.126  1.00 26.58 ? 217 ARG   A CD  1 
ATOM   735  N NE  . ARG   A 1 107 ? -9.891  18.787  18.254  1.00 28.10 ? 217 ARG   A NE  1 
ATOM   736  C CZ  . ARG   A 1 107 ? -10.235 19.835  18.993  1.00 29.96 ? 217 ARG   A CZ  1 
ATOM   737  N NH1 . ARG   A 1 107 ? -11.334 20.516  18.713  1.00 29.68 ? 217 ARG   A NH1 1 
ATOM   738  N NH2 . ARG   A 1 107 ? -9.471  20.200  20.007  1.00 30.43 ? 217 ARG   A NH2 1 
ATOM   739  N N   . PRO   A 1 108 ? -12.271 15.060  13.100  1.00 24.30 ? 218 PRO   A N   1 
ATOM   740  C CA  . PRO   A 1 108 ? -12.969 15.028  11.814  1.00 24.49 ? 218 PRO   A CA  1 
ATOM   741  C C   . PRO   A 1 108 ? -12.857 16.301  10.959  1.00 24.48 ? 218 PRO   A C   1 
ATOM   742  O O   . PRO   A 1 108 ? -13.044 16.203  9.760   1.00 24.24 ? 218 PRO   A O   1 
ATOM   743  C CB  . PRO   A 1 108 ? -14.431 14.790  12.215  1.00 25.98 ? 218 PRO   A CB  1 
ATOM   744  C CG  . PRO   A 1 108 ? -14.327 14.054  13.521  1.00 25.99 ? 218 PRO   A CG  1 
ATOM   745  C CD  . PRO   A 1 108 ? -13.155 14.705  14.222  1.00 25.25 ? 218 PRO   A CD  1 
ATOM   746  N N   . ASP   A 1 109 ? -12.531 17.448  11.563  1.00 24.51 ? 219 ASP   A N   1 
ATOM   747  C CA  . ASP   A 1 109 ? -12.453 18.747  10.841  1.00 25.26 ? 219 ASP   A CA  1 
ATOM   748  C C   . ASP   A 1 109 ? -11.104 18.893  10.118  1.00 24.10 ? 219 ASP   A C   1 
ATOM   749  O O   . ASP   A 1 109 ? -10.919 19.928  9.456   1.00 25.36 ? 219 ASP   A O   1 
ATOM   750  C CB  . ASP   A 1 109 ? -12.733 19.929  11.780  1.00 25.98 ? 219 ASP   A CB  1 
ATOM   751  C CG  . ASP   A 1 109 ? -11.682 20.170  12.853  1.00 26.30 ? 219 ASP   A CG  1 
ATOM   752  O OD1 . ASP   A 1 109 ? -10.752 19.336  12.977  1.00 24.92 ? 219 ASP   A OD1 1 
ATOM   753  O OD2 . ASP   A 1 109 ? -11.790 21.202  13.552  1.00 25.91 ? 219 ASP   A OD2 1 
ATOM   754  N N   . THR   A 1 110 ? -10.198 17.909  10.198  1.00 23.10 ? 220 THR   A N   1 
ATOM   755  C CA  . THR   A 1 110 ? -8.829  18.025  9.626   1.00 22.14 ? 220 THR   A CA  1 
ATOM   756  C C   . THR   A 1 110 ? -8.749  17.404  8.230   1.00 21.88 ? 220 THR   A C   1 
ATOM   757  O O   . THR   A 1 110 ? -9.539  16.474  7.916   1.00 21.04 ? 220 THR   A O   1 
ATOM   758  C CB  . THR   A 1 110 ? -7.774  17.374  10.525  1.00 22.95 ? 220 THR   A CB  1 
ATOM   759  O OG1 . THR   A 1 110 ? -8.062  15.977  10.604  1.00 22.35 ? 220 THR   A OG1 1 
ATOM   760  C CG2 . THR   A 1 110 ? -7.716  18.002  11.900  1.00 23.59 ? 220 THR   A CG2 1 
ATOM   761  N N   . VAL   A 1 111 ? -7.761  17.851  7.455   1.00 22.44 ? 221 VAL   A N   1 
ATOM   762  C CA  . VAL   A 1 111 ? -7.443  17.278  6.116   1.00 23.58 ? 221 VAL   A CA  1 
ATOM   763  C C   . VAL   A 1 111 ? -7.008  15.816  6.297   1.00 22.47 ? 221 VAL   A C   1 
ATOM   764  O O   . VAL   A 1 111 ? -7.385  14.991  5.446   1.00 23.48 ? 221 VAL   A O   1 
ATOM   765  C CB  . VAL   A 1 111 ? -6.387  18.119  5.370   1.00 26.13 ? 221 VAL   A CB  1 
ATOM   766  C CG1 . VAL   A 1 111 ? -6.790  19.585  5.308   1.00 27.65 ? 221 VAL   A CG1 1 
ATOM   767  C CG2 . VAL   A 1 111 ? -4.999  17.976  5.967   1.00 26.42 ? 221 VAL   A CG2 1 
ATOM   768  N N   . TYR   A 1 112 ? -6.288  15.489  7.379   1.00 22.72 ? 222 TYR   A N   1 
ATOM   769  C CA  . TYR   A 1 112 ? -5.736  14.125  7.634   1.00 21.64 ? 222 TYR   A CA  1 
ATOM   770  C C   . TYR   A 1 112 ? -6.878  13.119  7.831   1.00 21.75 ? 222 TYR   A C   1 
ATOM   771  O O   . TYR   A 1 112 ? -6.844  12.043  7.214   1.00 21.21 ? 222 TYR   A O   1 
ATOM   772  C CB  . TYR   A 1 112 ? -4.779  14.124  8.832   1.00 22.43 ? 222 TYR   A CB  1 
ATOM   773  C CG  . TYR   A 1 112 ? -3.863  15.319  8.829   1.00 22.18 ? 222 TYR   A CG  1 
ATOM   774  C CD1 . TYR   A 1 112 ? -2.975  15.513  7.787   1.00 22.28 ? 222 TYR   A CD1 1 
ATOM   775  C CD2 . TYR   A 1 112 ? -3.943  16.296  9.809   1.00 22.12 ? 222 TYR   A CD2 1 
ATOM   776  C CE1 . TYR   A 1 112 ? -2.160  16.630  7.732   1.00 22.19 ? 222 TYR   A CE1 1 
ATOM   777  C CE2 . TYR   A 1 112 ? -3.126  17.412  9.776   1.00 22.37 ? 222 TYR   A CE2 1 
ATOM   778  C CZ  . TYR   A 1 112 ? -2.243  17.587  8.724   1.00 22.49 ? 222 TYR   A CZ  1 
ATOM   779  O OH  . TYR   A 1 112 ? -1.440  18.690  8.657   1.00 24.54 ? 222 TYR   A OH  1 
ATOM   780  N N   . TYR   A 1 113 ? -7.863  13.454  8.667   1.00 21.54 ? 223 TYR   A N   1 
ATOM   781  C CA  . TYR   A 1 113 ? -9.081  12.631  8.898   1.00 22.30 ? 223 TYR   A CA  1 
ATOM   782  C C   . TYR   A 1 113 ? -9.845  12.434  7.582   1.00 22.54 ? 223 TYR   A C   1 
ATOM   783  O O   . TYR   A 1 113 ? -10.165 11.279  7.216   1.00 21.43 ? 223 TYR   A O   1 
ATOM   784  C CB  . TYR   A 1 113 ? -9.983  13.294  9.939   1.00 22.89 ? 223 TYR   A CB  1 
ATOM   785  C CG  . TYR   A 1 113 ? -11.199 12.487  10.309  1.00 23.83 ? 223 TYR   A CG  1 
ATOM   786  C CD1 . TYR   A 1 113 ? -12.277 12.375  9.444   1.00 24.85 ? 223 TYR   A CD1 1 
ATOM   787  C CD2 . TYR   A 1 113 ? -11.273 11.839  11.533  1.00 24.85 ? 223 TYR   A CD2 1 
ATOM   788  C CE1 . TYR   A 1 113 ? -13.401 11.639  9.783   1.00 26.47 ? 223 TYR   A CE1 1 
ATOM   789  C CE2 . TYR   A 1 113 ? -12.383 11.087  11.880  1.00 26.26 ? 223 TYR   A CE2 1 
ATOM   790  C CZ  . TYR   A 1 113 ? -13.447 10.987  11.001  1.00 27.01 ? 223 TYR   A CZ  1 
ATOM   791  O OH  . TYR   A 1 113 ? -14.541 10.253  11.346  1.00 29.43 ? 223 TYR   A OH  1 
ATOM   792  N N   . LYS   A 1 114 ? -10.137 13.532  6.882   1.00 23.92 ? 224 LYS   A N   1 
ATOM   793  C CA  . LYS   A 1 114 ? -10.965 13.533  5.648   1.00 25.40 ? 224 LYS   A CA  1 
ATOM   794  C C   . LYS   A 1 114 ? -10.257 12.717  4.564   1.00 24.89 ? 224 LYS   A C   1 
ATOM   795  O O   . LYS   A 1 114 ? -10.933 11.912  3.910   1.00 24.86 ? 224 LYS   A O   1 
ATOM   796  C CB  . LYS   A 1 114 ? -11.257 14.969  5.200   1.00 27.44 ? 224 LYS   A CB  1 
ATOM   797  C CG  . LYS   A 1 114 ? -12.192 15.732  6.130   1.00 29.69 ? 224 LYS   A CG  1 
ATOM   798  C CD  . LYS   A 1 114 ? -12.352 17.195  5.780   1.00 32.38 ? 224 LYS   A CD  1 
ATOM   799  C CE  . LYS   A 1 114 ? -12.988 17.986  6.902   1.00 34.69 ? 224 LYS   A CE  1 
ATOM   800  N NZ  . LYS   A 1 114 ? -13.067 19.425  6.573   1.00 38.65 ? 224 LYS   A NZ  1 
ATOM   801  N N   . LEU   A 1 115 ? -8.948  12.913  4.391   1.00 24.38 ? 225 LEU   A N   1 
ATOM   802  C CA  . LEU   A 1 115 ? -8.152  12.192  3.362   1.00 24.68 ? 225 LEU   A CA  1 
ATOM   803  C C   . LEU   A 1 115 ? -8.086  10.699  3.708   1.00 23.71 ? 225 LEU   A C   1 
ATOM   804  O O   . LEU   A 1 115 ? -8.291  9.875   2.797   1.00 23.46 ? 225 LEU   A O   1 
ATOM   805  C CB  . LEU   A 1 115 ? -6.750  12.796  3.273   1.00 25.81 ? 225 LEU   A CB  1 
ATOM   806  C CG  . LEU   A 1 115 ? -5.905  12.281  2.110   1.00 26.64 ? 225 LEU   A CG  1 
ATOM   807  C CD1 . LEU   A 1 115 ? -6.686  12.364  0.808   1.00 27.81 ? 225 LEU   A CD1 1 
ATOM   808  C CD2 . LEU   A 1 115 ? -4.600  13.058  2.009   1.00 27.32 ? 225 LEU   A CD2 1 
ATOM   809  N N   . ALA   A 1 116 ? -7.829  10.356  4.973   1.00 23.10 ? 226 ALA   A N   1 
ATOM   810  C CA  . ALA   A 1 116 ? -7.749  8.951   5.444   1.00 23.61 ? 226 ALA   A CA  1 
ATOM   811  C C   . ALA   A 1 116 ? -9.053  8.224   5.095   1.00 24.36 ? 226 ALA   A C   1 
ATOM   812  O O   . ALA   A 1 116 ? -8.994  7.090   4.573   1.00 23.25 ? 226 ALA   A O   1 
ATOM   813  C CB  . ALA   A 1 116 ? -7.475  8.915   6.928   1.00 23.30 ? 226 ALA   A CB  1 
ATOM   814  N N   . LYS   A 1 117 ? -10.195 8.866   5.346   1.00 26.01 ? 227 LYS   A N   1 
ATOM   815  C CA  . LYS   A 1 117 ? -11.535 8.269   5.114   1.00 29.23 ? 227 LYS   A CA  1 
ATOM   816  C C   . LYS   A 1 117 ? -11.697 7.991   3.615   1.00 29.94 ? 227 LYS   A C   1 
ATOM   817  O O   . LYS   A 1 117 ? -12.140 6.877   3.262   1.00 27.58 ? 227 LYS   A O   1 
ATOM   818  C CB  . LYS   A 1 117 ? -12.621 9.198   5.661   1.00 31.84 ? 227 LYS   A CB  1 
ATOM   819  C CG  . LYS   A 1 117 ? -14.042 8.650   5.623   1.00 35.25 ? 227 LYS   A CG  1 
ATOM   820  C CD  . LYS   A 1 117 ? -15.073 9.679   6.063   1.00 37.82 ? 227 LYS   A CD  1 
ATOM   821  C CE  . LYS   A 1 117 ? -16.501 9.251   5.800   1.00 41.69 ? 227 LYS   A CE  1 
ATOM   822  N NZ  . LYS   A 1 117 ? -16.979 8.297   6.826   1.00 44.33 ? 227 LYS   A NZ  1 
ATOM   823  N N   . LYS   A 1 118 ? -11.336 8.957   2.766   1.00 31.05 ? 228 LYS   A N   1 
ATOM   824  C CA  . LYS   A 1 118 ? -11.466 8.839   1.288   1.00 33.04 ? 228 LYS   A CA  1 
ATOM   825  C C   . LYS   A 1 118 ? -10.530 7.740   0.780   1.00 32.34 ? 228 LYS   A C   1 
ATOM   826  O O   . LYS   A 1 118 ? -10.997 6.889   -0.001  1.00 33.09 ? 228 LYS   A O   1 
ATOM   827  C CB  . LYS   A 1 118 ? -11.156 10.170  0.597   1.00 35.98 ? 228 LYS   A CB  1 
ATOM   828  C CG  . LYS   A 1 118 ? -12.124 11.299  0.916   1.00 40.67 ? 228 LYS   A CG  1 
ATOM   829  C CD  . LYS   A 1 118 ? -12.315 12.305  -0.204  1.00 44.32 ? 228 LYS   A CD  1 
ATOM   830  C CE  . LYS   A 1 118 ? -11.017 12.861  -0.754  1.00 47.46 ? 228 LYS   A CE  1 
ATOM   831  N NZ  . LYS   A 1 118 ? -10.592 12.166  -1.994  1.00 50.44 ? 228 LYS   A NZ  1 
ATOM   832  N N   . ILE   A 1 119 ? -9.263  7.762   1.208   1.00 30.34 ? 229 ILE   A N   1 
ATOM   833  C CA  . ILE   A 1 119 ? -8.216  6.769   0.819   1.00 30.65 ? 229 ILE   A CA  1 
ATOM   834  C C   . ILE   A 1 119 ? -8.684  5.361   1.216   1.00 28.72 ? 229 ILE   A C   1 
ATOM   835  O O   . ILE   A 1 119 ? -8.576  4.443   0.376   1.00 26.03 ? 229 ILE   A O   1 
ATOM   836  C CB  . ILE   A 1 119 ? -6.862  7.123   1.468   1.00 33.63 ? 229 ILE   A CB  1 
ATOM   837  C CG1 . ILE   A 1 119 ? -6.136  8.233   0.711   1.00 35.85 ? 229 ILE   A CG1 1 
ATOM   838  C CG2 . ILE   A 1 119 ? -5.985  5.899   1.603   1.00 35.81 ? 229 ILE   A CG2 1 
ATOM   839  C CD1 . ILE   A 1 119 ? -4.789  8.584   1.307   1.00 36.93 ? 229 ILE   A CD1 1 
ATOM   840  N N   . LEU   A 1 120 ? -9.158  5.191   2.454   1.00 26.59 ? 230 LEU   A N   1 
ATOM   841  C CA  . LEU   A 1 120 ? -9.606  3.877   2.987   1.00 27.00 ? 230 LEU   A CA  1 
ATOM   842  C C   . LEU   A 1 120 ? -10.713 3.305   2.088   1.00 25.73 ? 230 LEU   A C   1 
ATOM   843  O O   . LEU   A 1 120 ? -10.579 2.151   1.645   1.00 25.66 ? 230 LEU   A O   1 
ATOM   844  C CB  . LEU   A 1 120 ? -10.087 4.047   4.432   1.00 26.95 ? 230 LEU   A CB  1 
ATOM   845  C CG  . LEU   A 1 120 ? -10.638 2.785   5.092   1.00 28.14 ? 230 LEU   A CG  1 
ATOM   846  C CD1 . LEU   A 1 120 ? -9.613  1.664   5.050   1.00 28.98 ? 230 LEU   A CD1 1 
ATOM   847  C CD2 . LEU   A 1 120 ? -11.075 3.068   6.523   1.00 29.45 ? 230 LEU   A CD2 1 
ATOM   848  N N   . HIS   A 1 121 ? -11.764 4.081   1.827   1.00 26.72 ? 231 HIS   A N   1 
ATOM   849  C CA  . HIS   A 1 121 ? -12.929 3.666   0.998   1.00 28.26 ? 231 HIS   A CA  1 
ATOM   850  C C   . HIS   A 1 121 ? -12.462 3.319   -0.424  1.00 26.12 ? 231 HIS   A C   1 
ATOM   851  O O   . HIS   A 1 121 ? -12.765 2.201   -0.888  1.00 25.71 ? 231 HIS   A O   1 
ATOM   852  C CB  . HIS   A 1 121 ? -14.014 4.755   1.024   1.00 31.18 ? 231 HIS   A CB  1 
ATOM   853  C CG  . HIS   A 1 121 ? -15.213 4.420   0.201   1.00 35.54 ? 231 HIS   A CG  1 
ATOM   854  N ND1 . HIS   A 1 121 ? -16.290 3.723   0.719   1.00 39.09 ? 231 HIS   A ND1 1 
ATOM   855  C CD2 . HIS   A 1 121 ? -15.497 4.657   -1.099  1.00 36.93 ? 231 HIS   A CD2 1 
ATOM   856  C CE1 . HIS   A 1 121 ? -17.193 3.554   -0.228  1.00 39.50 ? 231 HIS   A CE1 1 
ATOM   857  N NE2 . HIS   A 1 121 ? -16.728 4.120   -1.356  1.00 38.15 ? 231 HIS   A NE2 1 
ATOM   858  N N   . ALA   A 1 122 ? -11.717 4.220   -1.077  1.00 26.20 ? 232 ALA   A N   1 
ATOM   859  C CA  . ALA   A 1 122 ? -11.258 4.074   -2.482  1.00 27.34 ? 232 ALA   A CA  1 
ATOM   860  C C   . ALA   A 1 122 ? -10.327 2.862   -2.616  1.00 26.13 ? 232 ALA   A C   1 
ATOM   861  O O   . ALA   A 1 122 ? -10.464 2.114   -3.604  1.00 26.13 ? 232 ALA   A O   1 
ATOM   862  C CB  . ALA   A 1 122 ? -10.573 5.338   -2.943  1.00 27.87 ? 232 ALA   A CB  1 
ATOM   863  N N   . GLY   A 1 123 ? -9.410  2.679   -1.661  1.00 25.65 ? 233 GLY   A N   1 
ATOM   864  C CA  . GLY   A 1 123 ? -8.412  1.596   -1.671  1.00 25.44 ? 233 GLY   A CA  1 
ATOM   865  C C   . GLY   A 1 123 ? -9.061  0.226   -1.570  1.00 24.70 ? 233 GLY   A C   1 
ATOM   866  O O   . GLY   A 1 123 ? -8.662  -0.680  -2.322  1.00 23.71 ? 233 GLY   A O   1 
ATOM   867  N N   . PHE   A 1 124 ? -10.030 0.066   -0.669  1.00 24.99 ? 234 PHE   A N   1 
ATOM   868  C CA  . PHE   A 1 124 ? -10.735 -1.223  -0.453  1.00 26.04 ? 234 PHE   A CA  1 
ATOM   869  C C   . PHE   A 1 124 ? -11.557 -1.564  -1.704  1.00 26.61 ? 234 PHE   A C   1 
ATOM   870  O O   . PHE   A 1 124 ? -11.566 -2.746  -2.072  1.00 28.41 ? 234 PHE   A O   1 
ATOM   871  C CB  . PHE   A 1 124 ? -11.516 -1.207  0.865   1.00 27.00 ? 234 PHE   A CB  1 
ATOM   872  C CG  . PHE   A 1 124 ? -10.721 -1.790  2.008   1.00 28.07 ? 234 PHE   A CG  1 
ATOM   873  C CD1 . PHE   A 1 124 ? -9.529  -1.204  2.407   1.00 29.32 ? 234 PHE   A CD1 1 
ATOM   874  C CD2 . PHE   A 1 124 ? -11.116 -2.965  2.630   1.00 30.03 ? 234 PHE   A CD2 1 
ATOM   875  C CE1 . PHE   A 1 124 ? -8.772  -1.752  3.434   1.00 30.38 ? 234 PHE   A CE1 1 
ATOM   876  C CE2 . PHE   A 1 124 ? -10.360 -3.511  3.656   1.00 31.18 ? 234 PHE   A CE2 1 
ATOM   877  C CZ  . PHE   A 1 124 ? -9.190  -2.904  4.057   1.00 30.78 ? 234 PHE   A CZ  1 
ATOM   878  N N   . LYS   A 1 125 ? -12.177 -0.578  -2.363  1.00 25.87 ? 235 LYS   A N   1 
ATOM   879  C CA  . LYS   A 1 125 ? -12.966 -0.800  -3.611  1.00 28.05 ? 235 LYS   A CA  1 
ATOM   880  C C   . LYS   A 1 125 ? -12.024 -1.275  -4.724  1.00 27.75 ? 235 LYS   A C   1 
ATOM   881  O O   . LYS   A 1 125 ? -12.323 -2.274  -5.396  1.00 29.02 ? 235 LYS   A O   1 
ATOM   882  C CB  . LYS   A 1 125 ? -13.674 0.486   -4.043  1.00 28.70 ? 235 LYS   A CB  1 
ATOM   883  C CG  . LYS   A 1 125 ? -14.871 0.887   -3.195  1.00 31.80 ? 235 LYS   A CG  1 
ATOM   884  C CD  . LYS   A 1 125 ? -16.023 -0.076  -3.307  1.00 33.96 ? 235 LYS   A CD  1 
ATOM   885  C CE  . LYS   A 1 125 ? -17.335 0.530   -2.860  1.00 35.80 ? 235 LYS   A CE  1 
ATOM   886  N NZ  . LYS   A 1 125 ? -18.465 -0.384  -3.142  1.00 36.50 ? 235 LYS   A NZ  1 
ATOM   887  N N   . MET   A 1 126 ? -10.900 -0.580  -4.873  1.00 26.37 ? 236 MET   A N   1 
ATOM   888  C CA  . MET   A 1 126 ? -9.920  -0.761  -5.970  1.00 27.06 ? 236 MET   A CA  1 
ATOM   889  C C   . MET   A 1 126 ? -9.195  -2.113  -5.822  1.00 25.85 ? 236 MET   A C   1 
ATOM   890  O O   . MET   A 1 126 ? -8.812  -2.691  -6.853  1.00 23.94 ? 236 MET   A O   1 
ATOM   891  C CB  . MET   A 1 126 ? -8.980  0.447   -5.908  1.00 30.62 ? 236 MET   A CB  1 
ATOM   892  C CG  . MET   A 1 126 ? -7.600  0.269   -6.418  1.00 33.70 ? 236 MET   A CG  1 
ATOM   893  S SD  . MET   A 1 126 ? -6.563  1.670   -5.902  1.00 33.83 ? 236 MET   A SD  1 
ATOM   894  C CE  . MET   A 1 126 ? -7.698  3.054   -5.980  1.00 35.07 ? 236 MET   A CE  1 
ATOM   895  N N   . MET   A 1 127 ? -9.069  -2.646  -4.604  1.00 25.01 ? 237 MET   A N   1 
ATOM   896  C CA  . MET   A 1 127 ? -8.274  -3.879  -4.342  1.00 26.75 ? 237 MET   A CA  1 
ATOM   897  C C   . MET   A 1 127 ? -9.158  -5.046  -3.886  1.00 26.56 ? 237 MET   A C   1 
ATOM   898  O O   . MET   A 1 127 ? -8.590  -6.033  -3.381  1.00 25.44 ? 237 MET   A O   1 
ATOM   899  C CB  . MET   A 1 127 ? -7.207  -3.606  -3.280  1.00 28.20 ? 237 MET   A CB  1 
ATOM   900  C CG  . MET   A 1 127 ? -6.163  -2.612  -3.736  1.00 30.48 ? 237 MET   A CG  1 
ATOM   901  S SD  . MET   A 1 127 ? -4.817  -2.445  -2.544  1.00 32.51 ? 237 MET   A SD  1 
ATOM   902  C CE  . MET   A 1 127 ? -5.569  -1.354  -1.338  1.00 34.56 ? 237 MET   A CE  1 
ATOM   903  N N   . SER   A 1 128 ? -10.480 -4.970  -4.065  1.00 27.10 ? 238 SER   A N   1 
ATOM   904  C CA  . SER   A 1 128 ? -11.413 -6.061  -3.677  1.00 28.80 ? 238 SER   A CA  1 
ATOM   905  C C   . SER   A 1 128 ? -11.072 -7.329  -4.476  1.00 28.64 ? 238 SER   A C   1 
ATOM   906  O O   . SER   A 1 128 ? -10.710 -7.220  -5.667  1.00 26.58 ? 238 SER   A O   1 
ATOM   907  C CB  . SER   A 1 128 ? -12.860 -5.657  -3.841  1.00 29.71 ? 238 SER   A CB  1 
ATOM   908  O OG  . SER   A 1 128 ? -13.299 -5.854  -5.174  1.00 30.77 ? 238 SER   A OG  1 
ATOM   909  N N   . LYS   A 1 129 ? -11.155 -8.490  -3.829  1.00 29.26 ? 239 LYS   A N   1 
ATOM   910  C CA  . LYS   A 1 129 ? -10.932 -9.816  -4.459  1.00 31.88 ? 239 LYS   A CA  1 
ATOM   911  C C   . LYS   A 1 129 ? -11.789 -9.912  -5.730  1.00 29.08 ? 239 LYS   A C   1 
ATOM   912  O O   . LYS   A 1 129 ? -11.273 -10.381 -6.755  1.00 28.85 ? 239 LYS   A O   1 
ATOM   913  C CB  . LYS   A 1 129 ? -11.281 -10.921 -3.456  1.00 35.67 ? 239 LYS   A CB  1 
ATOM   914  C CG  . LYS   A 1 129 ? -11.105 -12.346 -3.955  1.00 40.66 ? 239 LYS   A CG  1 
ATOM   915  C CD  . LYS   A 1 129 ? -11.783 -13.382 -3.074  1.00 45.25 ? 239 LYS   A CD  1 
ATOM   916  C CE  . LYS   A 1 129 ? -11.008 -13.691 -1.810  1.00 48.15 ? 239 LYS   A CE  1 
ATOM   917  N NZ  . LYS   A 1 129 ? -9.878  -14.616 -2.072  1.00 52.26 ? 239 LYS   A NZ  1 
ATOM   918  N N   . GLU   A 1 130 ? -13.044 -9.463  -5.656  1.00 27.33 ? 240 GLU   A N   1 
ATOM   919  C CA  . GLU   A 1 130 ? -14.032 -9.539  -6.767  1.00 28.82 ? 240 GLU   A CA  1 
ATOM   920  C C   . GLU   A 1 130 ? -13.538 -8.675  -7.936  1.00 25.79 ? 240 GLU   A C   1 
ATOM   921  O O   . GLU   A 1 130 ? -13.591 -9.138  -9.093  1.00 23.93 ? 240 GLU   A O   1 
ATOM   922  C CB  . GLU   A 1 130 ? -15.419 -9.111  -6.281  1.00 32.20 ? 240 GLU   A CB  1 
ATOM   923  C CG  . GLU   A 1 130 ? -16.013 -10.039 -5.224  1.00 37.15 ? 240 GLU   A CG  1 
ATOM   924  C CD  . GLU   A 1 130 ? -15.432 -9.942  -3.814  1.00 41.29 ? 240 GLU   A CD  1 
ATOM   925  O OE1 . GLU   A 1 130 ? -14.749 -8.931  -3.501  1.00 37.94 ? 240 GLU   A OE1 1 
ATOM   926  O OE2 . GLU   A 1 130 ? -15.654 -10.891 -3.023  1.00 47.61 ? 240 GLU   A OE2 1 
ATOM   927  N N   . ARG   A 1 131 ? -13.056 -7.464  -7.655  1.00 23.97 ? 241 ARG   A N   1 
ATOM   928  C CA  . ARG   A 1 131 ? -12.533 -6.563  -8.715  1.00 22.54 ? 241 ARG   A CA  1 
ATOM   929  C C   . ARG   A 1 131 ? -11.279 -7.173  -9.347  1.00 22.42 ? 241 ARG   A C   1 
ATOM   930  O O   . ARG   A 1 131 ? -11.186 -7.159  -10.583 1.00 21.69 ? 241 ARG   A O   1 
ATOM   931  C CB  . ARG   A 1 131 ? -12.242 -5.158  -8.187  1.00 23.44 ? 241 ARG   A CB  1 
ATOM   932  C CG  . ARG   A 1 131 ? -11.793 -4.210  -9.289  1.00 22.95 ? 241 ARG   A CG  1 
ATOM   933  C CD  . ARG   A 1 131 ? -11.781 -2.751  -8.889  1.00 22.84 ? 241 ARG   A CD  1 
ATOM   934  N NE  . ARG   A 1 131 ? -11.450 -1.952  -10.060 1.00 23.12 ? 241 ARG   A NE  1 
ATOM   935  C CZ  . ARG   A 1 131 ? -10.244 -1.484  -10.361 1.00 24.08 ? 241 ARG   A CZ  1 
ATOM   936  N NH1 . ARG   A 1 131 ? -10.075 -0.798  -11.478 1.00 24.71 ? 241 ARG   A NH1 1 
ATOM   937  N NH2 . ARG   A 1 131 ? -9.213  -1.693  -9.559  1.00 24.40 ? 241 ARG   A NH2 1 
ATOM   938  N N   . LEU   A 1 132 ? -10.346 -7.692  -8.545  1.00 23.09 ? 242 LEU   A N   1 
ATOM   939  C CA  . LEU   A 1 132 ? -9.063  -8.234  -9.067  1.00 24.78 ? 242 LEU   A CA  1 
ATOM   940  C C   . LEU   A 1 132 ? -9.354  -9.470  -9.931  1.00 24.17 ? 242 LEU   A C   1 
ATOM   941  O O   . LEU   A 1 132 ? -8.697  -9.627  -10.974 1.00 23.62 ? 242 LEU   A O   1 
ATOM   942  C CB  . LEU   A 1 132 ? -8.116  -8.545  -7.906  1.00 25.88 ? 242 LEU   A CB  1 
ATOM   943  C CG  . LEU   A 1 132 ? -7.685  -7.335  -7.073  1.00 27.36 ? 242 LEU   A CG  1 
ATOM   944  C CD1 . LEU   A 1 132 ? -6.850  -7.769  -5.881  1.00 27.65 ? 242 LEU   A CD1 1 
ATOM   945  C CD2 . LEU   A 1 132 ? -6.933  -6.327  -7.930  1.00 28.41 ? 242 LEU   A CD2 1 
ATOM   946  N N   . LEU   A 1 133 ? -10.307 -10.309 -9.521  1.00 25.32 ? 243 LEU   A N   1 
ATOM   947  C CA  . LEU   A 1 133 ? -10.749 -11.490 -10.315 1.00 26.02 ? 243 LEU   A CA  1 
ATOM   948  C C   . LEU   A 1 133 ? -11.257 -11.009 -11.682 1.00 24.99 ? 243 LEU   A C   1 
ATOM   949  O O   . LEU   A 1 133 ? -10.860 -11.593 -12.699 1.00 24.17 ? 243 LEU   A O   1 
ATOM   950  C CB  . LEU   A 1 133 ? -11.851 -12.238 -9.553  1.00 29.19 ? 243 LEU   A CB  1 
ATOM   951  C CG  . LEU   A 1 133 ? -11.875 -13.761 -9.681  1.00 33.73 ? 243 LEU   A CG  1 
ATOM   952  C CD1 . LEU   A 1 133 ? -13.251 -14.300 -9.319  1.00 34.19 ? 243 LEU   A CD1 1 
ATOM   953  C CD2 . LEU   A 1 133 ? -11.461 -14.238 -11.066 1.00 34.78 ? 243 LEU   A CD2 1 
ATOM   954  N N   . ALA   A 1 134 ? -12.115 -9.984  -11.705 1.00 23.48 ? 244 ALA   A N   1 
ATOM   955  C CA  . ALA   A 1 134 ? -12.732 -9.445  -12.941 1.00 23.19 ? 244 ALA   A CA  1 
ATOM   956  C C   . ALA   A 1 134 ? -11.642 -8.869  -13.852 1.00 22.39 ? 244 ALA   A C   1 
ATOM   957  O O   . ALA   A 1 134 ? -11.711 -9.092  -15.077 1.00 21.50 ? 244 ALA   A O   1 
ATOM   958  C CB  . ALA   A 1 134 ? -13.794 -8.428  -12.611 1.00 23.16 ? 244 ALA   A CB  1 
ATOM   959  N N   . LEU   A 1 135 ? -10.645 -8.189  -13.280 1.00 22.33 ? 245 LEU   A N   1 
ATOM   960  C CA  . LEU   A 1 135 ? -9.512  -7.625  -14.057 1.00 23.53 ? 245 LEU   A CA  1 
ATOM   961  C C   . LEU   A 1 135 ? -8.697  -8.780  -14.641 1.00 24.67 ? 245 LEU   A C   1 
ATOM   962  O O   . LEU   A 1 135 ? -8.388  -8.740  -15.847 1.00 23.80 ? 245 LEU   A O   1 
ATOM   963  C CB  . LEU   A 1 135 ? -8.653  -6.737  -13.153 1.00 23.76 ? 245 LEU   A CB  1 
ATOM   964  C CG  . LEU   A 1 135 ? -9.307  -5.423  -12.721 1.00 24.58 ? 245 LEU   A CG  1 
ATOM   965  C CD1 . LEU   A 1 135 ? -8.477  -4.739  -11.645 1.00 25.15 ? 245 LEU   A CD1 1 
ATOM   966  C CD2 . LEU   A 1 135 ? -9.510  -4.502  -13.910 1.00 24.69 ? 245 LEU   A CD2 1 
ATOM   967  N N   . LYS   A 1 136 ? -8.366  -9.777  -13.817 1.00 24.93 ? 246 LYS   A N   1 
ATOM   968  C CA  . LYS   A 1 136 ? -7.630  -10.985 -14.272 1.00 26.57 ? 246 LYS   A CA  1 
ATOM   969  C C   . LYS   A 1 136 ? -8.376  -11.621 -15.457 1.00 26.43 ? 246 LYS   A C   1 
ATOM   970  O O   . LYS   A 1 136 ? -7.715  -11.950 -16.461 1.00 25.34 ? 246 LYS   A O   1 
ATOM   971  C CB  . LYS   A 1 136 ? -7.460  -11.983 -13.125 1.00 27.49 ? 246 LYS   A CB  1 
ATOM   972  C CG  . LYS   A 1 136 ? -6.688  -13.243 -13.493 1.00 29.38 ? 246 LYS   A CG  1 
ATOM   973  C CD  . LYS   A 1 136 ? -6.557  -14.219 -12.351 1.00 30.91 ? 246 LYS   A CD  1 
ATOM   974  C CE  . LYS   A 1 136 ? -6.009  -15.562 -12.788 1.00 33.06 ? 246 LYS   A CE  1 
ATOM   975  N NZ  . LYS   A 1 136 ? -5.699  -16.418 -11.621 1.00 34.84 ? 246 LYS   A NZ  1 
ATOM   976  N N   . ARG   A 1 137 ? -9.701  -11.773 -15.357 1.00 27.45 ? 247 ARG   A N   1 
ATOM   977  C CA  . ARG   A 1 137 ? -10.529 -12.417 -16.417 1.00 29.62 ? 247 ARG   A CA  1 
ATOM   978  C C   . ARG   A 1 137 ? -10.479 -11.580 -17.702 1.00 29.23 ? 247 ARG   A C   1 
ATOM   979  O O   . ARG   A 1 137 ? -10.319 -12.175 -18.783 1.00 27.66 ? 247 ARG   A O   1 
ATOM   980  C CB  . ARG   A 1 137 ? -11.957 -12.652 -15.917 1.00 33.22 ? 247 ARG   A CB  1 
ATOM   981  C CG  . ARG   A 1 137 ? -12.057 -13.818 -14.945 1.00 36.89 ? 247 ARG   A CG  1 
ATOM   982  C CD  . ARG   A 1 137 ? -13.478 -14.155 -14.538 1.00 41.74 ? 247 ARG   A CD  1 
ATOM   983  N NE  . ARG   A 1 137 ? -13.499 -15.185 -13.504 1.00 45.91 ? 247 ARG   A NE  1 
ATOM   984  C CZ  . ARG   A 1 137 ? -14.515 -15.428 -12.675 1.00 50.62 ? 247 ARG   A CZ  1 
ATOM   985  N NH1 . ARG   A 1 137 ? -15.626 -14.710 -12.728 1.00 50.65 ? 247 ARG   A NH1 1 
ATOM   986  N NH2 . ARG   A 1 137 ? -14.408 -16.394 -11.776 1.00 53.72 ? 247 ARG   A NH2 1 
ATOM   987  N N   . SER   A 1 138 ? -10.546 -10.250 -17.597 1.00 28.02 ? 248 SER   A N   1 
ATOM   988  C CA  . SER   A 1 138 ? -10.462 -9.315  -18.752 1.00 28.88 ? 248 SER   A CA  1 
ATOM   989  C C   . SER   A 1 138 ? -9.116  -9.459  -19.479 1.00 27.91 ? 248 SER   A C   1 
ATOM   990  O O   . SER   A 1 138 ? -9.087  -9.209  -20.691 1.00 27.61 ? 248 SER   A O   1 
ATOM   991  C CB  . SER   A 1 138 ? -10.690 -7.890  -18.315 1.00 30.88 ? 248 SER   A CB  1 
ATOM   992  O OG  . SER   A 1 138 ? -12.051 -7.686  -17.965 1.00 36.13 ? 248 SER   A OG  1 
ATOM   993  N N   . MET   A 1 139 ? -8.046  -9.827  -18.769 1.00 27.17 ? 249 MET   A N   1 
ATOM   994  C CA  . MET   A 1 139 ? -6.650  -9.849  -19.297 1.00 28.76 ? 249 MET   A CA  1 
ATOM   995  C C   . MET   A 1 139 ? -6.284  -11.231 -19.855 1.00 29.02 ? 249 MET   A C   1 
ATOM   996  O O   . MET   A 1 139 ? -5.244  -11.329 -20.538 1.00 28.79 ? 249 MET   A O   1 
ATOM   997  C CB  . MET   A 1 139 ? -5.647  -9.501  -18.193 1.00 28.77 ? 249 MET   A CB  1 
ATOM   998  C CG  . MET   A 1 139 ? -5.781  -8.091  -17.664 1.00 29.42 ? 249 MET   A CG  1 
ATOM   999  S SD  . MET   A 1 139 ? -4.803  -7.839  -16.153 1.00 29.63 ? 249 MET   A SD  1 
ATOM   1000 C CE  . MET   A 1 139 ? -3.143  -7.833  -16.830 1.00 30.14 ? 249 MET   A CE  1 
ATOM   1001 N N   . SER   A 1 140 ? -7.082  -12.259 -19.566 1.00 29.92 ? 250 SER   A N   1 
ATOM   1002 C CA  . SER   A 1 140 ? -6.716  -13.686 -19.765 1.00 31.78 ? 250 SER   A CA  1 
ATOM   1003 C C   . SER   A 1 140 ? -6.465  -13.979 -21.249 1.00 31.01 ? 250 SER   A C   1 
ATOM   1004 O O   . SER   A 1 140 ? -5.607  -14.825 -21.525 1.00 32.26 ? 250 SER   A O   1 
ATOM   1005 C CB  . SER   A 1 140 ? -7.757  -14.619 -19.185 1.00 32.04 ? 250 SER   A CB  1 
ATOM   1006 O OG  . SER   A 1 140 ? -9.007  -14.472 -19.840 1.00 34.05 ? 250 SER   A OG  1 
ATOM   1007 N N   . PHE   A 1 141 ? -7.146  -13.282 -22.163 1.00 29.81 ? 251 PHE   A N   1 
ATOM   1008 C CA  . PHE   A 1 141 ? -7.064  -13.544 -23.625 1.00 30.99 ? 251 PHE   A CA  1 
ATOM   1009 C C   . PHE   A 1 141 ? -5.609  -13.443 -24.107 1.00 31.75 ? 251 PHE   A C   1 
ATOM   1010 O O   . PHE   A 1 141 ? -5.221  -14.263 -24.958 1.00 32.83 ? 251 PHE   A O   1 
ATOM   1011 C CB  . PHE   A 1 141 ? -8.019  -12.640 -24.409 1.00 31.58 ? 251 PHE   A CB  1 
ATOM   1012 C CG  . PHE   A 1 141 ? -7.582  -11.211 -24.601 1.00 31.59 ? 251 PHE   A CG  1 
ATOM   1013 C CD1 . PHE   A 1 141 ? -7.803  -10.264 -23.614 1.00 32.62 ? 251 PHE   A CD1 1 
ATOM   1014 C CD2 . PHE   A 1 141 ? -6.979  -10.806 -25.780 1.00 33.37 ? 251 PHE   A CD2 1 
ATOM   1015 C CE1 . PHE   A 1 141 ? -7.420  -8.946  -23.799 1.00 33.30 ? 251 PHE   A CE1 1 
ATOM   1016 C CE2 . PHE   A 1 141 ? -6.593  -9.488  -25.962 1.00 32.41 ? 251 PHE   A CE2 1 
ATOM   1017 C CZ  . PHE   A 1 141 ? -6.813  -8.561  -24.973 1.00 32.69 ? 251 PHE   A CZ  1 
ATOM   1018 N N   . MET   A 1 142 ? -4.820  -12.505 -23.574 1.00 32.20 ? 252 MET   A N   1 
ATOM   1019 C CA  . MET   A 1 142 ? -3.398  -12.316 -23.977 1.00 33.77 ? 252 MET   A CA  1 
ATOM   1020 C C   . MET   A 1 142 ? -2.565  -13.544 -23.586 1.00 35.51 ? 252 MET   A C   1 
ATOM   1021 O O   . MET   A 1 142 ? -1.633  -13.883 -24.335 1.00 35.95 ? 252 MET   A O   1 
ATOM   1022 C CB  . MET   A 1 142 ? -2.790  -11.062 -23.341 1.00 34.14 ? 252 MET   A CB  1 
ATOM   1023 C CG  . MET   A 1 142 ? -3.209  -9.789  -24.039 1.00 34.72 ? 252 MET   A CG  1 
ATOM   1024 S SD  . MET   A 1 142 ? -2.642  -9.752  -25.761 1.00 33.34 ? 252 MET   A SD  1 
ATOM   1025 C CE  . MET   A 1 142 ? -0.918  -9.317  -25.541 1.00 36.26 ? 252 MET   A CE  1 
ATOM   1026 N N   . GLN   A 1 143 ? -2.888  -14.206 -22.473 1.00 37.12 ? 253 GLN   A N   1 
ATOM   1027 C CA  . GLN   A 1 143 ? -2.126  -15.401 -22.018 1.00 39.42 ? 253 GLN   A CA  1 
ATOM   1028 C C   . GLN   A 1 143 ? -2.499  -16.612 -22.882 1.00 41.19 ? 253 GLN   A C   1 
ATOM   1029 O O   . GLN   A 1 143 ? -1.664  -17.526 -22.983 1.00 42.19 ? 253 GLN   A O   1 
ATOM   1030 C CB  . GLN   A 1 143 ? -2.357  -15.657 -20.530 1.00 41.13 ? 253 GLN   A CB  1 
ATOM   1031 C CG  . GLN   A 1 143 ? -1.976  -14.472 -19.650 1.00 41.67 ? 253 GLN   A CG  1 
ATOM   1032 C CD  . GLN   A 1 143 ? -0.596  -13.902 -19.894 1.00 43.18 ? 253 GLN   A CD  1 
ATOM   1033 O OE1 . GLN   A 1 143 ? -0.420  -12.692 -20.064 1.00 39.21 ? 253 GLN   A OE1 1 
ATOM   1034 N NE2 . GLN   A 1 143 ? 0.404   -14.770 -19.884 1.00 41.64 ? 253 GLN   A NE2 1 
ATOM   1035 N N   . ASP   A 1 144 ? -3.690  -16.610 -23.489 1.00 42.01 ? 254 ASP   A N   1 
ATOM   1036 C CA  . ASP   A 1 144 ? -4.184  -17.699 -24.376 1.00 44.43 ? 254 ASP   A CA  1 
ATOM   1037 C C   . ASP   A 1 144 ? -3.574  -17.564 -25.780 1.00 44.32 ? 254 ASP   A C   1 
ATOM   1038 O O   . ASP   A 1 144 ? -3.608  -18.561 -26.521 1.00 45.07 ? 254 ASP   A O   1 
ATOM   1039 C CB  . ASP   A 1 144 ? -5.713  -17.710 -24.441 1.00 44.96 ? 254 ASP   A CB  1 
ATOM   1040 C CG  . ASP   A 1 144 ? -6.388  -17.987 -23.108 1.00 46.72 ? 254 ASP   A CG  1 
ATOM   1041 O OD1 . ASP   A 1 144 ? -5.711  -18.515 -22.208 1.00 49.64 ? 254 ASP   A OD1 1 
ATOM   1042 O OD2 . ASP   A 1 144 ? -7.586  -17.667 -22.979 1.00 48.94 ? 254 ASP   A OD2 1 
ATOM   1043 N N   . MET   A 1 145 ? -3.046  -16.387 -26.137 1.00 44.49 ? 255 MET   A N   1 
ATOM   1044 C CA  . MET   A 1 145 ? -2.415  -16.115 -27.461 1.00 47.14 ? 255 MET   A CA  1 
ATOM   1045 C C   . MET   A 1 145 ? -0.951  -16.576 -27.433 1.00 47.91 ? 255 MET   A C   1 
ATOM   1046 O O   . MET   A 1 145 ? -0.325  -16.477 -26.360 1.00 47.87 ? 255 MET   A O   1 
ATOM   1047 C CB  . MET   A 1 145 ? -2.439  -14.620 -27.796 1.00 46.64 ? 255 MET   A CB  1 
ATOM   1048 C CG  . MET   A 1 145 ? -3.833  -14.011 -27.919 1.00 47.04 ? 255 MET   A CG  1 
ATOM   1049 S SD  . MET   A 1 145 ? -4.722  -14.430 -29.443 1.00 46.59 ? 255 MET   A SD  1 
ATOM   1050 C CE  . MET   A 1 145 ? -3.442  -14.230 -30.682 1.00 47.63 ? 255 MET   A CE  1 
ATOM   1051 N N   . ASP   A 1 146 ? -0.427  -17.037 -28.575 1.00 49.57 ? 256 ASP   A N   1 
ATOM   1052 C CA  . ASP   A 1 146 ? 1.012   -17.367 -28.780 1.00 52.50 ? 256 ASP   A CA  1 
ATOM   1053 C C   . ASP   A 1 146 ? 1.615   -16.348 -29.753 1.00 50.79 ? 256 ASP   A C   1 
ATOM   1054 O O   . ASP   A 1 146 ? 1.068   -16.209 -30.862 1.00 52.13 ? 256 ASP   A O   1 
ATOM   1055 C CB  . ASP   A 1 146 ? 1.190   -18.793 -29.309 1.00 57.28 ? 256 ASP   A CB  1 
ATOM   1056 C CG  . ASP   A 1 146 ? 2.642   -19.156 -29.573 1.00 59.41 ? 256 ASP   A CG  1 
ATOM   1057 O OD1 . ASP   A 1 146 ? 3.415   -19.223 -28.598 1.00 62.06 ? 256 ASP   A OD1 1 
ATOM   1058 O OD2 . ASP   A 1 146 ? 2.993   -19.344 -30.754 1.00 62.83 ? 256 ASP   A OD2 1 
ATOM   1059 N N   . PHE   A 1 147 ? 2.700   -15.674 -29.359 1.00 49.03 ? 257 PHE   A N   1 
ATOM   1060 C CA  . PHE   A 1 147 ? 3.309   -14.544 -30.110 1.00 47.11 ? 257 PHE   A CA  1 
ATOM   1061 C C   . PHE   A 1 147 ? 4.753   -14.869 -30.502 1.00 48.17 ? 257 PHE   A C   1 
ATOM   1062 O O   . PHE   A 1 147 ? 5.716   -14.350 -29.932 1.00 50.43 ? 257 PHE   A O   1 
ATOM   1063 C CB  . PHE   A 1 147 ? 3.222   -13.266 -29.274 1.00 44.12 ? 257 PHE   A CB  1 
ATOM   1064 C CG  . PHE   A 1 147 ? 1.812   -12.805 -29.011 1.00 40.49 ? 257 PHE   A CG  1 
ATOM   1065 C CD1 . PHE   A 1 147 ? 0.943   -12.555 -30.063 1.00 38.61 ? 257 PHE   A CD1 1 
ATOM   1066 C CD2 . PHE   A 1 147 ? 1.352   -12.616 -27.717 1.00 38.56 ? 257 PHE   A CD2 1 
ATOM   1067 C CE1 . PHE   A 1 147 ? -0.352  -12.124 -29.826 1.00 37.72 ? 257 PHE   A CE1 1 
ATOM   1068 C CE2 . PHE   A 1 147 ? 0.056   -12.182 -27.482 1.00 37.91 ? 257 PHE   A CE2 1 
ATOM   1069 C CZ  . PHE   A 1 147 ? -0.793  -11.932 -28.537 1.00 37.96 ? 257 PHE   A CZ  1 
HETATM 1070 C CAL . A1EF0 B 2 .   ? -1.093  11.547  8.881   1.00 22.20 ? 301 A1EF0 A CAL 1 
HETATM 1071 C CAJ . A1EF0 B 2 .   ? -1.072  12.571  10.020  1.00 21.96 ? 301 A1EF0 A CAJ 1 
HETATM 1072 O OAK . A1EF0 B 2 .   ? -1.702  12.293  11.051  1.00 20.99 ? 301 A1EF0 A OAK 1 
HETATM 1073 C CAG . A1EF0 B 2 .   ? -0.396  13.748  9.836   1.00 21.41 ? 301 A1EF0 A CAG 1 
HETATM 1074 C CAH . A1EF0 B 2 .   ? 0.393   14.088  8.779   1.00 21.86 ? 301 A1EF0 A CAH 1 
HETATM 1075 N NAE . A1EF0 B 2 .   ? -0.402  14.798  10.684  1.00 21.76 ? 301 A1EF0 A NAE 1 
HETATM 1076 C CAD . A1EF0 B 2 .   ? -1.088  14.939  11.925  1.00 21.64 ? 301 A1EF0 A CAD 1 
HETATM 1077 C CAC . A1EF0 B 2 .   ? -0.945  16.133  12.620  1.00 21.78 ? 301 A1EF0 A CAC 1 
HETATM 1078 C CAB . A1EF0 B 2 .   ? -0.143  17.134  12.058  1.00 22.51 ? 301 A1EF0 A CAB 1 
HETATM 1079 C CAA . A1EF0 B 2 .   ? 0.504   16.935  10.827  1.00 22.28 ? 301 A1EF0 A CAA 1 
HETATM 1080 C CAF . A1EF0 B 2 .   ? 0.368   15.781  10.146  1.00 22.06 ? 301 A1EF0 A CAF 1 
HETATM 1081 C CAI . A1EF0 B 2 .   ? 0.868   15.343  8.963   1.00 22.09 ? 301 A1EF0 A CAI 1 
HETATM 1082 C CAM . A1EF0 B 2 .   ? 1.704   16.024  8.097   1.00 22.36 ? 301 A1EF0 A CAM 1 
HETATM 1083 C CAR . A1EF0 B 2 .   ? 1.517   17.387  7.793   1.00 22.39 ? 301 A1EF0 A CAR 1 
HETATM 1084 C CAN . A1EF0 B 2 .   ? 2.785   15.395  7.468   1.00 22.69 ? 301 A1EF0 A CAN 1 
HETATM 1085 C CAO . A1EF0 B 2 .   ? 3.634   16.071  6.571   1.00 23.00 ? 301 A1EF0 A CAO 1 
HETATM 1086 O OAU . A1EF0 B 2 .   ? 4.673   15.384  6.000   1.00 24.62 ? 301 A1EF0 A OAU 1 
HETATM 1087 C CAV . A1EF0 B 2 .   ? 5.103   15.765  4.688   1.00 26.21 ? 301 A1EF0 A CAV 1 
HETATM 1088 C CAP . A1EF0 B 2 .   ? 3.410   17.416  6.298   1.00 22.36 ? 301 A1EF0 A CAP 1 
HETATM 1089 C CAQ . A1EF0 B 2 .   ? 2.357   18.085  6.903   1.00 22.49 ? 301 A1EF0 A CAQ 1 
HETATM 1090 O OAS . A1EF0 B 2 .   ? 2.200   19.413  6.564   1.00 22.49 ? 301 A1EF0 A OAS 1 
HETATM 1091 C CAT . A1EF0 B 2 .   ? 1.053   20.104  7.048   1.00 22.78 ? 301 A1EF0 A CAT 1 
HETATM 1092 C C1  . GOL   C 3 .   ? 26.736  -10.139 -17.720 1.00 44.44 ? 302 GOL   A C1  1 
HETATM 1093 O O1  . GOL   C 3 .   ? 25.775  -10.073 -16.670 1.00 41.74 ? 302 GOL   A O1  1 
HETATM 1094 C C2  . GOL   C 3 .   ? 27.678  -11.310 -17.536 1.00 43.86 ? 302 GOL   A C2  1 
HETATM 1095 O O2  . GOL   C 3 .   ? 28.356  -11.588 -18.762 1.00 44.21 ? 302 GOL   A O2  1 
HETATM 1096 C C3  . GOL   C 3 .   ? 28.690  -11.106 -16.427 1.00 44.19 ? 302 GOL   A C3  1 
HETATM 1097 O O3  . GOL   C 3 .   ? 29.752  -12.058 -16.496 1.00 46.17 ? 302 GOL   A O3  1 
HETATM 1098 C C1  . MLT   D 4 .   ? -4.419  -3.098  -13.319 1.00 44.97 ? 303 MLT   A C1  1 
HETATM 1099 O O1  . MLT   D 4 .   ? -4.200  -3.170  -14.540 1.00 48.78 ? 303 MLT   A O1  1 
HETATM 1100 O O2  . MLT   D 4 .   ? -3.791  -3.735  -12.436 1.00 48.21 ? 303 MLT   A O2  1 
HETATM 1101 C C2  . MLT   D 4 .   ? -5.552  -2.145  -12.914 1.00 42.48 ? 303 MLT   A C2  1 
HETATM 1102 O O3  . MLT   D 4 .   ? -5.399  -0.927  -13.621 1.00 44.32 ? 303 MLT   A O3  1 
HETATM 1103 C C3  . MLT   D 4 .   ? -5.652  -1.886  -11.400 1.00 39.41 ? 303 MLT   A C3  1 
HETATM 1104 C C4  . MLT   D 4 .   ? -6.092  -0.478  -11.018 1.00 37.08 ? 303 MLT   A C4  1 
HETATM 1105 O O4  . MLT   D 4 .   ? -7.307  -0.187  -11.058 1.00 33.75 ? 303 MLT   A O4  1 
HETATM 1106 O O5  . MLT   D 4 .   ? -5.223  0.316   -10.643 1.00 34.08 ? 303 MLT   A O5  1 
HETATM 1107 C CAL . A1EF0 E 2 .   ? -7.268  0.605   -20.043 1.00 25.77 ? 304 A1EF0 A CAL 1 
HETATM 1108 C CAJ . A1EF0 E 2 .   ? -7.720  -0.765  -19.519 1.00 24.76 ? 304 A1EF0 A CAJ 1 
HETATM 1109 O OAK . A1EF0 E 2 .   ? -8.832  -1.191  -19.862 1.00 25.01 ? 304 A1EF0 A OAK 1 
HETATM 1110 C CAG . A1EF0 E 2 .   ? -6.848  -1.493  -18.760 1.00 24.43 ? 304 A1EF0 A CAG 1 
HETATM 1111 C CAH . A1EF0 E 2 .   ? -5.575  -1.177  -18.453 1.00 23.89 ? 304 A1EF0 A CAH 1 
HETATM 1112 N NAE . A1EF0 E 2 .   ? -7.114  -2.685  -18.188 1.00 24.19 ? 304 A1EF0 A NAE 1 
HETATM 1113 C CAD . A1EF0 E 2 .   ? -8.310  -3.424  -18.209 1.00 23.20 ? 304 A1EF0 A CAD 1 
HETATM 1114 C CAC . A1EF0 E 2 .   ? -8.363  -4.641  -17.544 1.00 23.45 ? 304 A1EF0 A CAC 1 
HETATM 1115 C CAB . A1EF0 E 2 .   ? -7.214  -5.066  -16.876 1.00 23.79 ? 304 A1EF0 A CAB 1 
HETATM 1116 C CAA . A1EF0 E 2 .   ? -6.052  -4.283  -16.891 1.00 24.15 ? 304 A1EF0 A CAA 1 
HETATM 1117 C CAF . A1EF0 E 2 .   ? -6.005  -3.103  -17.536 1.00 24.72 ? 304 A1EF0 A CAF 1 
HETATM 1118 C CAI . A1EF0 E 2 .   ? -5.052  -2.160  -17.698 1.00 25.25 ? 304 A1EF0 A CAI 1 
HETATM 1119 C CAM . A1EF0 E 2 .   ? -3.752  -2.182  -17.253 1.00 26.80 ? 304 A1EF0 A CAM 1 
HETATM 1120 C CAR . A1EF0 E 2 .   ? -2.972  -3.331  -17.436 1.00 27.27 ? 304 A1EF0 A CAR 1 
HETATM 1121 C CAN . A1EF0 E 2 .   ? -3.112  -1.075  -16.677 1.00 27.75 ? 304 A1EF0 A CAN 1 
HETATM 1122 C CAO . A1EF0 E 2 .   ? -1.764  -1.154  -16.257 1.00 29.21 ? 304 A1EF0 A CAO 1 
HETATM 1123 O OAU . A1EF0 E 2 .   ? -1.075  -0.122  -15.685 1.00 31.53 ? 304 A1EF0 A OAU 1 
HETATM 1124 C CAV . A1EF0 E 2 .   ? -1.818  0.959   -15.108 1.00 33.04 ? 304 A1EF0 A CAV 1 
HETATM 1125 C CAP . A1EF0 E 2 .   ? -1.030  -2.317  -16.440 1.00 28.30 ? 304 A1EF0 A CAP 1 
HETATM 1126 C CAQ . A1EF0 E 2 .   ? -1.632  -3.416  -17.040 1.00 28.69 ? 304 A1EF0 A CAQ 1 
HETATM 1127 O OAS . A1EF0 E 2 .   ? -0.983  -4.605  -17.247 1.00 30.73 ? 304 A1EF0 A OAS 1 
HETATM 1128 C CAT . A1EF0 E 2 .   ? 0.445   -4.647  -17.122 1.00 33.34 ? 304 A1EF0 A CAT 1 
HETATM 1129 O O   . HOH   F 5 .   ? 4.144   -0.640  -10.854 1.00 32.48 ? 401 HOH   A O   1 
HETATM 1130 O O   . HOH   F 5 .   ? -5.689  2.129   -8.984  1.00 31.46 ? 402 HOH   A O   1 
HETATM 1131 O O   . HOH   F 5 .   ? -11.677 -4.644  -0.427  1.00 36.32 ? 403 HOH   A O   1 
HETATM 1132 O O   . HOH   F 5 .   ? -1.159  20.252  10.606  1.00 24.59 ? 404 HOH   A O   1 
HETATM 1133 O O   . HOH   F 5 .   ? 4.025   -3.255  -10.790 1.00 35.48 ? 405 HOH   A O   1 
HETATM 1134 O O   . HOH   F 5 .   ? 26.592  -12.768 -21.434 1.00 30.54 ? 406 HOH   A O   1 
HETATM 1135 O O   . HOH   F 5 .   ? 10.853  0.299   7.128   1.00 42.20 ? 407 HOH   A O   1 
HETATM 1136 O O   . HOH   F 5 .   ? 4.640   4.818   10.478  1.00 26.01 ? 408 HOH   A O   1 
HETATM 1137 O O   . HOH   F 5 .   ? -9.821  9.818   19.094  1.00 39.01 ? 409 HOH   A O   1 
HETATM 1138 O O   . HOH   F 5 .   ? -6.953  12.798  -2.814  1.00 42.73 ? 410 HOH   A O   1 
HETATM 1139 O O   . HOH   F 5 .   ? 12.903  -2.761  2.285   1.00 33.76 ? 411 HOH   A O   1 
HETATM 1140 O O   . HOH   F 5 .   ? -13.479 12.359  3.570   1.00 30.10 ? 412 HOH   A O   1 
HETATM 1141 O O   . HOH   F 5 .   ? -15.358 -10.837 -9.994  1.00 30.09 ? 413 HOH   A O   1 
HETATM 1142 O O   . HOH   F 5 .   ? -0.613  -6.484  7.607   1.00 33.65 ? 414 HOH   A O   1 
HETATM 1143 O O   . HOH   F 5 .   ? -14.921 -12.184 -12.452 1.00 40.66 ? 415 HOH   A O   1 
HETATM 1144 O O   . HOH   F 5 .   ? 4.698   7.307   13.925  1.00 23.82 ? 416 HOH   A O   1 
HETATM 1145 O O   . HOH   F 5 .   ? -12.899 23.507  12.905  1.00 23.51 ? 417 HOH   A O   1 
HETATM 1146 O O   . HOH   F 5 .   ? 29.222  -13.137 -4.169  1.00 41.52 ? 418 HOH   A O   1 
HETATM 1147 O O   . HOH   F 5 .   ? -2.820  -11.461 -19.496 1.00 37.60 ? 419 HOH   A O   1 
HETATM 1148 O O   . HOH   F 5 .   ? 0.374   6.098   11.753  1.00 22.61 ? 420 HOH   A O   1 
HETATM 1149 O O   . HOH   F 5 .   ? -18.245 -0.569  -5.782  1.00 43.35 ? 421 HOH   A O   1 
HETATM 1150 O O   . HOH   F 5 .   ? 4.654   4.370   -4.159  1.00 27.88 ? 422 HOH   A O   1 
HETATM 1151 O O   . HOH   F 5 .   ? 1.999   9.595   -0.004  1.00 29.15 ? 423 HOH   A O   1 
HETATM 1152 O O   . HOH   F 5 .   ? -5.610  -2.976  10.121  1.00 28.08 ? 424 HOH   A O   1 
HETATM 1153 O O   . HOH   F 5 .   ? -4.534  17.150  13.735  1.00 24.44 ? 425 HOH   A O   1 
HETATM 1154 O O   . HOH   F 5 .   ? -12.132 1.490   9.837   1.00 40.70 ? 426 HOH   A O   1 
HETATM 1155 O O   . HOH   F 5 .   ? -2.082  9.549   11.679  1.00 20.97 ? 427 HOH   A O   1 
HETATM 1156 O O   . HOH   F 5 .   ? -1.521  17.651  17.382  1.00 30.98 ? 428 HOH   A O   1 
HETATM 1157 O O   . HOH   F 5 .   ? -1.479  -4.345  9.583   1.00 39.03 ? 429 HOH   A O   1 
HETATM 1158 O O   . HOH   F 5 .   ? 8.507   2.802   10.075  1.00 44.59 ? 430 HOH   A O   1 
HETATM 1159 O O   . HOH   F 5 .   ? 4.402   18.547  1.064   1.00 28.23 ? 431 HOH   A O   1 
HETATM 1160 O O   . HOH   F 5 .   ? 2.949   14.885  -5.194  1.00 39.73 ? 432 HOH   A O   1 
HETATM 1161 O O   . HOH   F 5 .   ? -7.169  -6.942  5.376   1.00 32.64 ? 433 HOH   A O   1 
HETATM 1162 O O   . HOH   F 5 .   ? -3.236  7.730   -11.444 1.00 26.00 ? 434 HOH   A O   1 
HETATM 1163 O O   . HOH   F 5 .   ? 2.600   11.194  -2.199  1.00 29.20 ? 435 HOH   A O   1 
HETATM 1164 O O   . HOH   F 5 .   ? -13.265 7.368   -1.406  1.00 32.91 ? 436 HOH   A O   1 
HETATM 1165 O O   . HOH   F 5 .   ? -1.718  7.531   9.802   1.00 23.43 ? 437 HOH   A O   1 
HETATM 1166 O O   . HOH   F 5 .   ? -1.054  13.026  -7.141  1.00 26.49 ? 438 HOH   A O   1 
HETATM 1167 O O   . HOH   F 5 .   ? -4.950  7.519   -7.557  1.00 33.35 ? 439 HOH   A O   1 
HETATM 1168 O O   . HOH   F 5 .   ? -0.070  19.046  15.494  1.00 25.48 ? 440 HOH   A O   1 
HETATM 1169 O O   . HOH   F 5 .   ? -14.942 14.875  8.328   1.00 29.52 ? 441 HOH   A O   1 
HETATM 1170 O O   . HOH   F 5 .   ? 10.117  3.835   1.748   1.00 45.49 ? 442 HOH   A O   1 
HETATM 1171 O O   . HOH   F 5 .   ? 10.283  -3.859  5.624   1.00 41.81 ? 443 HOH   A O   1 
HETATM 1172 O O   . HOH   F 5 .   ? 2.726   -0.765  13.544  1.00 38.13 ? 444 HOH   A O   1 
HETATM 1173 O O   . HOH   F 5 .   ? 6.132   16.554  20.835  1.00 35.38 ? 445 HOH   A O   1 
HETATM 1174 O O   . HOH   F 5 .   ? -11.296 11.448  15.563  1.00 29.72 ? 446 HOH   A O   1 
HETATM 1175 O O   . HOH   F 5 .   ? 1.943   9.713   7.977   1.00 24.90 ? 447 HOH   A O   1 
HETATM 1176 O O   . HOH   F 5 .   ? -14.548 0.480   0.338   1.00 32.85 ? 448 HOH   A O   1 
HETATM 1177 O O   . HOH   F 5 .   ? -5.876  2.474   14.650  1.00 41.20 ? 449 HOH   A O   1 
HETATM 1178 O O   . HOH   F 5 .   ? -10.410 20.183  6.343   1.00 39.92 ? 450 HOH   A O   1 
HETATM 1179 O O   . HOH   F 5 .   ? -13.148 -0.866  -11.966 1.00 32.57 ? 451 HOH   A O   1 
HETATM 1180 O O   . HOH   F 5 .   ? -6.640  -0.878  11.839  1.00 35.45 ? 452 HOH   A O   1 
HETATM 1181 O O   . HOH   F 5 .   ? 5.014   1.766   -5.328  1.00 26.82 ? 453 HOH   A O   1 
HETATM 1182 O O   . HOH   F 5 .   ? -1.895  15.131  0.263   1.00 24.30 ? 454 HOH   A O   1 
HETATM 1183 O O   . HOH   F 5 .   ? 0.465   7.637   8.399   1.00 29.37 ? 455 HOH   A O   1 
HETATM 1184 O O   . HOH   F 5 .   ? -10.500 22.791  20.360  1.00 30.30 ? 456 HOH   A O   1 
HETATM 1185 O O   . HOH   F 5 .   ? 4.290   12.104  6.265   1.00 28.96 ? 457 HOH   A O   1 
HETATM 1186 O O   . HOH   F 5 .   ? -11.632 2.946   -6.034  1.00 26.41 ? 458 HOH   A O   1 
HETATM 1187 O O   . HOH   F 5 .   ? -7.844  -16.321 -9.781  1.00 43.17 ? 459 HOH   A O   1 
HETATM 1188 O O   . HOH   F 5 .   ? -12.884 21.680  8.417   1.00 45.13 ? 460 HOH   A O   1 
HETATM 1189 O O   . HOH   F 5 .   ? 6.830   7.419   0.976   1.00 36.87 ? 461 HOH   A O   1 
HETATM 1190 O O   . HOH   F 5 .   ? -5.766  4.568   -9.640  1.00 26.39 ? 462 HOH   A O   1 
HETATM 1191 O O   . HOH   F 5 .   ? 8.782   12.372  21.749  1.00 29.38 ? 463 HOH   A O   1 
HETATM 1192 O O   . HOH   F 5 .   ? -9.566  8.906   -3.607  1.00 48.75 ? 464 HOH   A O   1 
HETATM 1193 O O   . HOH   F 5 .   ? 2.914   20.464  -0.248  1.00 44.82 ? 465 HOH   A O   1 
HETATM 1194 O O   . HOH   F 5 .   ? 5.409   9.457   16.902  1.00 29.17 ? 466 HOH   A O   1 
HETATM 1195 O O   . HOH   F 5 .   ? 5.876   -9.049  -0.808  1.00 33.31 ? 467 HOH   A O   1 
HETATM 1196 O O   . HOH   F 5 .   ? -2.506  1.821   16.303  1.00 28.76 ? 468 HOH   A O   1 
HETATM 1197 O O   . HOH   F 5 .   ? 9.266   10.295  10.190  1.00 22.70 ? 469 HOH   A O   1 
HETATM 1198 O O   . HOH   F 5 .   ? 8.870   -1.724  6.617   1.00 44.43 ? 470 HOH   A O   1 
HETATM 1199 O O   . HOH   F 5 .   ? -13.056 20.230  15.957  1.00 29.74 ? 471 HOH   A O   1 
HETATM 1200 O O   . HOH   F 5 .   ? -9.841  5.250   -6.804  1.00 37.54 ? 472 HOH   A O   1 
HETATM 1201 O O   . HOH   F 5 .   ? 4.746   13.788  22.453  1.00 31.71 ? 473 HOH   A O   1 
HETATM 1202 O O   . HOH   F 5 .   ? -10.024 -12.077 -21.696 1.00 34.68 ? 474 HOH   A O   1 
HETATM 1203 O O   . HOH   F 5 .   ? -6.898  17.219  15.060  1.00 22.53 ? 475 HOH   A O   1 
HETATM 1204 O O   . HOH   F 5 .   ? 0.993   2.420   -10.736 1.00 34.27 ? 476 HOH   A O   1 
HETATM 1205 O O   . HOH   F 5 .   ? -11.843 -8.446  -0.964  1.00 38.09 ? 477 HOH   A O   1 
HETATM 1206 O O   . HOH   F 5 .   ? 3.838   11.109  22.921  1.00 41.45 ? 478 HOH   A O   1 
HETATM 1207 O O   . HOH   F 5 .   ? -13.884 5.007   4.750   1.00 31.19 ? 479 HOH   A O   1 
HETATM 1208 O O   . HOH   F 5 .   ? -2.913  -12.378 -2.028  1.00 34.44 ? 480 HOH   A O   1 
HETATM 1209 O O   . HOH   F 5 .   ? -6.291  20.078  8.746   1.00 28.96 ? 481 HOH   A O   1 
HETATM 1210 O O   . HOH   F 5 .   ? 3.124   6.990   11.526  1.00 24.08 ? 482 HOH   A O   1 
HETATM 1211 O O   . HOH   F 5 .   ? 3.437   -13.647 -5.743  1.00 33.11 ? 483 HOH   A O   1 
HETATM 1212 O O   . HOH   F 5 .   ? -2.429  20.622  6.559   1.00 32.87 ? 484 HOH   A O   1 
HETATM 1213 O O   . HOH   F 5 .   ? 8.788   11.021  17.159  1.00 33.01 ? 485 HOH   A O   1 
HETATM 1214 O O   . HOH   F 5 .   ? -1.020  5.452   -13.574 1.00 42.28 ? 486 HOH   A O   1 
HETATM 1215 O O   . HOH   F 5 .   ? -3.692  2.638   19.020  1.00 36.03 ? 487 HOH   A O   1 
HETATM 1216 O O   . HOH   F 5 .   ? -15.279 19.666  8.758   1.00 54.92 ? 488 HOH   A O   1 
HETATM 1217 O O   . HOH   F 5 .   ? -5.752  6.028   22.347  1.00 53.58 ? 489 HOH   A O   1 
HETATM 1218 O O   . HOH   F 5 .   ? -9.676  -4.138  11.038  1.00 42.97 ? 490 HOH   A O   1 
HETATM 1219 O O   . HOH   F 5 .   ? 6.743   9.112   -1.019  1.00 38.63 ? 491 HOH   A O   1 
HETATM 1220 O O   . HOH   F 5 .   ? -8.651  14.707  -1.095  1.00 48.23 ? 492 HOH   A O   1 
HETATM 1221 O O   . HOH   F 5 .   ? -13.924 18.036  14.604  1.00 29.32 ? 493 HOH   A O   1 
HETATM 1222 O O   . HOH   F 5 .   ? 13.795  -0.590  1.166   1.00 48.07 ? 494 HOH   A O   1 
HETATM 1223 O O   . HOH   F 5 .   ? 2.840   10.290  -4.958  1.00 29.89 ? 495 HOH   A O   1 
HETATM 1224 O O   . HOH   F 5 .   ? 5.271   14.933  -1.226  1.00 62.61 ? 496 HOH   A O   1 
HETATM 1225 O O   . HOH   F 5 .   ? 1.346   18.992  -4.129  1.00 59.96 ? 497 HOH   A O   1 
HETATM 1226 O O   . HOH   F 5 .   ? -4.008  -9.195  7.528   1.00 43.61 ? 498 HOH   A O   1 
HETATM 1227 O O   . HOH   F 5 .   ? -9.075  -15.495 -15.480 1.00 41.98 ? 499 HOH   A O   1 
HETATM 1228 O O   . HOH   F 5 .   ? 4.848   6.592   -5.450  1.00 27.11 ? 500 HOH   A O   1 
HETATM 1229 O O   . HOH   F 5 .   ? -3.482  -4.160  11.346  1.00 40.72 ? 501 HOH   A O   1 
HETATM 1230 O O   . HOH   F 5 .   ? -8.171  -4.780  6.788   1.00 31.90 ? 502 HOH   A O   1 
HETATM 1231 O O   . HOH   F 5 .   ? -6.549  -8.559  7.643   1.00 47.17 ? 503 HOH   A O   1 
HETATM 1232 O O   . HOH   F 5 .   ? 5.672   17.638  -1.311  1.00 47.44 ? 504 HOH   A O   1 
HETATM 1233 O O   . HOH   F 5 .   ? 6.468   3.725   11.965  1.00 40.08 ? 505 HOH   A O   1 
HETATM 1234 O O   . HOH   F 5 .   ? 5.043   11.949  -1.222  1.00 52.42 ? 506 HOH   A O   1 
HETATM 1235 O O   . HOH   F 5 .   ? 18.713  -17.270 -23.095 1.00 37.04 ? 507 HOH   A O   1 
HETATM 1236 O O   . HOH   F 5 .   ? 1.588   12.506  -6.141  1.00 32.11 ? 508 HOH   A O   1 
HETATM 1237 O O   . HOH   F 5 .   ? -15.220 10.554  2.262   1.00 38.76 ? 509 HOH   A O   1 
HETATM 1238 O O   . HOH   F 5 .   ? -6.258  -0.201  14.469  1.00 38.68 ? 510 HOH   A O   1 
HETATM 1239 O O   . HOH   F 5 .   ? -7.447  -4.809  9.318   1.00 30.66 ? 511 HOH   A O   1 
HETATM 1240 O O   . HOH   F 5 .   ? -4.444  16.276  -0.112  1.00 37.57 ? 512 HOH   A O   1 
HETATM 1241 O O   . HOH   F 5 .   ? -13.499 4.821   -5.306  1.00 34.32 ? 513 HOH   A O   1 
HETATM 1242 O O   . HOH   F 5 .   ? -2.166  -8.343  8.820   1.00 37.66 ? 514 HOH   A O   1 
HETATM 1243 O O   . HOH   F 5 .   ? -7.074  -10.975 -2.463  1.00 43.14 ? 515 HOH   A O   1 
HETATM 1244 O O   . HOH   F 5 .   ? -16.329 21.085  12.532  1.00 41.34 ? 516 HOH   A O   1 
HETATM 1245 O O   . HOH   F 5 .   ? 6.869   5.492   13.827  1.00 37.41 ? 517 HOH   A O   1 
HETATM 1246 O O   . HOH   F 5 .   ? -10.850 -5.063  7.019   1.00 41.21 ? 518 HOH   A O   1 
# 
